data_2IWH
#
_entry.id   2IWH
#
_cell.length_a   98.729
_cell.length_b   107.551
_cell.length_c   207.240
_cell.angle_alpha   90.00
_cell.angle_beta   90.00
_cell.angle_gamma   90.00
#
_symmetry.space_group_name_H-M   'P 21 21 21'
#
loop_
_entity.id
_entity.type
_entity.pdbx_description
1 polymer 'ELONGATION FACTOR 3A'
2 non-polymer 'PHOSPHOAMINOPHOSPHONIC ACID-ADENYLATE ESTER'
3 non-polymer 'SULFATE ION'
#
_entity_poly.entity_id   1
_entity_poly.type   'polypeptide(L)'
_entity_poly.pdbx_seq_one_letter_code
;HHHHHHSDSQQSIKVLEELFQKLSVATADNRHEIASEVASFLNGNIIEHDVPEHFFGELAKGIKDKKTAANAMQAVAHIA
NQSNLSPSVEPYIVQLVPAICTNAGNKDKEIQSVASETLISIVNAVNPVAIKALLPHLTNAIVETNKWQEKIAILAAFSA
MVDAAKDQVALRMPELIPVLSETMWDTKKEVKAAATAAMTKATETVDNKDIERFIPSLIQCIADPTEVPETVHLLGATTF
VAEVTPATLSIMVPLLSRGLNERETGIKRKSAVIIDNMCKLVEDPQVIAPFLGKLLPGLKSNFATIADPEAREVTLRALK
TLRRVGNVGEDDAIPELSHAGDVSTTLQVVNELLKDETVAPRFKIVVEYIAAIGADLIDERIIDQQAWFTHITPYMTIFL
HEKKAKDILDEFRKRAVDNIPVGPNFDDEEDEGEDLCNCEFSLAYGAKILLNKTQLRLKRARRYGICGPNGCGKSTLMRA
IANGQVDGFPTQEECRTVYVEHDIDGTHSDTSVLDFVFESGVGTKEAIKDKLIEFGFTDEMIAMPISALSGGWKMKLALA
RAVLRNADILLLDEPTNHLDTVNVAWLVNYLNTCGITSITISHDSVFLDNVCEYIINYEGLKLRKYKGNFTEFVKKCPAA
KAYEELSNTDLEFKFPEPGYLEGVKTKQKAIVKVTNMEFQYPGTSKPQITDINFQCSLSSRIAVIGPNGAGKSTLINVLT
GELLPTSGEVYTHENCRIAYIKQHAFAHIESHLDKTPSEYIQWRFQTGEDRETMDRANRQINENDAEAMNKIFKIEGTPR
RIAGIHSRRKFKNTYEYECSFLLGENIGMKSERWVPMMSVDNAWIPRGELVESHSKMVAEVDMKEALASGQFRPLTRKEI
EEHCSMLGLDPEIVSHSRIRGLSGGQKVKLVLAAGTWQRPHLIVLDEPTNYLDRDSLGALSKALKEFEGGVIIITHSAEF
TKNLTEEVWAVKDGRMTPSGHNWVSG
;
_entity_poly.pdbx_strand_id   A,B
#
loop_
_chem_comp.id
_chem_comp.type
_chem_comp.name
_chem_comp.formula
ANP non-polymer 'PHOSPHOAMINOPHOSPHONIC ACID-ADENYLATE ESTER' 'C10 H17 N6 O12 P3'
SO4 non-polymer 'SULFATE ION' 'O4 S -2'
#
# COMPACT_ATOMS: atom_id res chain seq x y z
N SER A 7 8.44 -55.69 8.06
CA SER A 7 7.47 -56.64 7.44
C SER A 7 6.33 -55.85 6.79
N ASP A 8 5.55 -55.17 7.62
CA ASP A 8 4.44 -54.38 7.11
C ASP A 8 5.15 -53.29 6.28
N SER A 9 6.41 -53.05 6.65
CA SER A 9 7.29 -52.08 5.98
C SER A 9 7.81 -52.69 4.67
N GLN A 10 8.16 -53.96 4.73
CA GLN A 10 8.65 -54.63 3.55
C GLN A 10 7.48 -54.69 2.57
N GLN A 11 6.27 -54.61 3.12
CA GLN A 11 5.05 -54.66 2.32
C GLN A 11 4.97 -53.42 1.44
N SER A 12 5.39 -52.29 2.01
CA SER A 12 5.39 -51.02 1.30
C SER A 12 6.23 -51.15 0.03
N ILE A 13 7.45 -51.68 0.18
CA ILE A 13 8.34 -51.84 -0.96
C ILE A 13 7.66 -52.57 -2.11
N LYS A 14 6.85 -53.56 -1.78
CA LYS A 14 6.13 -54.32 -2.81
C LYS A 14 5.05 -53.47 -3.48
N VAL A 15 4.25 -52.79 -2.66
CA VAL A 15 3.18 -51.94 -3.17
C VAL A 15 3.73 -50.93 -4.17
N LEU A 16 4.88 -50.33 -3.84
CA LEU A 16 5.49 -49.34 -4.72
C LEU A 16 5.92 -49.97 -6.04
N GLU A 17 6.28 -51.25 -6.01
CA GLU A 17 6.69 -51.94 -7.21
C GLU A 17 5.50 -52.15 -8.13
N GLU A 18 4.38 -52.58 -7.55
CA GLU A 18 3.18 -52.82 -8.33
C GLU A 18 2.75 -51.49 -8.96
N LEU A 19 2.62 -50.46 -8.12
CA LEU A 19 2.20 -49.15 -8.59
C LEU A 19 3.19 -48.58 -9.60
N PHE A 20 4.48 -48.74 -9.38
CA PHE A 20 5.42 -48.21 -10.36
C PHE A 20 5.33 -49.01 -11.65
N GLN A 21 4.91 -50.26 -11.55
CA GLN A 21 4.83 -51.10 -12.75
C GLN A 21 3.68 -50.57 -13.61
N LYS A 22 2.59 -50.19 -12.95
CA LYS A 22 1.40 -49.70 -13.63
C LYS A 22 1.67 -48.34 -14.26
N LEU A 23 2.53 -47.57 -13.60
CA LEU A 23 2.88 -46.24 -14.04
C LEU A 23 3.65 -46.22 -15.34
N SER A 24 4.76 -46.96 -15.37
CA SER A 24 5.60 -47.02 -16.56
C SER A 24 4.82 -47.39 -17.82
N VAL A 25 3.66 -48.01 -17.64
CA VAL A 25 2.82 -48.41 -18.75
C VAL A 25 1.75 -47.38 -19.01
N ALA A 26 1.50 -46.52 -18.02
CA ALA A 26 0.47 -45.49 -18.12
C ALA A 26 0.42 -44.70 -19.44
N THR A 27 -0.80 -44.31 -19.81
CA THR A 27 -1.04 -43.55 -21.04
C THR A 27 -1.49 -42.17 -20.61
N ALA A 28 -1.50 -41.23 -21.54
CA ALA A 28 -1.92 -39.86 -21.23
C ALA A 28 -3.33 -39.83 -20.62
N ASP A 29 -4.06 -40.93 -20.77
CA ASP A 29 -5.40 -41.00 -20.22
C ASP A 29 -5.47 -41.37 -18.75
N ASN A 30 -4.68 -42.37 -18.34
CA ASN A 30 -4.71 -42.82 -16.95
C ASN A 30 -3.53 -42.32 -16.14
N ARG A 31 -2.59 -41.66 -16.82
CA ARG A 31 -1.39 -41.14 -16.18
C ARG A 31 -1.64 -40.46 -14.84
N HIS A 32 -2.56 -39.51 -14.81
CA HIS A 32 -2.86 -38.79 -13.57
C HIS A 32 -3.46 -39.66 -12.48
N GLU A 33 -4.26 -40.65 -12.87
CA GLU A 33 -4.90 -41.51 -11.89
C GLU A 33 -3.86 -42.25 -11.06
N ILE A 34 -2.93 -42.90 -11.74
CA ILE A 34 -1.89 -43.65 -11.05
C ILE A 34 -0.86 -42.75 -10.37
N ALA A 35 -0.51 -41.65 -11.02
CA ALA A 35 0.46 -40.73 -10.43
C ALA A 35 -0.08 -40.39 -9.05
N SER A 36 -1.38 -40.14 -8.98
CA SER A 36 -2.03 -39.80 -7.73
C SER A 36 -1.83 -40.88 -6.69
N GLU A 37 -2.05 -42.12 -7.11
CA GLU A 37 -1.91 -43.24 -6.19
C GLU A 37 -0.50 -43.28 -5.62
N VAL A 38 0.47 -43.31 -6.53
CA VAL A 38 1.87 -43.34 -6.16
C VAL A 38 2.14 -42.29 -5.12
N ALA A 39 1.67 -41.08 -5.40
CA ALA A 39 1.86 -39.97 -4.47
C ALA A 39 1.20 -40.19 -3.11
N SER A 40 -0.10 -40.52 -3.08
CA SER A 40 -0.78 -40.68 -1.80
C SER A 40 -0.08 -41.69 -0.92
N PHE A 41 0.40 -42.78 -1.51
CA PHE A 41 1.06 -43.84 -0.76
C PHE A 41 2.46 -43.46 -0.31
N LEU A 42 3.29 -43.05 -1.26
CA LEU A 42 4.67 -42.66 -1.00
C LEU A 42 4.88 -41.61 0.07
N ASN A 43 3.94 -40.68 0.20
CA ASN A 43 4.11 -39.63 1.19
C ASN A 43 3.63 -39.99 2.59
N GLY A 44 3.13 -41.23 2.75
CA GLY A 44 2.65 -41.69 4.05
C GLY A 44 3.77 -42.32 4.86
N ASN A 45 3.52 -42.59 6.15
CA ASN A 45 4.52 -43.21 7.02
C ASN A 45 4.60 -44.68 6.57
N ILE A 46 5.34 -44.96 5.50
CA ILE A 46 5.38 -46.32 4.97
C ILE A 46 6.64 -47.14 5.23
N ILE A 47 7.78 -46.49 5.42
CA ILE A 47 9.02 -47.22 5.66
C ILE A 47 9.74 -46.87 6.94
N GLU A 48 10.03 -47.89 7.74
CA GLU A 48 10.71 -47.71 9.02
C GLU A 48 12.19 -47.39 8.83
N HIS A 49 12.57 -46.18 9.23
CA HIS A 49 13.95 -45.74 9.15
C HIS A 49 14.76 -46.11 7.89
N ASP A 50 14.14 -45.95 6.73
CA ASP A 50 14.84 -46.23 5.48
C ASP A 50 14.01 -45.66 4.32
N VAL A 51 14.58 -45.65 3.12
CA VAL A 51 13.89 -45.11 1.96
C VAL A 51 13.68 -46.16 0.87
N PRO A 52 12.58 -46.05 0.10
CA PRO A 52 12.34 -47.03 -0.97
C PRO A 52 13.37 -46.83 -2.09
N GLU A 53 14.61 -47.20 -1.80
CA GLU A 53 15.72 -47.04 -2.75
C GLU A 53 15.51 -47.53 -4.17
N HIS A 54 14.98 -48.74 -4.33
CA HIS A 54 14.78 -49.26 -5.66
C HIS A 54 13.81 -48.37 -6.45
N PHE A 55 12.69 -48.04 -5.81
CA PHE A 55 11.68 -47.20 -6.44
C PHE A 55 12.31 -45.93 -7.01
N PHE A 56 12.92 -45.13 -6.13
CA PHE A 56 13.55 -43.90 -6.59
C PHE A 56 14.51 -44.20 -7.73
N GLY A 57 15.14 -45.36 -7.67
CA GLY A 57 16.05 -45.71 -8.73
C GLY A 57 15.33 -45.85 -10.07
N GLU A 58 14.17 -46.50 -10.05
CA GLU A 58 13.39 -46.73 -11.27
C GLU A 58 12.80 -45.43 -11.77
N LEU A 59 12.43 -44.58 -10.80
CA LEU A 59 11.82 -43.29 -11.08
C LEU A 59 12.84 -42.45 -11.79
N ALA A 60 14.06 -42.50 -11.27
CA ALA A 60 15.15 -41.74 -11.84
C ALA A 60 15.38 -42.15 -13.29
N LYS A 61 15.47 -43.46 -13.49
CA LYS A 61 15.72 -44.04 -14.80
C LYS A 61 14.57 -43.73 -15.75
N GLY A 62 13.35 -43.86 -15.24
CA GLY A 62 12.18 -43.59 -16.06
C GLY A 62 12.14 -42.18 -16.63
N ILE A 63 12.62 -41.22 -15.84
CA ILE A 63 12.63 -39.82 -16.26
C ILE A 63 13.55 -39.58 -17.46
N LYS A 64 14.67 -40.31 -17.51
CA LYS A 64 15.66 -40.15 -18.58
C LYS A 64 15.33 -40.89 -19.85
N ASP A 65 14.22 -41.63 -19.87
CA ASP A 65 13.85 -42.38 -21.07
C ASP A 65 12.60 -41.83 -21.76
N LYS A 66 12.77 -41.43 -23.02
CA LYS A 66 11.67 -40.88 -23.81
C LYS A 66 10.33 -41.59 -23.55
N LYS A 67 10.33 -42.91 -23.68
CA LYS A 67 9.14 -43.74 -23.51
C LYS A 67 8.43 -43.59 -22.18
N THR A 68 9.15 -43.23 -21.13
CA THR A 68 8.51 -43.09 -19.83
C THR A 68 8.69 -41.74 -19.13
N ALA A 69 9.33 -40.81 -19.85
CA ALA A 69 9.59 -39.46 -19.36
C ALA A 69 8.34 -38.79 -18.80
N ALA A 70 7.32 -38.66 -19.64
CA ALA A 70 6.08 -38.04 -19.22
C ALA A 70 5.49 -38.67 -17.96
N ASN A 71 5.40 -40.00 -17.95
CA ASN A 71 4.82 -40.71 -16.79
C ASN A 71 5.59 -40.49 -15.49
N ALA A 72 6.89 -40.74 -15.54
CA ALA A 72 7.73 -40.61 -14.37
C ALA A 72 7.60 -39.23 -13.74
N MET A 73 7.73 -38.21 -14.59
CA MET A 73 7.66 -36.83 -14.13
C MET A 73 6.29 -36.46 -13.60
N GLN A 74 5.25 -36.92 -14.27
CA GLN A 74 3.90 -36.61 -13.81
C GLN A 74 3.72 -37.19 -12.42
N ALA A 75 4.42 -38.30 -12.15
CA ALA A 75 4.35 -38.93 -10.85
C ALA A 75 4.98 -37.96 -9.83
N VAL A 76 6.14 -37.40 -10.20
CA VAL A 76 6.84 -36.47 -9.33
C VAL A 76 5.95 -35.27 -9.02
N ALA A 77 5.31 -34.73 -10.04
CA ALA A 77 4.43 -33.58 -9.87
C ALA A 77 3.37 -33.86 -8.83
N HIS A 78 2.83 -35.08 -8.83
CA HIS A 78 1.81 -35.44 -7.85
C HIS A 78 2.42 -35.65 -6.46
N ILE A 79 3.61 -36.26 -6.44
CA ILE A 79 4.30 -36.55 -5.20
C ILE A 79 4.65 -35.24 -4.52
N ALA A 80 4.98 -34.25 -5.35
CA ALA A 80 5.39 -32.91 -4.91
C ALA A 80 4.24 -31.91 -4.94
N ASN A 81 3.18 -32.20 -4.20
CA ASN A 81 2.08 -31.26 -4.20
C ASN A 81 2.36 -30.28 -3.07
N GLN A 82 1.57 -29.22 -2.98
CA GLN A 82 1.83 -28.20 -1.99
C GLN A 82 1.59 -28.53 -0.52
N SER A 83 0.78 -29.53 -0.20
CA SER A 83 0.52 -29.77 1.21
C SER A 83 0.91 -31.11 1.77
N ASN A 84 1.31 -32.04 0.91
CA ASN A 84 1.63 -33.38 1.38
C ASN A 84 3.03 -33.93 1.13
N LEU A 85 3.95 -33.16 0.56
CA LEU A 85 5.29 -33.71 0.32
C LEU A 85 5.99 -34.11 1.64
N SER A 86 6.12 -35.41 1.88
CA SER A 86 6.74 -35.90 3.12
C SER A 86 8.24 -35.63 3.16
N PRO A 87 8.76 -35.20 4.31
CA PRO A 87 10.19 -34.92 4.41
C PRO A 87 11.08 -36.14 4.12
N SER A 88 10.53 -37.34 4.31
CA SER A 88 11.25 -38.59 4.06
C SER A 88 11.46 -38.77 2.58
N VAL A 89 10.66 -38.07 1.80
CA VAL A 89 10.73 -38.15 0.35
C VAL A 89 11.39 -36.94 -0.28
N GLU A 90 11.11 -35.76 0.26
CA GLU A 90 11.62 -34.49 -0.28
C GLU A 90 13.04 -34.45 -0.85
N PRO A 91 14.06 -34.80 -0.04
CA PRO A 91 15.45 -34.79 -0.54
C PRO A 91 15.67 -35.61 -1.81
N TYR A 92 14.97 -36.73 -1.91
CA TYR A 92 15.13 -37.58 -3.09
C TYR A 92 14.45 -36.94 -4.31
N ILE A 93 13.39 -36.18 -4.09
CA ILE A 93 12.69 -35.53 -5.20
C ILE A 93 13.54 -34.38 -5.78
N VAL A 94 14.09 -33.55 -4.91
CA VAL A 94 14.91 -32.43 -5.33
C VAL A 94 16.11 -32.94 -6.10
N GLN A 95 16.60 -34.11 -5.73
CA GLN A 95 17.74 -34.71 -6.40
C GLN A 95 17.47 -34.96 -7.90
N LEU A 96 16.19 -35.03 -8.28
CA LEU A 96 15.79 -35.30 -9.67
C LEU A 96 15.63 -34.03 -10.53
N VAL A 97 15.69 -32.88 -9.89
CA VAL A 97 15.54 -31.61 -10.59
C VAL A 97 16.43 -31.49 -11.80
N PRO A 98 17.73 -31.82 -11.67
CA PRO A 98 18.61 -31.70 -12.83
C PRO A 98 18.12 -32.50 -14.03
N ALA A 99 17.87 -33.79 -13.82
CA ALA A 99 17.38 -34.63 -14.90
C ALA A 99 16.10 -34.01 -15.48
N ILE A 100 15.25 -33.51 -14.61
CA ILE A 100 13.99 -32.88 -15.03
C ILE A 100 14.18 -31.58 -15.85
N CYS A 101 15.22 -30.81 -15.54
CA CYS A 101 15.50 -29.58 -16.27
C CYS A 101 15.88 -29.93 -17.71
N THR A 102 16.67 -30.99 -17.87
CA THR A 102 17.08 -31.41 -19.20
C THR A 102 15.80 -31.71 -19.99
N ASN A 103 14.87 -32.42 -19.35
CA ASN A 103 13.62 -32.73 -20.01
C ASN A 103 12.85 -31.47 -20.38
N ALA A 104 13.11 -30.37 -19.70
CA ALA A 104 12.42 -29.13 -20.02
C ALA A 104 12.99 -28.56 -21.32
N GLY A 105 14.04 -29.19 -21.82
CA GLY A 105 14.68 -28.77 -23.07
C GLY A 105 14.58 -29.80 -24.18
N ASN A 106 13.77 -30.84 -23.95
CA ASN A 106 13.55 -31.92 -24.91
C ASN A 106 12.75 -31.43 -26.12
N LYS A 107 13.07 -31.98 -27.29
CA LYS A 107 12.40 -31.62 -28.53
C LYS A 107 10.94 -32.07 -28.59
N ASP A 108 10.59 -33.07 -27.78
CA ASP A 108 9.22 -33.59 -27.77
C ASP A 108 8.35 -32.72 -26.89
N LYS A 109 7.33 -32.13 -27.51
CA LYS A 109 6.39 -31.21 -26.85
C LYS A 109 5.83 -31.68 -25.51
N GLU A 110 5.36 -32.93 -25.43
CA GLU A 110 4.78 -33.48 -24.20
C GLU A 110 5.78 -33.50 -23.08
N ILE A 111 6.94 -34.08 -23.34
CA ILE A 111 8.00 -34.16 -22.33
C ILE A 111 8.40 -32.77 -21.84
N GLN A 112 8.65 -31.86 -22.78
CA GLN A 112 9.04 -30.49 -22.47
C GLN A 112 8.00 -29.82 -21.56
N SER A 113 6.74 -29.97 -21.90
CA SER A 113 5.64 -29.40 -21.14
C SER A 113 5.54 -29.99 -19.73
N VAL A 114 5.55 -31.31 -19.64
CA VAL A 114 5.45 -31.95 -18.33
C VAL A 114 6.60 -31.49 -17.42
N ALA A 115 7.80 -31.42 -18.00
CA ALA A 115 9.01 -31.01 -17.28
C ALA A 115 8.86 -29.65 -16.66
N SER A 116 8.49 -28.67 -17.47
CA SER A 116 8.31 -27.31 -16.99
C SER A 116 7.37 -27.34 -15.82
N GLU A 117 6.24 -27.99 -16.03
CA GLU A 117 5.18 -28.13 -15.03
C GLU A 117 5.70 -28.71 -13.72
N THR A 118 6.47 -29.78 -13.83
CA THR A 118 7.00 -30.46 -12.65
C THR A 118 7.93 -29.55 -11.86
N LEU A 119 8.72 -28.75 -12.57
CA LEU A 119 9.62 -27.84 -11.89
C LEU A 119 8.86 -26.88 -10.98
N ILE A 120 7.73 -26.35 -11.47
CA ILE A 120 6.95 -25.44 -10.64
C ILE A 120 6.38 -26.19 -9.44
N SER A 121 5.93 -27.42 -9.69
CA SER A 121 5.37 -28.21 -8.62
C SER A 121 6.35 -28.33 -7.47
N ILE A 122 7.57 -28.75 -7.80
CA ILE A 122 8.62 -28.95 -6.80
C ILE A 122 8.94 -27.67 -6.02
N VAL A 123 9.17 -26.58 -6.73
CA VAL A 123 9.48 -25.31 -6.10
C VAL A 123 8.40 -24.99 -5.06
N ASN A 124 7.14 -25.27 -5.37
CA ASN A 124 6.06 -24.97 -4.44
C ASN A 124 5.84 -26.07 -3.39
N ALA A 125 6.58 -27.17 -3.49
CA ALA A 125 6.40 -28.30 -2.57
C ALA A 125 7.44 -28.42 -1.48
N VAL A 126 8.67 -28.00 -1.77
CA VAL A 126 9.76 -28.10 -0.80
C VAL A 126 9.69 -27.14 0.39
N ASN A 127 10.28 -27.57 1.51
CA ASN A 127 10.34 -26.73 2.69
C ASN A 127 11.10 -25.50 2.19
N PRO A 128 10.45 -24.35 2.24
CA PRO A 128 11.13 -23.13 1.77
C PRO A 128 12.54 -22.90 2.30
N VAL A 129 12.82 -23.38 3.51
CA VAL A 129 14.12 -23.21 4.14
C VAL A 129 15.24 -23.99 3.46
N ALA A 130 14.87 -25.05 2.74
CA ALA A 130 15.83 -25.89 2.05
C ALA A 130 16.25 -25.28 0.69
N ILE A 131 16.00 -23.99 0.52
CA ILE A 131 16.30 -23.36 -0.75
C ILE A 131 17.74 -23.50 -1.26
N LYS A 132 18.69 -23.74 -0.37
CA LYS A 132 20.08 -23.87 -0.82
C LYS A 132 20.36 -25.24 -1.41
N ALA A 133 19.39 -26.15 -1.30
CA ALA A 133 19.55 -27.47 -1.86
C ALA A 133 18.95 -27.51 -3.26
N LEU A 134 18.02 -26.60 -3.53
CA LEU A 134 17.33 -26.54 -4.81
C LEU A 134 17.76 -25.47 -5.80
N LEU A 135 18.03 -24.28 -5.28
CA LEU A 135 18.41 -23.17 -6.13
C LEU A 135 19.65 -23.39 -7.01
N PRO A 136 20.74 -23.97 -6.45
CA PRO A 136 21.95 -24.22 -7.25
C PRO A 136 21.66 -25.06 -8.49
N HIS A 137 20.71 -25.98 -8.32
CA HIS A 137 20.33 -26.86 -9.42
C HIS A 137 19.78 -26.04 -10.58
N LEU A 138 18.92 -25.09 -10.26
CA LEU A 138 18.32 -24.23 -11.26
C LEU A 138 19.30 -23.24 -11.89
N THR A 139 20.17 -22.66 -11.07
CA THR A 139 21.15 -21.72 -11.60
C THR A 139 22.20 -22.43 -12.45
N ASN A 140 22.59 -23.63 -12.02
CA ASN A 140 23.58 -24.40 -12.76
C ASN A 140 23.03 -24.72 -14.13
N ALA A 141 21.80 -25.21 -14.13
CA ALA A 141 21.14 -25.61 -15.34
C ALA A 141 20.98 -24.49 -16.36
N ILE A 142 20.31 -23.40 -15.97
CA ILE A 142 20.06 -22.32 -16.91
C ILE A 142 21.31 -21.66 -17.45
N VAL A 143 22.39 -21.75 -16.69
CA VAL A 143 23.64 -21.16 -17.12
C VAL A 143 24.39 -22.03 -18.13
N GLU A 144 24.30 -23.34 -17.93
CA GLU A 144 24.99 -24.33 -18.76
C GLU A 144 24.26 -24.86 -19.98
N THR A 145 22.95 -24.72 -20.02
CA THR A 145 22.17 -25.24 -21.13
C THR A 145 22.25 -24.35 -22.37
N ASN A 146 21.87 -24.91 -23.52
CA ASN A 146 21.87 -24.17 -24.77
C ASN A 146 20.48 -24.29 -25.39
N LYS A 147 19.58 -24.95 -24.67
CA LYS A 147 18.20 -25.14 -25.10
C LYS A 147 17.40 -23.96 -24.57
N TRP A 148 16.92 -23.09 -25.46
CA TRP A 148 16.18 -21.92 -25.01
C TRP A 148 14.92 -22.26 -24.19
N GLN A 149 14.17 -23.26 -24.64
CA GLN A 149 12.97 -23.65 -23.92
C GLN A 149 13.28 -24.03 -22.49
N GLU A 150 14.46 -24.60 -22.26
CA GLU A 150 14.83 -24.99 -20.91
C GLU A 150 15.03 -23.74 -20.06
N LYS A 151 15.66 -22.72 -20.65
CA LYS A 151 15.89 -21.49 -19.91
C LYS A 151 14.55 -20.89 -19.48
N ILE A 152 13.57 -20.89 -20.39
CA ILE A 152 12.28 -20.32 -20.06
C ILE A 152 11.59 -21.07 -18.95
N ALA A 153 11.73 -22.39 -18.91
CA ALA A 153 11.09 -23.19 -17.87
C ALA A 153 11.71 -22.90 -16.53
N ILE A 154 13.04 -22.80 -16.50
CA ILE A 154 13.77 -22.52 -15.27
C ILE A 154 13.45 -21.12 -14.78
N LEU A 155 13.35 -20.15 -15.69
CA LEU A 155 13.01 -18.76 -15.32
C LEU A 155 11.63 -18.75 -14.66
N ALA A 156 10.71 -19.54 -15.20
CA ALA A 156 9.38 -19.62 -14.62
C ALA A 156 9.39 -20.26 -13.23
N ALA A 157 10.38 -21.13 -12.95
CA ALA A 157 10.50 -21.76 -11.66
C ALA A 157 11.06 -20.73 -10.69
N PHE A 158 11.95 -19.88 -11.18
CA PHE A 158 12.52 -18.80 -10.36
C PHE A 158 11.35 -17.95 -9.84
N SER A 159 10.50 -17.49 -10.76
CA SER A 159 9.34 -16.68 -10.42
C SER A 159 8.41 -17.34 -9.38
N ALA A 160 8.20 -18.65 -9.53
CA ALA A 160 7.33 -19.37 -8.61
C ALA A 160 7.95 -19.37 -7.25
N MET A 161 9.28 -19.37 -7.24
CA MET A 161 10.04 -19.40 -6.01
C MET A 161 9.93 -18.13 -5.22
N VAL A 162 9.72 -17.02 -5.92
CA VAL A 162 9.60 -15.72 -5.27
C VAL A 162 8.40 -15.75 -4.34
N ASP A 163 7.31 -16.36 -4.78
CA ASP A 163 6.12 -16.42 -3.96
C ASP A 163 6.21 -17.55 -2.92
N ALA A 164 6.90 -18.64 -3.29
CA ALA A 164 7.05 -19.81 -2.44
C ALA A 164 7.96 -19.62 -1.20
N ALA A 165 9.06 -18.93 -1.41
CA ALA A 165 10.03 -18.67 -0.34
C ALA A 165 10.57 -17.23 -0.43
N LYS A 166 9.71 -16.23 -0.26
CA LYS A 166 10.15 -14.85 -0.40
C LYS A 166 11.27 -14.40 0.52
N ASP A 167 11.20 -14.72 1.80
CA ASP A 167 12.27 -14.30 2.69
C ASP A 167 13.55 -14.97 2.29
N GLN A 168 13.45 -16.25 1.92
CA GLN A 168 14.62 -17.04 1.53
C GLN A 168 15.24 -16.54 0.23
N VAL A 169 14.42 -16.19 -0.74
CA VAL A 169 14.93 -15.70 -2.00
C VAL A 169 15.62 -14.35 -1.85
N ALA A 170 15.03 -13.48 -1.04
CA ALA A 170 15.58 -12.16 -0.79
C ALA A 170 17.06 -12.22 -0.50
N LEU A 171 17.44 -13.15 0.36
CA LEU A 171 18.84 -13.35 0.75
C LEU A 171 19.70 -13.90 -0.36
N ARG A 172 19.10 -14.52 -1.37
CA ARG A 172 19.84 -15.09 -2.47
C ARG A 172 20.02 -14.07 -3.61
N MET A 173 19.22 -13.01 -3.56
CA MET A 173 19.24 -11.94 -4.55
C MET A 173 20.59 -11.60 -5.17
N PRO A 174 21.61 -11.33 -4.33
CA PRO A 174 22.91 -11.00 -4.90
C PRO A 174 23.44 -12.06 -5.87
N GLU A 175 23.08 -13.32 -5.65
CA GLU A 175 23.52 -14.38 -6.55
C GLU A 175 22.56 -14.53 -7.73
N LEU A 176 21.25 -14.37 -7.48
CA LEU A 176 20.22 -14.52 -8.51
C LEU A 176 20.11 -13.39 -9.53
N ILE A 177 20.25 -12.15 -9.09
CA ILE A 177 20.13 -11.02 -10.01
C ILE A 177 21.11 -11.06 -11.19
N PRO A 178 22.39 -11.37 -10.93
CA PRO A 178 23.31 -11.41 -12.07
C PRO A 178 22.97 -12.55 -13.04
N VAL A 179 22.41 -13.63 -12.52
CA VAL A 179 22.04 -14.71 -13.43
C VAL A 179 20.90 -14.26 -14.34
N LEU A 180 19.89 -13.62 -13.76
CA LEU A 180 18.76 -13.13 -14.55
C LEU A 180 19.20 -12.01 -15.48
N SER A 181 20.15 -11.20 -15.01
CA SER A 181 20.63 -10.11 -15.83
C SER A 181 21.29 -10.65 -17.08
N GLU A 182 22.12 -11.67 -16.92
CA GLU A 182 22.81 -12.27 -18.05
C GLU A 182 21.81 -12.90 -19.00
N THR A 183 20.75 -13.49 -18.45
CA THR A 183 19.75 -14.12 -19.28
C THR A 183 18.98 -13.09 -20.05
N MET A 184 18.84 -11.89 -19.50
CA MET A 184 18.12 -10.81 -20.19
C MET A 184 18.80 -10.44 -21.51
N TRP A 185 20.05 -10.83 -21.66
CA TRP A 185 20.80 -10.54 -22.88
C TRP A 185 20.95 -11.72 -23.82
N ASP A 186 20.19 -12.77 -23.56
CA ASP A 186 20.23 -13.96 -24.39
C ASP A 186 19.90 -13.53 -25.83
N THR A 187 20.34 -14.30 -26.80
CA THR A 187 20.06 -13.94 -28.17
C THR A 187 18.65 -14.33 -28.58
N LYS A 188 18.01 -15.25 -27.86
CA LYS A 188 16.65 -15.65 -28.21
C LYS A 188 15.64 -14.66 -27.68
N LYS A 189 14.81 -14.13 -28.58
CA LYS A 189 13.79 -13.18 -28.18
C LYS A 189 12.87 -13.74 -27.10
N GLU A 190 12.46 -15.00 -27.24
CA GLU A 190 11.58 -15.59 -26.22
C GLU A 190 12.24 -15.58 -24.83
N VAL A 191 13.54 -15.83 -24.81
CA VAL A 191 14.30 -15.81 -23.57
C VAL A 191 14.48 -14.40 -23.01
N LYS A 192 14.59 -13.40 -23.89
CA LYS A 192 14.72 -12.03 -23.42
C LYS A 192 13.42 -11.65 -22.74
N ALA A 193 12.30 -12.08 -23.32
CA ALA A 193 10.98 -11.79 -22.80
C ALA A 193 10.85 -12.39 -21.43
N ALA A 194 11.11 -13.70 -21.35
CA ALA A 194 11.01 -14.44 -20.12
C ALA A 194 11.88 -13.91 -19.00
N ALA A 195 13.12 -13.58 -19.33
CA ALA A 195 14.06 -13.11 -18.33
C ALA A 195 13.60 -11.82 -17.66
N THR A 196 13.18 -10.86 -18.47
CA THR A 196 12.71 -9.59 -17.93
C THR A 196 11.53 -9.83 -16.99
N ALA A 197 10.62 -10.72 -17.37
CA ALA A 197 9.49 -10.97 -16.51
C ALA A 197 9.95 -11.57 -15.20
N ALA A 198 10.89 -12.50 -15.26
CA ALA A 198 11.39 -13.13 -14.04
C ALA A 198 12.10 -12.07 -13.18
N MET A 199 12.78 -11.15 -13.86
CA MET A 199 13.50 -10.09 -13.19
C MET A 199 12.49 -9.29 -12.40
N THR A 200 11.46 -8.80 -13.09
CA THR A 200 10.46 -8.00 -12.42
C THR A 200 9.89 -8.72 -11.23
N LYS A 201 9.64 -10.02 -11.38
CA LYS A 201 9.06 -10.79 -10.30
C LYS A 201 10.04 -10.86 -9.13
N ALA A 202 11.30 -11.17 -9.47
CA ALA A 202 12.35 -11.30 -8.46
C ALA A 202 12.51 -10.04 -7.61
N THR A 203 12.40 -8.87 -8.23
CA THR A 203 12.57 -7.60 -7.50
C THR A 203 11.51 -7.43 -6.43
N GLU A 204 10.47 -8.25 -6.47
CA GLU A 204 9.43 -8.15 -5.47
C GLU A 204 9.94 -8.45 -4.07
N THR A 205 11.16 -8.96 -3.98
CA THR A 205 11.74 -9.31 -2.69
C THR A 205 12.57 -8.15 -2.12
N VAL A 206 12.80 -7.09 -2.90
CA VAL A 206 13.58 -5.97 -2.40
C VAL A 206 12.92 -5.41 -1.17
N ASP A 207 11.61 -5.26 -1.24
CA ASP A 207 10.82 -4.78 -0.13
C ASP A 207 11.41 -3.52 0.51
N ASN A 208 11.80 -2.56 -0.33
CA ASN A 208 12.37 -1.33 0.17
C ASN A 208 11.59 -0.11 -0.37
N LYS A 209 10.77 0.50 0.49
CA LYS A 209 9.93 1.66 0.12
C LYS A 209 10.67 2.82 -0.54
N ASP A 210 11.94 2.98 -0.19
CA ASP A 210 12.74 4.09 -0.72
C ASP A 210 13.04 4.04 -2.20
N ILE A 211 13.25 2.85 -2.76
CA ILE A 211 13.54 2.74 -4.19
C ILE A 211 12.48 1.97 -4.98
N GLU A 212 11.42 1.54 -4.30
CA GLU A 212 10.35 0.79 -4.95
C GLU A 212 9.91 1.38 -6.29
N ARG A 213 9.47 2.63 -6.27
CA ARG A 213 8.98 3.28 -7.47
C ARG A 213 9.96 3.34 -8.63
N PHE A 214 11.24 3.09 -8.37
CA PHE A 214 12.28 3.15 -9.40
C PHE A 214 12.72 1.80 -9.93
N ILE A 215 12.13 0.75 -9.38
CA ILE A 215 12.49 -0.59 -9.79
C ILE A 215 12.28 -0.82 -11.29
N PRO A 216 11.14 -0.38 -11.84
CA PRO A 216 11.03 -0.64 -13.27
C PRO A 216 12.05 0.15 -14.08
N SER A 217 12.55 1.24 -13.50
CA SER A 217 13.55 2.07 -14.17
C SER A 217 14.95 1.44 -14.08
N LEU A 218 15.11 0.54 -13.13
CA LEU A 218 16.38 -0.13 -12.93
C LEU A 218 16.50 -1.34 -13.83
N ILE A 219 15.37 -2.05 -13.96
CA ILE A 219 15.25 -3.24 -14.80
C ILE A 219 15.54 -2.81 -16.25
N GLN A 220 14.87 -1.74 -16.70
CA GLN A 220 15.08 -1.23 -18.05
C GLN A 220 16.59 -0.95 -18.28
N CYS A 221 17.25 -0.35 -17.28
CA CYS A 221 18.68 -0.02 -17.36
C CYS A 221 19.54 -1.25 -17.55
N ILE A 222 19.15 -2.35 -16.91
CA ILE A 222 19.89 -3.60 -17.05
C ILE A 222 19.71 -4.03 -18.50
N ALA A 223 18.57 -3.68 -19.07
CA ALA A 223 18.27 -4.04 -20.45
C ALA A 223 18.94 -3.08 -21.43
N ASP A 224 19.14 -1.84 -20.99
CA ASP A 224 19.78 -0.86 -21.85
C ASP A 224 20.60 0.13 -21.06
N PRO A 225 21.92 0.00 -21.12
CA PRO A 225 22.82 0.89 -20.39
C PRO A 225 22.62 2.38 -20.71
N THR A 226 22.26 2.67 -21.95
CA THR A 226 22.09 4.07 -22.35
C THR A 226 21.15 4.86 -21.45
N GLU A 227 20.35 4.16 -20.66
CA GLU A 227 19.40 4.82 -19.77
C GLU A 227 20.01 5.03 -18.39
N VAL A 228 21.28 4.67 -18.24
CA VAL A 228 21.94 4.83 -16.95
C VAL A 228 22.02 6.30 -16.54
N PRO A 229 22.65 7.15 -17.36
CA PRO A 229 22.71 8.56 -16.95
C PRO A 229 21.31 9.05 -16.62
N GLU A 230 20.37 8.69 -17.49
CA GLU A 230 18.96 9.05 -17.33
C GLU A 230 18.43 8.56 -15.97
N THR A 231 18.74 7.31 -15.61
CA THR A 231 18.28 6.73 -14.35
C THR A 231 19.05 7.28 -13.15
N VAL A 232 20.31 7.62 -13.35
CA VAL A 232 21.11 8.17 -12.26
C VAL A 232 20.53 9.52 -11.92
N HIS A 233 20.26 10.31 -12.95
CA HIS A 233 19.66 11.65 -12.83
C HIS A 233 18.29 11.51 -12.13
N LEU A 234 17.66 10.37 -12.36
CA LEU A 234 16.35 10.08 -11.81
C LEU A 234 16.38 9.58 -10.36
N LEU A 235 17.55 9.17 -9.88
CA LEU A 235 17.62 8.65 -8.52
C LEU A 235 18.22 9.59 -7.50
N GLY A 236 18.89 10.63 -7.96
CA GLY A 236 19.51 11.57 -7.05
C GLY A 236 18.77 11.91 -5.76
N ALA A 237 17.50 12.26 -5.87
CA ALA A 237 16.73 12.66 -4.70
C ALA A 237 16.28 11.63 -3.70
N THR A 238 16.36 10.36 -4.03
CA THR A 238 15.90 9.36 -3.10
C THR A 238 16.59 9.43 -1.74
N THR A 239 15.87 9.93 -0.74
CA THR A 239 16.41 10.02 0.61
C THR A 239 16.12 8.69 1.29
N PHE A 240 17.18 7.93 1.56
CA PHE A 240 17.08 6.61 2.18
C PHE A 240 16.75 6.61 3.67
N VAL A 241 15.87 5.72 4.05
CA VAL A 241 15.44 5.62 5.44
C VAL A 241 15.49 4.16 5.86
N ALA A 242 14.93 3.27 5.05
CA ALA A 242 14.90 1.85 5.38
C ALA A 242 16.25 1.20 5.16
N GLU A 243 16.57 0.20 5.99
CA GLU A 243 17.84 -0.49 5.91
C GLU A 243 18.20 -0.93 4.51
N VAL A 244 19.49 -0.91 4.22
CA VAL A 244 19.97 -1.29 2.91
C VAL A 244 20.38 -2.76 3.00
N THR A 245 19.49 -3.63 2.53
CA THR A 245 19.74 -5.07 2.55
C THR A 245 20.50 -5.55 1.33
N PRO A 246 20.90 -6.83 1.34
CA PRO A 246 21.63 -7.36 0.20
C PRO A 246 20.80 -7.27 -1.06
N ALA A 247 19.50 -7.49 -0.92
CA ALA A 247 18.62 -7.42 -2.06
C ALA A 247 18.60 -5.99 -2.63
N THR A 248 18.67 -4.99 -1.75
CA THR A 248 18.67 -3.59 -2.18
C THR A 248 19.90 -3.31 -3.00
N LEU A 249 21.03 -3.80 -2.51
CA LEU A 249 22.31 -3.59 -3.18
C LEU A 249 22.40 -4.24 -4.56
N SER A 250 21.98 -5.50 -4.65
CA SER A 250 22.02 -6.23 -5.91
C SER A 250 21.30 -5.50 -7.04
N ILE A 251 20.33 -4.67 -6.66
CA ILE A 251 19.53 -3.90 -7.60
C ILE A 251 20.06 -2.52 -7.83
N MET A 252 20.76 -1.99 -6.84
CA MET A 252 21.31 -0.64 -6.92
C MET A 252 22.74 -0.58 -7.45
N VAL A 253 23.63 -1.33 -6.81
CA VAL A 253 25.03 -1.31 -7.18
C VAL A 253 25.32 -1.36 -8.66
N PRO A 254 24.82 -2.37 -9.39
CA PRO A 254 25.12 -2.40 -10.82
C PRO A 254 24.87 -1.07 -11.58
N LEU A 255 23.78 -0.39 -11.25
CA LEU A 255 23.44 0.89 -11.88
C LEU A 255 24.50 1.91 -11.56
N LEU A 256 24.76 2.06 -10.26
CA LEU A 256 25.75 2.99 -9.76
C LEU A 256 27.13 2.72 -10.36
N SER A 257 27.55 1.46 -10.34
CA SER A 257 28.83 1.09 -10.89
C SER A 257 28.98 1.61 -12.32
N ARG A 258 27.94 1.48 -13.12
CA ARG A 258 27.98 1.96 -14.50
C ARG A 258 27.93 3.48 -14.51
N GLY A 259 27.33 4.05 -13.46
CA GLY A 259 27.25 5.49 -13.36
C GLY A 259 28.64 6.07 -13.16
N LEU A 260 29.42 5.49 -12.24
CA LEU A 260 30.77 5.95 -11.96
C LEU A 260 31.65 5.90 -13.20
N ASN A 261 31.60 4.81 -13.93
CA ASN A 261 32.41 4.69 -15.12
C ASN A 261 31.78 5.38 -16.30
N GLU A 262 30.82 6.27 -16.03
CA GLU A 262 30.17 7.00 -17.11
C GLU A 262 31.15 8.02 -17.71
N ARG A 263 30.67 8.82 -18.64
CA ARG A 263 31.51 9.80 -19.32
C ARG A 263 31.46 11.20 -18.76
N GLU A 264 30.25 11.69 -18.50
CA GLU A 264 30.08 13.03 -18.01
C GLU A 264 30.36 13.16 -16.53
N THR A 265 31.05 14.23 -16.17
CA THR A 265 31.40 14.51 -14.79
C THR A 265 30.19 14.62 -13.88
N GLY A 266 29.10 15.19 -14.42
CA GLY A 266 27.90 15.34 -13.63
C GLY A 266 27.37 14.03 -13.09
N ILE A 267 27.35 13.03 -13.96
CA ILE A 267 26.87 11.71 -13.63
C ILE A 267 27.76 11.06 -12.58
N LYS A 268 29.07 11.11 -12.81
CA LYS A 268 30.02 10.53 -11.87
C LYS A 268 29.76 11.08 -10.48
N ARG A 269 29.52 12.39 -10.42
CA ARG A 269 29.24 13.06 -9.15
C ARG A 269 27.93 12.59 -8.54
N LYS A 270 26.89 12.58 -9.37
CA LYS A 270 25.58 12.14 -8.93
C LYS A 270 25.66 10.73 -8.40
N SER A 271 26.28 9.85 -9.17
CA SER A 271 26.43 8.45 -8.77
C SER A 271 27.03 8.38 -7.37
N ALA A 272 28.08 9.17 -7.16
CA ALA A 272 28.75 9.21 -5.88
C ALA A 272 27.80 9.60 -4.75
N VAL A 273 26.99 10.61 -5.01
CA VAL A 273 26.03 11.06 -4.02
C VAL A 273 25.12 9.89 -3.62
N ILE A 274 24.58 9.21 -4.62
CA ILE A 274 23.68 8.10 -4.36
C ILE A 274 24.37 6.98 -3.62
N ILE A 275 25.64 6.76 -3.98
CA ILE A 275 26.42 5.72 -3.35
C ILE A 275 26.59 6.03 -1.87
N ASP A 276 26.98 7.27 -1.61
CA ASP A 276 27.21 7.79 -0.28
C ASP A 276 25.92 7.76 0.52
N ASN A 277 24.92 8.46 0.02
CA ASN A 277 23.65 8.49 0.71
C ASN A 277 23.16 7.11 1.10
N MET A 278 23.21 6.18 0.17
CA MET A 278 22.70 4.84 0.41
C MET A 278 23.55 3.95 1.30
N CYS A 279 24.85 3.93 1.09
CA CYS A 279 25.71 3.04 1.86
C CYS A 279 25.89 3.35 3.33
N LYS A 280 25.74 4.60 3.72
CA LYS A 280 25.87 4.94 5.12
C LYS A 280 24.82 4.19 5.93
N LEU A 281 23.72 3.82 5.28
CA LEU A 281 22.65 3.10 5.95
C LEU A 281 22.93 1.60 6.02
N VAL A 282 24.18 1.21 5.81
CA VAL A 282 24.56 -0.20 5.85
C VAL A 282 25.07 -0.52 7.25
N GLU A 283 24.21 -1.14 8.06
CA GLU A 283 24.55 -1.48 9.44
C GLU A 283 25.60 -2.61 9.58
N ASP A 284 25.61 -3.55 8.63
CA ASP A 284 26.54 -4.67 8.69
C ASP A 284 27.55 -4.64 7.53
N PRO A 285 28.86 -4.73 7.84
CA PRO A 285 29.95 -4.73 6.85
C PRO A 285 29.92 -5.94 5.93
N GLN A 286 29.55 -7.09 6.49
CA GLN A 286 29.45 -8.32 5.71
C GLN A 286 28.53 -8.06 4.52
N VAL A 287 27.47 -7.28 4.76
CA VAL A 287 26.49 -6.97 3.72
C VAL A 287 27.08 -6.31 2.50
N ILE A 288 27.82 -5.22 2.71
CA ILE A 288 28.40 -4.46 1.61
C ILE A 288 29.66 -5.08 0.99
N ALA A 289 30.25 -6.06 1.69
CA ALA A 289 31.46 -6.72 1.24
C ALA A 289 31.45 -7.20 -0.21
N PRO A 290 30.51 -8.09 -0.58
CA PRO A 290 30.47 -8.57 -1.97
C PRO A 290 30.25 -7.52 -3.06
N PHE A 291 29.91 -6.30 -2.67
CA PHE A 291 29.67 -5.23 -3.65
C PHE A 291 30.80 -4.21 -3.74
N LEU A 292 31.61 -4.14 -2.68
CA LEU A 292 32.73 -3.21 -2.62
C LEU A 292 33.57 -3.22 -3.87
N GLY A 293 33.81 -4.41 -4.42
CA GLY A 293 34.62 -4.51 -5.61
C GLY A 293 34.12 -3.73 -6.82
N LYS A 294 32.81 -3.50 -6.92
CA LYS A 294 32.26 -2.80 -8.07
C LYS A 294 32.18 -1.29 -7.89
N LEU A 295 32.45 -0.82 -6.70
CA LEU A 295 32.38 0.61 -6.45
C LEU A 295 33.74 1.25 -6.18
N LEU A 296 34.51 0.69 -5.25
CA LEU A 296 35.82 1.24 -4.89
C LEU A 296 36.68 1.67 -6.08
N PRO A 297 36.97 0.74 -7.01
CA PRO A 297 37.79 1.12 -8.17
C PRO A 297 37.31 2.34 -8.95
N GLY A 298 36.00 2.44 -9.17
CA GLY A 298 35.46 3.58 -9.89
C GLY A 298 35.55 4.88 -9.10
N LEU A 299 35.47 4.78 -7.78
CA LEU A 299 35.55 5.96 -6.96
C LEU A 299 37.00 6.43 -6.93
N LYS A 300 37.93 5.52 -6.66
CA LYS A 300 39.35 5.88 -6.61
C LYS A 300 39.73 6.58 -7.93
N SER A 301 39.40 5.95 -9.04
CA SER A 301 39.72 6.46 -10.36
C SER A 301 39.24 7.85 -10.69
N ASN A 302 37.95 8.08 -10.49
CA ASN A 302 37.39 9.39 -10.78
C ASN A 302 38.00 10.44 -9.90
N PHE A 303 38.27 10.09 -8.66
CA PHE A 303 38.87 11.04 -7.72
C PHE A 303 40.08 11.72 -8.38
N ALA A 304 40.84 10.96 -9.15
CA ALA A 304 42.05 11.54 -9.79
C ALA A 304 41.76 12.27 -11.12
N THR A 305 40.92 11.73 -11.95
CA THR A 305 40.54 12.15 -13.30
C THR A 305 39.60 13.35 -13.58
N ILE A 306 38.91 13.90 -12.59
CA ILE A 306 37.98 15.03 -12.87
C ILE A 306 38.48 16.35 -12.30
N ALA A 307 38.54 17.37 -13.16
CA ALA A 307 39.02 18.68 -12.75
C ALA A 307 38.15 19.29 -11.65
N ASP A 308 36.97 19.76 -12.01
CA ASP A 308 36.04 20.39 -11.06
C ASP A 308 36.20 19.88 -9.63
N PRO A 309 36.42 20.80 -8.68
CA PRO A 309 36.62 20.46 -7.26
C PRO A 309 35.34 20.09 -6.51
N GLU A 310 34.20 20.59 -6.97
CA GLU A 310 32.95 20.28 -6.31
C GLU A 310 32.71 18.80 -6.46
N ALA A 311 32.82 18.33 -7.69
CA ALA A 311 32.63 16.92 -8.00
C ALA A 311 33.57 16.07 -7.17
N ARG A 312 34.78 16.57 -6.99
CA ARG A 312 35.80 15.87 -6.20
C ARG A 312 35.36 15.69 -4.75
N GLU A 313 35.06 16.79 -4.08
CA GLU A 313 34.63 16.76 -2.69
C GLU A 313 33.57 15.66 -2.56
N VAL A 314 32.56 15.70 -3.42
CA VAL A 314 31.48 14.72 -3.39
C VAL A 314 32.08 13.33 -3.48
N THR A 315 32.81 13.06 -4.56
CA THR A 315 33.42 11.76 -4.77
C THR A 315 34.18 11.28 -3.55
N LEU A 316 35.05 12.13 -3.03
CA LEU A 316 35.81 11.75 -1.85
C LEU A 316 34.85 11.32 -0.75
N ARG A 317 33.86 12.16 -0.46
CA ARG A 317 32.87 11.86 0.57
C ARG A 317 32.31 10.45 0.39
N ALA A 318 31.96 10.11 -0.86
CA ALA A 318 31.42 8.79 -1.17
C ALA A 318 32.47 7.73 -0.89
N LEU A 319 33.67 8.00 -1.36
CA LEU A 319 34.78 7.07 -1.17
C LEU A 319 35.01 6.85 0.31
N LYS A 320 35.03 7.94 1.08
CA LYS A 320 35.23 7.82 2.52
C LYS A 320 34.10 7.01 3.16
N THR A 321 32.87 7.28 2.75
CA THR A 321 31.70 6.57 3.26
C THR A 321 31.84 5.08 3.03
N LEU A 322 32.23 4.72 1.80
CA LEU A 322 32.40 3.34 1.41
C LEU A 322 33.46 2.64 2.28
N ARG A 323 34.57 3.31 2.51
CA ARG A 323 35.65 2.74 3.31
C ARG A 323 35.23 2.51 4.75
N ARG A 324 34.53 3.49 5.32
CA ARG A 324 34.07 3.39 6.70
C ARG A 324 33.15 2.20 6.90
N VAL A 325 32.07 2.13 6.12
CA VAL A 325 31.10 1.04 6.22
C VAL A 325 31.66 -0.32 5.88
N GLY A 326 32.46 -0.36 4.83
CA GLY A 326 33.05 -1.62 4.43
C GLY A 326 33.99 -2.21 5.43
N ASN A 327 34.58 -1.34 6.24
CA ASN A 327 35.54 -1.76 7.27
C ASN A 327 36.82 -2.23 6.62
N VAL A 328 36.99 -1.90 5.38
CA VAL A 328 38.13 -2.33 4.52
C VAL A 328 39.38 -2.14 5.36
N GLY A 329 40.32 -3.04 5.21
CA GLY A 329 41.55 -3.04 6.00
C GLY A 329 42.46 -2.07 5.24
N GLU A 330 43.67 -1.83 5.73
CA GLU A 330 44.62 -0.91 5.10
C GLU A 330 44.97 -1.38 3.69
N ASP A 331 45.10 -0.41 2.79
CA ASP A 331 45.46 -0.67 1.41
C ASP A 331 44.19 -1.15 0.66
N ASP A 332 43.02 -0.74 1.17
CA ASP A 332 41.73 -1.12 0.55
C ASP A 332 41.49 -2.60 0.39
N ALA A 333 41.70 -3.35 1.46
CA ALA A 333 41.48 -4.78 1.40
C ALA A 333 40.14 -5.15 2.00
N ILE A 334 39.28 -5.74 1.18
CA ILE A 334 37.97 -6.14 1.67
C ILE A 334 38.14 -7.27 2.68
N PRO A 335 37.51 -7.15 3.85
CA PRO A 335 37.58 -8.15 4.91
C PRO A 335 37.13 -9.52 4.42
N GLU A 336 37.47 -10.55 5.18
CA GLU A 336 37.12 -11.90 4.78
C GLU A 336 35.69 -12.22 5.20
N LEU A 337 34.82 -12.47 4.23
CA LEU A 337 33.42 -12.81 4.52
C LEU A 337 33.27 -13.99 5.49
N SER A 338 32.23 -13.94 6.31
CA SER A 338 31.98 -15.04 7.23
C SER A 338 31.43 -16.16 6.39
N HIS A 339 31.63 -17.39 6.83
CA HIS A 339 31.12 -18.52 6.09
C HIS A 339 30.19 -19.32 6.95
N ALA A 340 29.58 -18.68 7.95
CA ALA A 340 28.67 -19.38 8.84
C ALA A 340 27.42 -19.83 8.10
N GLY A 341 27.05 -19.07 7.07
CA GLY A 341 25.86 -19.40 6.30
C GLY A 341 26.16 -20.18 5.05
N ASP A 342 27.44 -20.22 4.66
CA ASP A 342 27.86 -20.94 3.47
C ASP A 342 27.54 -22.42 3.65
N VAL A 343 26.83 -22.95 2.67
CA VAL A 343 26.45 -24.33 2.65
C VAL A 343 27.68 -25.23 2.86
N SER A 344 28.75 -24.89 2.16
CA SER A 344 30.02 -25.59 2.28
C SER A 344 30.41 -25.67 3.76
N THR A 345 30.20 -24.59 4.50
CA THR A 345 30.54 -24.59 5.92
C THR A 345 29.61 -25.48 6.76
N THR A 346 28.31 -25.21 6.72
CA THR A 346 27.39 -26.02 7.50
C THR A 346 27.52 -27.48 7.17
N LEU A 347 27.87 -27.78 5.92
CA LEU A 347 28.03 -29.18 5.53
C LEU A 347 29.19 -29.84 6.29
N GLN A 348 30.30 -29.11 6.44
CA GLN A 348 31.47 -29.65 7.17
C GLN A 348 31.07 -29.97 8.59
N VAL A 349 30.40 -29.03 9.22
CA VAL A 349 29.97 -29.22 10.59
C VAL A 349 29.12 -30.47 10.74
N VAL A 350 28.14 -30.65 9.86
CA VAL A 350 27.27 -31.84 9.94
C VAL A 350 28.02 -33.12 9.63
N ASN A 351 28.91 -33.08 8.64
CA ASN A 351 29.66 -34.28 8.27
C ASN A 351 30.49 -34.68 9.50
N GLU A 352 31.11 -33.69 10.10
CA GLU A 352 31.92 -33.89 11.27
C GLU A 352 31.11 -34.55 12.38
N LEU A 353 29.98 -33.96 12.70
CA LEU A 353 29.12 -34.52 13.74
C LEU A 353 28.65 -35.93 13.38
N LEU A 354 28.62 -36.24 12.09
CA LEU A 354 28.16 -37.55 11.61
C LEU A 354 29.28 -38.58 11.35
N LYS A 355 30.51 -38.24 11.71
CA LYS A 355 31.67 -39.09 11.47
C LYS A 355 31.62 -40.50 12.09
N ASP A 356 31.01 -40.63 13.27
CA ASP A 356 30.96 -41.95 13.92
C ASP A 356 29.73 -42.81 13.69
N GLU A 357 28.62 -42.23 13.24
CA GLU A 357 27.44 -43.03 12.96
C GLU A 357 27.53 -43.56 11.52
N THR A 358 27.31 -44.85 11.31
CA THR A 358 27.38 -45.43 9.95
C THR A 358 26.22 -44.98 9.03
N VAL A 359 26.49 -43.98 8.19
CA VAL A 359 25.49 -43.45 7.27
C VAL A 359 25.63 -44.10 5.90
N ALA A 360 24.74 -45.03 5.58
CA ALA A 360 24.77 -45.73 4.30
C ALA A 360 24.81 -44.71 3.17
N PRO A 361 25.19 -45.14 1.97
CA PRO A 361 25.28 -44.26 0.80
C PRO A 361 23.95 -43.64 0.41
N ARG A 362 22.89 -44.43 0.49
CA ARG A 362 21.56 -43.95 0.11
C ARG A 362 21.01 -42.81 0.97
N PHE A 363 21.66 -42.53 2.09
CA PHE A 363 21.22 -41.45 2.97
C PHE A 363 22.10 -40.21 2.83
N LYS A 364 23.14 -40.31 2.02
CA LYS A 364 24.04 -39.20 1.82
C LYS A 364 23.32 -37.91 1.36
N ILE A 365 22.41 -38.07 0.41
CA ILE A 365 21.65 -36.96 -0.14
C ILE A 365 20.86 -36.23 0.97
N VAL A 366 20.43 -36.99 1.97
CA VAL A 366 19.66 -36.46 3.10
C VAL A 366 20.55 -35.59 3.97
N VAL A 367 21.76 -36.08 4.22
CA VAL A 367 22.74 -35.36 5.04
C VAL A 367 23.00 -34.03 4.36
N GLU A 368 23.09 -34.09 3.03
CA GLU A 368 23.30 -32.90 2.23
C GLU A 368 22.14 -31.92 2.46
N TYR A 369 20.90 -32.41 2.40
CA TYR A 369 19.73 -31.58 2.62
C TYR A 369 19.81 -30.88 3.97
N ILE A 370 20.04 -31.67 5.01
CA ILE A 370 20.15 -31.17 6.37
C ILE A 370 21.14 -30.00 6.42
N ALA A 371 22.29 -30.20 5.81
CA ALA A 371 23.35 -29.19 5.76
C ALA A 371 22.87 -27.90 5.11
N ALA A 372 22.10 -28.03 4.04
CA ALA A 372 21.55 -26.89 3.32
C ALA A 372 20.60 -26.13 4.23
N ILE A 373 19.61 -26.84 4.77
CA ILE A 373 18.65 -26.22 5.66
C ILE A 373 19.41 -25.50 6.78
N GLY A 374 20.33 -26.21 7.42
CA GLY A 374 21.08 -25.60 8.49
C GLY A 374 21.69 -24.25 8.12
N ALA A 375 22.32 -24.22 6.94
CA ALA A 375 23.00 -23.01 6.43
C ALA A 375 22.04 -21.87 6.24
N ASP A 376 20.87 -22.18 5.72
CA ASP A 376 19.86 -21.15 5.50
C ASP A 376 19.31 -20.63 6.80
N LEU A 377 19.21 -21.47 7.81
CA LEU A 377 18.71 -20.99 9.10
C LEU A 377 19.71 -19.98 9.66
N ILE A 378 20.99 -20.21 9.40
CA ILE A 378 22.02 -19.29 9.88
C ILE A 378 21.98 -17.95 9.12
N ASP A 379 21.69 -17.96 7.83
CA ASP A 379 21.60 -16.69 7.11
C ASP A 379 20.42 -15.88 7.59
N GLU A 380 19.33 -16.60 7.89
CA GLU A 380 18.09 -16.01 8.40
C GLU A 380 18.22 -15.72 9.88
N ARG A 381 19.36 -16.14 10.46
CA ARG A 381 19.66 -15.93 11.86
C ARG A 381 18.64 -16.57 12.80
N ILE A 382 18.15 -17.73 12.40
CA ILE A 382 17.22 -18.46 13.24
C ILE A 382 18.11 -19.40 14.04
N ILE A 383 18.23 -19.13 15.33
CA ILE A 383 19.08 -19.95 16.20
C ILE A 383 18.40 -20.66 17.36
N ASP A 384 17.11 -20.41 17.64
CA ASP A 384 16.45 -21.08 18.77
C ASP A 384 16.29 -22.58 18.52
N GLN A 385 16.36 -23.37 19.59
CA GLN A 385 16.25 -24.82 19.46
C GLN A 385 15.02 -25.38 18.77
N GLN A 386 13.83 -24.84 19.06
CA GLN A 386 12.63 -25.38 18.44
C GLN A 386 12.64 -25.21 16.93
N ALA A 387 13.17 -24.07 16.45
CA ALA A 387 13.25 -23.77 15.02
C ALA A 387 14.03 -24.83 14.27
N TRP A 388 15.14 -25.24 14.87
CA TRP A 388 15.97 -26.26 14.25
C TRP A 388 15.29 -27.64 14.34
N PHE A 389 14.62 -27.95 15.46
CA PHE A 389 13.95 -29.24 15.58
C PHE A 389 12.80 -29.29 14.60
N THR A 390 12.15 -28.16 14.41
CA THR A 390 11.04 -28.09 13.48
C THR A 390 11.47 -28.45 12.06
N HIS A 391 12.61 -27.93 11.62
CA HIS A 391 13.10 -28.13 10.25
C HIS A 391 14.06 -29.27 9.90
N ILE A 392 14.85 -29.74 10.85
CA ILE A 392 15.81 -30.76 10.49
C ILE A 392 15.57 -32.16 11.03
N THR A 393 15.13 -32.23 12.29
CA THR A 393 14.86 -33.53 12.90
C THR A 393 14.10 -34.50 11.97
N PRO A 394 12.98 -34.06 11.37
CA PRO A 394 12.25 -34.96 10.48
C PRO A 394 13.07 -35.62 9.38
N TYR A 395 14.08 -34.93 8.86
CA TYR A 395 14.94 -35.50 7.82
C TYR A 395 15.89 -36.54 8.41
N MET A 396 16.41 -36.25 9.59
CA MET A 396 17.34 -37.13 10.30
C MET A 396 16.73 -38.47 10.73
N THR A 397 15.49 -38.48 11.20
CA THR A 397 14.95 -39.77 11.59
C THR A 397 14.77 -40.73 10.39
N ILE A 398 15.21 -40.28 9.22
CA ILE A 398 15.16 -41.09 7.99
C ILE A 398 16.18 -42.23 8.10
N PHE A 399 17.23 -41.99 8.88
CA PHE A 399 18.27 -42.98 9.09
C PHE A 399 18.80 -43.04 10.54
N LEU A 400 18.33 -42.15 11.39
CA LEU A 400 18.75 -42.16 12.78
C LEU A 400 17.55 -42.32 13.70
N HIS A 401 17.79 -42.62 14.96
CA HIS A 401 16.70 -42.76 15.90
C HIS A 401 16.44 -41.38 16.47
N GLU A 402 15.19 -41.13 16.85
CA GLU A 402 14.82 -39.82 17.35
C GLU A 402 15.76 -39.26 18.40
N LYS A 403 15.99 -40.02 19.47
CA LYS A 403 16.84 -39.54 20.56
C LYS A 403 18.23 -39.16 20.10
N LYS A 404 18.81 -40.00 19.23
CA LYS A 404 20.15 -39.75 18.71
C LYS A 404 20.12 -38.52 17.84
N ALA A 405 19.13 -38.46 16.95
CA ALA A 405 18.98 -37.33 16.03
C ALA A 405 18.83 -36.00 16.79
N LYS A 406 17.99 -36.02 17.82
CA LYS A 406 17.76 -34.83 18.60
C LYS A 406 19.02 -34.40 19.34
N ASP A 407 19.72 -35.35 19.95
CA ASP A 407 20.95 -35.01 20.67
C ASP A 407 21.99 -34.48 19.68
N ILE A 408 22.08 -35.10 18.51
CA ILE A 408 23.04 -34.66 17.51
C ILE A 408 22.66 -33.29 16.94
N LEU A 409 21.35 -33.12 16.73
CA LEU A 409 20.83 -31.87 16.19
C LEU A 409 21.13 -30.69 17.11
N ASP A 410 20.77 -30.81 18.38
CA ASP A 410 21.00 -29.72 19.32
C ASP A 410 22.44 -29.27 19.21
N GLU A 411 23.34 -30.25 19.10
CA GLU A 411 24.78 -29.99 19.00
C GLU A 411 25.15 -29.32 17.69
N PHE A 412 24.54 -29.76 16.60
CA PHE A 412 24.79 -29.18 15.29
C PHE A 412 24.43 -27.70 15.28
N ARG A 413 23.28 -27.35 15.86
CA ARG A 413 22.82 -25.97 15.94
C ARG A 413 23.75 -25.09 16.80
N LYS A 414 24.18 -25.62 17.95
CA LYS A 414 25.08 -24.88 18.85
C LYS A 414 26.39 -24.51 18.17
N ARG A 415 26.98 -25.44 17.41
CA ARG A 415 28.24 -25.21 16.70
C ARG A 415 28.09 -24.33 15.45
N ALA A 416 26.99 -24.53 14.73
CA ALA A 416 26.71 -23.75 13.52
C ALA A 416 26.46 -22.30 13.90
N VAL A 417 25.75 -22.11 15.01
CA VAL A 417 25.44 -20.76 15.50
C VAL A 417 26.70 -20.04 15.94
N ASP A 418 27.58 -20.75 16.65
CA ASP A 418 28.82 -20.18 17.17
C ASP A 418 29.67 -19.52 16.08
N ASN A 419 29.48 -19.93 14.82
CA ASN A 419 30.23 -19.37 13.68
C ASN A 419 29.70 -17.99 13.27
N ILE A 420 28.50 -17.66 13.73
CA ILE A 420 27.88 -16.38 13.42
C ILE A 420 28.77 -15.29 13.98
N PRO A 421 29.36 -14.49 13.09
CA PRO A 421 30.25 -13.38 13.41
C PRO A 421 29.59 -12.32 14.29
N VAL A 422 30.39 -11.74 15.18
CA VAL A 422 29.90 -10.72 16.12
C VAL A 422 29.97 -9.41 15.40
N GLY A 423 28.79 -8.96 15.01
CA GLY A 423 28.77 -7.69 14.26
C GLY A 423 29.20 -6.57 15.21
N PRO A 424 29.45 -5.34 14.69
CA PRO A 424 29.91 -4.17 15.47
C PRO A 424 28.74 -3.44 16.19
N ASN A 425 29.06 -2.28 16.75
CA ASN A 425 28.02 -1.50 17.38
C ASN A 425 28.01 -0.08 16.74
N PHE A 426 26.95 0.59 16.82
CA PHE A 426 26.44 1.88 16.33
C PHE A 426 27.29 3.20 16.57
N ASP A 427 26.94 4.22 15.76
CA ASP A 427 27.52 5.62 15.81
C ASP A 427 26.41 6.57 15.42
N ASP A 428 26.38 7.85 16.02
CA ASP A 428 25.25 8.69 15.66
C ASP A 428 25.61 9.92 14.82
N GLU A 429 26.77 10.49 15.10
CA GLU A 429 27.29 11.70 14.45
C GLU A 429 26.85 12.08 13.03
N GLU A 430 26.99 11.16 12.07
CA GLU A 430 26.63 11.45 10.66
C GLU A 430 25.15 11.31 10.37
N ASP A 431 24.38 11.02 11.42
CA ASP A 431 22.93 10.93 11.22
C ASP A 431 22.36 12.33 11.19
N GLU A 432 21.05 12.43 10.99
CA GLU A 432 20.45 13.74 10.93
C GLU A 432 19.87 14.29 12.25
N GLY A 433 20.64 15.18 12.87
CA GLY A 433 20.22 15.81 14.10
C GLY A 433 21.26 16.72 14.69
N GLU A 434 20.80 17.77 15.36
CA GLU A 434 21.67 18.66 16.07
C GLU A 434 21.52 18.10 17.46
N ASP A 435 22.61 17.70 18.05
CA ASP A 435 22.66 17.03 19.36
C ASP A 435 21.93 17.73 20.54
N LEU A 436 21.17 16.80 21.30
CA LEU A 436 20.54 17.38 22.42
C LEU A 436 21.55 17.14 23.58
N CYS A 437 22.28 16.03 23.52
CA CYS A 437 23.30 15.72 24.53
C CYS A 437 24.29 14.69 24.00
N ASN A 438 25.47 14.64 24.60
CA ASN A 438 26.49 13.69 24.21
C ASN A 438 27.30 13.47 25.48
N CYS A 439 27.01 12.38 26.19
CA CYS A 439 27.67 12.11 27.47
C CYS A 439 28.43 10.82 27.62
N GLU A 440 29.42 10.88 28.49
CA GLU A 440 30.25 9.75 28.87
C GLU A 440 29.91 9.77 30.34
N PHE A 441 29.49 8.64 30.90
CA PHE A 441 29.15 8.66 32.31
C PHE A 441 28.98 7.29 32.91
N SER A 442 28.71 7.28 34.22
CA SER A 442 28.46 6.05 34.97
C SER A 442 27.21 6.33 35.81
N LEU A 443 26.53 5.27 36.23
CA LEU A 443 25.33 5.47 37.03
C LEU A 443 25.28 4.52 38.22
N ALA A 444 25.14 5.10 39.40
CA ALA A 444 25.06 4.33 40.64
C ALA A 444 23.81 4.70 41.44
N TYR A 445 23.06 3.66 41.81
CA TYR A 445 21.82 3.82 42.55
C TYR A 445 21.97 3.20 43.94
N GLY A 446 22.34 4.00 44.92
CA GLY A 446 22.51 3.45 46.25
C GLY A 446 23.71 2.53 46.35
N ALA A 447 24.84 2.99 45.81
CA ALA A 447 26.06 2.21 45.86
C ALA A 447 26.08 1.04 44.91
N LYS A 448 24.99 0.84 44.19
CA LYS A 448 24.91 -0.25 43.22
C LYS A 448 25.21 0.33 41.85
N ILE A 449 26.11 -0.31 41.10
CA ILE A 449 26.47 0.23 39.78
C ILE A 449 25.50 -0.25 38.73
N LEU A 450 24.85 0.69 38.06
CA LEU A 450 23.91 0.31 37.03
C LEU A 450 24.59 0.42 35.71
N LEU A 451 25.36 1.48 35.56
CA LEU A 451 26.08 1.69 34.31
C LEU A 451 27.50 2.15 34.64
N ASN A 452 28.47 1.63 33.89
CA ASN A 452 29.86 2.02 34.11
C ASN A 452 30.57 2.47 32.83
N LYS A 453 31.19 3.65 32.90
CA LYS A 453 31.91 4.26 31.77
C LYS A 453 31.26 4.03 30.42
N THR A 454 29.97 4.33 30.34
CA THR A 454 29.20 4.18 29.11
C THR A 454 28.95 5.55 28.53
N GLN A 455 28.27 5.59 27.39
CA GLN A 455 27.98 6.83 26.70
C GLN A 455 26.51 6.97 26.34
N LEU A 456 26.07 8.22 26.17
CA LEU A 456 24.69 8.49 25.81
C LEU A 456 24.58 9.73 24.92
N ARG A 457 24.18 9.53 23.67
CA ARG A 457 24.01 10.63 22.74
C ARG A 457 22.61 10.54 22.14
N LEU A 458 21.85 11.62 22.30
CA LEU A 458 20.48 11.69 21.77
C LEU A 458 20.40 12.82 20.76
N LYS A 459 19.82 12.51 19.60
CA LYS A 459 19.67 13.49 18.52
C LYS A 459 18.31 14.20 18.64
N ARG A 460 18.24 15.46 18.22
CA ARG A 460 17.00 16.24 18.29
C ARG A 460 15.86 15.71 17.42
N ALA A 461 14.65 15.70 17.97
CA ALA A 461 13.43 15.24 17.27
C ALA A 461 13.42 13.74 16.98
N ARG A 462 14.30 13.01 17.64
CA ARG A 462 14.38 11.58 17.44
C ARG A 462 13.65 10.87 18.56
N ARG A 463 13.03 9.73 18.24
CA ARG A 463 12.28 8.96 19.24
C ARG A 463 13.06 7.73 19.71
N TYR A 464 13.25 7.62 21.02
CA TYR A 464 14.00 6.50 21.55
C TYR A 464 13.21 5.62 22.49
N GLY A 465 13.69 4.39 22.63
CA GLY A 465 13.07 3.45 23.53
C GLY A 465 14.23 2.86 24.32
N ILE A 466 14.01 2.61 25.62
CA ILE A 466 15.04 2.03 26.48
C ILE A 466 14.61 0.63 26.91
N CYS A 467 15.45 -0.36 26.60
CA CYS A 467 15.14 -1.74 26.96
C CYS A 467 16.24 -2.37 27.79
N GLY A 468 15.92 -3.51 28.40
CA GLY A 468 16.89 -4.21 29.23
C GLY A 468 16.21 -5.20 30.14
N PRO A 469 16.94 -6.22 30.61
CA PRO A 469 16.33 -7.20 31.50
C PRO A 469 15.72 -6.51 32.70
N ASN A 470 14.54 -6.96 33.07
CA ASN A 470 13.81 -6.38 34.19
C ASN A 470 14.73 -6.18 35.40
N GLY A 471 14.67 -4.98 35.98
CA GLY A 471 15.49 -4.66 37.15
C GLY A 471 16.91 -4.22 36.85
N CYS A 472 17.17 -3.82 35.61
CA CYS A 472 18.50 -3.40 35.18
C CYS A 472 18.74 -1.92 35.39
N GLY A 473 17.72 -1.20 35.82
CA GLY A 473 17.87 0.21 36.04
C GLY A 473 17.29 1.10 34.94
N LYS A 474 16.29 0.60 34.21
CA LYS A 474 15.68 1.40 33.14
C LYS A 474 15.02 2.64 33.68
N SER A 475 14.19 2.49 34.69
CA SER A 475 13.50 3.65 35.26
C SER A 475 14.45 4.58 36.00
N THR A 476 15.45 4.01 36.67
CA THR A 476 16.40 4.84 37.40
C THR A 476 17.12 5.74 36.41
N LEU A 477 17.52 5.18 35.26
CA LEU A 477 18.21 5.98 34.24
C LEU A 477 17.33 7.15 33.80
N MET A 478 16.07 6.88 33.49
CA MET A 478 15.15 7.92 33.06
C MET A 478 14.95 9.01 34.12
N ARG A 479 14.80 8.60 35.37
CA ARG A 479 14.65 9.55 36.44
C ARG A 479 15.90 10.40 36.51
N ALA A 480 17.06 9.74 36.35
CA ALA A 480 18.35 10.44 36.36
C ALA A 480 18.37 11.49 35.28
N ILE A 481 17.96 11.10 34.07
CA ILE A 481 17.92 12.06 32.96
C ILE A 481 16.93 13.17 33.32
N ALA A 482 15.80 12.76 33.88
CA ALA A 482 14.78 13.71 34.29
C ALA A 482 15.27 14.71 35.31
N ASN A 483 16.22 14.31 36.16
CA ASN A 483 16.75 15.20 37.20
C ASN A 483 18.15 15.77 36.91
N GLY A 484 18.72 15.39 35.77
CA GLY A 484 20.03 15.91 35.41
C GLY A 484 21.10 15.39 36.34
N GLN A 485 21.17 14.08 36.48
CA GLN A 485 22.14 13.45 37.34
C GLN A 485 23.01 12.53 36.49
N VAL A 486 23.06 12.85 35.20
CA VAL A 486 23.89 12.10 34.27
C VAL A 486 25.02 13.07 33.98
N ASP A 487 26.25 12.64 34.23
CA ASP A 487 27.39 13.51 34.01
C ASP A 487 27.52 13.96 32.57
N GLY A 488 27.39 15.28 32.39
CA GLY A 488 27.52 15.85 31.08
C GLY A 488 26.20 16.17 30.42
N PHE A 489 25.10 15.95 31.13
CA PHE A 489 23.79 16.23 30.53
C PHE A 489 23.52 17.74 30.60
N PRO A 490 22.83 18.29 29.59
CA PRO A 490 22.52 19.72 29.56
C PRO A 490 21.60 20.10 30.71
N THR A 491 21.61 21.36 31.10
CA THR A 491 20.74 21.82 32.18
C THR A 491 19.36 22.01 31.61
N GLN A 492 18.36 22.11 32.47
CA GLN A 492 16.98 22.29 32.03
C GLN A 492 16.76 23.51 31.16
N GLU A 493 17.62 24.52 31.30
CA GLU A 493 17.45 25.71 30.49
C GLU A 493 17.96 25.46 29.08
N GLU A 494 18.97 24.61 28.96
CA GLU A 494 19.54 24.27 27.67
C GLU A 494 18.71 23.19 26.97
N CYS A 495 18.26 22.20 27.74
CA CYS A 495 17.48 21.10 27.21
C CYS A 495 16.40 20.76 28.22
N ARG A 496 15.17 21.22 27.98
CA ARG A 496 14.06 20.99 28.91
C ARG A 496 13.54 19.54 28.84
N THR A 497 13.57 18.83 29.95
CA THR A 497 13.05 17.47 29.99
C THR A 497 11.74 17.48 30.78
N VAL A 498 10.75 16.71 30.32
CA VAL A 498 9.47 16.59 31.00
C VAL A 498 9.10 15.14 31.20
N TYR A 499 9.20 14.67 32.44
CA TYR A 499 8.88 13.28 32.78
C TYR A 499 7.35 13.27 32.82
N VAL A 500 6.74 12.86 31.71
CA VAL A 500 5.29 12.82 31.60
C VAL A 500 4.58 12.04 32.70
N GLU A 501 3.53 12.65 33.24
CA GLU A 501 2.70 12.08 34.30
C GLU A 501 3.43 11.70 35.59
N HIS A 502 4.68 12.15 35.73
CA HIS A 502 5.43 11.83 36.94
C HIS A 502 5.70 13.05 37.80
N ASP A 503 4.88 14.08 37.65
CA ASP A 503 5.06 15.29 38.44
C ASP A 503 4.28 15.21 39.76
N ILE A 504 4.87 15.72 40.83
CA ILE A 504 4.24 15.71 42.14
C ILE A 504 3.97 17.13 42.63
N ASP A 505 2.74 17.41 43.09
CA ASP A 505 2.40 18.73 43.62
C ASP A 505 1.28 18.59 44.64
N GLY A 506 0.86 19.72 45.21
CA GLY A 506 -0.19 19.67 46.22
C GLY A 506 -1.49 20.31 45.84
N THR A 507 -2.00 20.02 44.65
CA THR A 507 -3.26 20.61 44.22
C THR A 507 -4.44 19.83 44.82
N HIS A 508 -5.47 20.57 45.21
CA HIS A 508 -6.67 19.97 45.79
C HIS A 508 -7.42 19.22 44.70
N SER A 509 -8.06 18.11 45.07
CA SER A 509 -8.82 17.33 44.11
C SER A 509 -9.97 18.21 43.62
N ASP A 510 -10.16 19.32 44.32
CA ASP A 510 -11.21 20.28 44.03
C ASP A 510 -10.82 21.14 42.83
N THR A 511 -9.55 21.56 42.82
CA THR A 511 -8.97 22.42 41.77
C THR A 511 -9.35 22.08 40.33
N SER A 512 -9.60 23.13 39.55
CA SER A 512 -9.98 22.94 38.17
C SER A 512 -8.78 22.60 37.31
N VAL A 513 -9.04 22.01 36.16
CA VAL A 513 -7.99 21.66 35.23
C VAL A 513 -7.20 22.94 34.86
N LEU A 514 -7.91 24.03 34.61
CA LEU A 514 -7.26 25.29 34.26
C LEU A 514 -6.33 25.79 35.36
N ASP A 515 -6.85 25.90 36.57
CA ASP A 515 -6.02 26.37 37.66
C ASP A 515 -4.93 25.38 38.02
N PHE A 516 -5.15 24.09 37.76
CA PHE A 516 -4.14 23.08 38.05
C PHE A 516 -2.87 23.37 37.26
N VAL A 517 -3.04 23.66 35.96
CA VAL A 517 -1.91 23.96 35.06
C VAL A 517 -1.42 25.37 35.35
N PHE A 518 -2.34 26.27 35.64
CA PHE A 518 -1.95 27.64 35.91
C PHE A 518 -0.92 27.68 37.03
N GLU A 519 -1.22 26.97 38.13
CA GLU A 519 -0.34 26.93 39.29
C GLU A 519 1.08 26.47 39.01
N SER A 520 1.29 25.85 37.84
CA SER A 520 2.60 25.35 37.40
C SER A 520 3.45 26.48 36.89
N GLY A 521 2.86 27.67 36.81
CA GLY A 521 3.61 28.80 36.31
C GLY A 521 4.13 28.52 34.91
N VAL A 522 3.23 28.24 33.99
CA VAL A 522 3.62 27.95 32.63
C VAL A 522 3.03 28.93 31.63
N GLY A 523 2.49 30.06 32.10
CA GLY A 523 1.90 31.02 31.19
C GLY A 523 0.52 31.43 31.66
N THR A 524 -0.01 32.52 31.11
CA THR A 524 -1.33 33.04 31.49
C THR A 524 -2.45 32.03 31.28
N LYS A 525 -3.57 32.26 31.96
CA LYS A 525 -4.70 31.36 31.83
C LYS A 525 -5.19 31.35 30.39
N GLU A 526 -5.06 32.49 29.72
CA GLU A 526 -5.50 32.60 28.34
C GLU A 526 -4.68 31.66 27.50
N ALA A 527 -3.36 31.77 27.63
CA ALA A 527 -2.45 30.92 26.89
C ALA A 527 -2.72 29.44 27.14
N ILE A 528 -3.16 29.11 28.35
CA ILE A 528 -3.44 27.74 28.73
C ILE A 528 -4.71 27.21 28.10
N LYS A 529 -5.81 27.97 28.18
CA LYS A 529 -7.05 27.52 27.55
C LYS A 529 -6.78 27.28 26.06
N ASP A 530 -6.02 28.19 25.47
CA ASP A 530 -5.71 28.10 24.06
C ASP A 530 -5.16 26.72 23.74
N LYS A 531 -4.06 26.34 24.39
CA LYS A 531 -3.48 25.03 24.12
C LYS A 531 -4.37 23.89 24.49
N LEU A 532 -5.05 23.95 25.64
CA LEU A 532 -5.93 22.87 26.06
C LEU A 532 -7.06 22.65 25.06
N ILE A 533 -7.58 23.73 24.49
CA ILE A 533 -8.62 23.59 23.50
C ILE A 533 -8.02 22.90 22.27
N GLU A 534 -6.88 23.41 21.81
CA GLU A 534 -6.14 22.87 20.65
C GLU A 534 -5.84 21.38 20.81
N PHE A 535 -5.78 20.93 22.06
CA PHE A 535 -5.49 19.53 22.35
C PHE A 535 -6.76 18.69 22.42
N GLY A 536 -7.91 19.33 22.20
CA GLY A 536 -9.18 18.62 22.25
C GLY A 536 -10.03 18.84 23.48
N PHE A 537 -9.56 19.66 24.43
CA PHE A 537 -10.32 19.95 25.63
C PHE A 537 -11.46 20.89 25.33
N THR A 538 -12.59 20.68 26.01
CA THR A 538 -13.76 21.53 25.81
C THR A 538 -13.82 22.46 27.00
N ASP A 539 -14.58 23.54 26.88
CA ASP A 539 -14.68 24.49 27.97
C ASP A 539 -15.09 23.79 29.27
N GLU A 540 -16.11 22.93 29.17
CA GLU A 540 -16.63 22.17 30.31
C GLU A 540 -15.50 21.49 31.08
N MET A 541 -14.61 20.87 30.35
CA MET A 541 -13.47 20.15 30.93
C MET A 541 -12.42 21.07 31.54
N ILE A 542 -12.13 22.16 30.85
CA ILE A 542 -11.16 23.09 31.35
C ILE A 542 -11.56 23.64 32.72
N ALA A 543 -12.87 23.73 32.97
CA ALA A 543 -13.36 24.27 34.24
C ALA A 543 -13.67 23.24 35.31
N MET A 544 -13.68 21.96 34.94
CA MET A 544 -13.99 20.93 35.92
C MET A 544 -12.79 20.62 36.80
N PRO A 545 -13.03 19.87 37.90
CA PRO A 545 -11.98 19.47 38.85
C PRO A 545 -11.11 18.33 38.28
N ILE A 546 -9.80 18.48 38.41
CA ILE A 546 -8.88 17.48 37.90
C ILE A 546 -9.28 16.08 38.32
N SER A 547 -9.92 15.98 39.47
CA SER A 547 -10.35 14.68 39.99
C SER A 547 -11.30 13.96 39.07
N ALA A 548 -11.71 14.64 38.00
CA ALA A 548 -12.64 13.99 37.10
C ALA A 548 -12.08 13.55 35.75
N LEU A 549 -10.83 13.91 35.46
CA LEU A 549 -10.19 13.51 34.21
C LEU A 549 -10.07 12.00 34.13
N SER A 550 -10.54 11.42 33.04
CA SER A 550 -10.52 9.98 32.88
C SER A 550 -9.30 9.43 32.17
N GLY A 551 -9.46 8.18 31.73
CA GLY A 551 -8.40 7.46 31.04
C GLY A 551 -7.45 8.27 30.20
N GLY A 552 -7.89 8.59 28.99
CA GLY A 552 -7.03 9.32 28.08
C GLY A 552 -6.69 10.76 28.48
N TRP A 553 -7.63 11.48 29.09
CA TRP A 553 -7.41 12.90 29.39
C TRP A 553 -6.28 13.36 30.29
N LYS A 554 -5.82 12.52 31.23
CA LYS A 554 -4.70 12.94 32.09
C LYS A 554 -3.42 12.94 31.21
N MET A 555 -3.31 11.93 30.37
CA MET A 555 -2.20 11.79 29.46
C MET A 555 -2.14 13.00 28.55
N LYS A 556 -3.27 13.29 27.93
CA LYS A 556 -3.40 14.43 27.02
C LYS A 556 -3.05 15.70 27.77
N LEU A 557 -3.56 15.81 29.00
CA LEU A 557 -3.29 16.98 29.81
C LEU A 557 -1.79 17.13 30.05
N ALA A 558 -1.13 16.04 30.38
CA ALA A 558 0.31 16.10 30.64
C ALA A 558 1.06 16.60 29.41
N LEU A 559 0.83 15.95 28.27
CA LEU A 559 1.49 16.31 27.03
C LEU A 559 1.21 17.75 26.66
N ALA A 560 0.02 18.24 27.00
CA ALA A 560 -0.30 19.63 26.70
C ALA A 560 0.60 20.53 27.57
N ARG A 561 0.80 20.12 28.82
CA ARG A 561 1.65 20.87 29.74
C ARG A 561 3.09 20.87 29.22
N ALA A 562 3.50 19.76 28.63
CA ALA A 562 4.85 19.65 28.10
C ALA A 562 5.08 20.71 27.01
N VAL A 563 4.06 20.92 26.17
CA VAL A 563 4.15 21.92 25.12
C VAL A 563 4.28 23.32 25.74
N LEU A 564 3.42 23.63 26.69
CA LEU A 564 3.47 24.92 27.36
C LEU A 564 4.79 25.10 28.11
N ARG A 565 5.42 23.99 28.49
CA ARG A 565 6.69 24.02 29.22
C ARG A 565 7.85 24.12 28.22
N ASN A 566 7.49 24.03 26.93
CA ASN A 566 8.45 24.10 25.82
C ASN A 566 9.50 23.04 25.93
N ALA A 567 9.06 21.82 26.18
CA ALA A 567 9.95 20.67 26.34
C ALA A 567 10.83 20.38 25.11
N ASP A 568 11.96 19.75 25.37
CA ASP A 568 12.88 19.35 24.32
C ASP A 568 12.94 17.83 24.24
N ILE A 569 12.60 17.19 25.36
CA ILE A 569 12.58 15.74 25.47
C ILE A 569 11.39 15.32 26.33
N LEU A 570 10.61 14.37 25.83
CA LEU A 570 9.47 13.85 26.57
C LEU A 570 9.90 12.49 27.09
N LEU A 571 9.85 12.30 28.40
CA LEU A 571 10.23 11.02 28.98
C LEU A 571 8.93 10.30 29.36
N LEU A 572 8.77 9.06 28.89
CA LEU A 572 7.55 8.28 29.21
C LEU A 572 7.89 6.90 29.77
N ASP A 573 7.21 6.53 30.86
CA ASP A 573 7.43 5.24 31.52
C ASP A 573 6.12 4.44 31.56
N GLU A 574 6.00 3.41 30.73
CA GLU A 574 4.77 2.60 30.69
C GLU A 574 3.59 3.54 30.44
N PRO A 575 3.66 4.32 29.36
CA PRO A 575 2.59 5.27 29.03
C PRO A 575 1.27 4.65 28.63
N THR A 576 1.30 3.42 28.14
CA THR A 576 0.06 2.82 27.70
C THR A 576 -0.81 2.24 28.80
N ASN A 577 -0.31 2.22 30.03
CA ASN A 577 -1.09 1.68 31.15
C ASN A 577 -2.37 2.46 31.37
N HIS A 578 -3.45 1.74 31.68
CA HIS A 578 -4.75 2.35 31.91
C HIS A 578 -5.23 3.15 30.71
N LEU A 579 -4.79 2.76 29.52
CA LEU A 579 -5.20 3.47 28.32
C LEU A 579 -5.85 2.51 27.34
N ASP A 580 -7.00 2.88 26.79
CA ASP A 580 -7.68 2.00 25.84
C ASP A 580 -7.07 2.15 24.44
N THR A 581 -7.53 1.33 23.50
CA THR A 581 -6.96 1.36 22.16
C THR A 581 -7.05 2.69 21.41
N VAL A 582 -8.18 3.37 21.48
CA VAL A 582 -8.28 4.65 20.79
C VAL A 582 -7.21 5.62 21.31
N ASN A 583 -7.12 5.71 22.64
CA ASN A 583 -6.18 6.58 23.32
C ASN A 583 -4.72 6.18 23.14
N VAL A 584 -4.46 4.90 22.91
CA VAL A 584 -3.10 4.49 22.69
C VAL A 584 -2.77 4.93 21.25
N ALA A 585 -3.73 4.69 20.35
CA ALA A 585 -3.58 5.07 18.95
C ALA A 585 -3.31 6.56 18.84
N TRP A 586 -4.01 7.31 19.70
CA TRP A 586 -3.89 8.76 19.77
C TRP A 586 -2.46 9.09 20.20
N LEU A 587 -2.01 8.44 21.26
CA LEU A 587 -0.67 8.68 21.78
C LEU A 587 0.38 8.44 20.71
N VAL A 588 0.26 7.30 20.04
CA VAL A 588 1.19 6.94 18.96
C VAL A 588 1.23 8.01 17.88
N ASN A 589 0.07 8.50 17.47
CA ASN A 589 0.03 9.52 16.45
C ASN A 589 0.70 10.79 16.90
N TYR A 590 0.43 11.19 18.16
CA TYR A 590 0.99 12.43 18.69
C TYR A 590 2.50 12.41 18.80
N LEU A 591 3.03 11.33 19.36
CA LEU A 591 4.46 11.21 19.52
C LEU A 591 5.15 11.22 18.16
N ASN A 592 4.57 10.55 17.17
CA ASN A 592 5.17 10.53 15.86
C ASN A 592 5.10 11.87 15.16
N THR A 593 4.22 12.76 15.62
CA THR A 593 4.07 14.06 14.96
C THR A 593 4.32 15.35 15.78
N CYS A 594 4.54 15.24 17.09
CA CYS A 594 4.78 16.44 17.89
C CYS A 594 6.11 17.14 17.56
N GLY A 595 7.02 16.44 16.87
CA GLY A 595 8.29 17.05 16.48
C GLY A 595 9.35 17.11 17.56
N ILE A 596 9.02 16.55 18.72
CA ILE A 596 9.93 16.54 19.86
C ILE A 596 10.51 15.14 20.12
N THR A 597 11.69 15.10 20.74
CA THR A 597 12.31 13.83 21.08
C THR A 597 11.55 13.20 22.24
N SER A 598 11.45 11.88 22.21
CA SER A 598 10.78 11.21 23.30
C SER A 598 11.54 9.93 23.61
N ILE A 599 11.61 9.60 24.88
CA ILE A 599 12.28 8.38 25.31
C ILE A 599 11.22 7.57 26.03
N THR A 600 11.07 6.30 25.65
CA THR A 600 10.03 5.47 26.23
C THR A 600 10.50 4.14 26.83
N ILE A 601 9.83 3.73 27.90
CA ILE A 601 10.10 2.46 28.54
C ILE A 601 8.71 1.84 28.49
N SER A 602 8.57 0.70 27.81
CA SER A 602 7.27 0.07 27.69
C SER A 602 7.27 -1.43 27.42
N HIS A 603 6.48 -2.15 28.21
CA HIS A 603 6.40 -3.59 28.06
C HIS A 603 5.59 -3.98 26.85
N ASP A 604 5.03 -2.98 26.18
CA ASP A 604 4.20 -3.16 24.99
C ASP A 604 5.08 -3.06 23.74
N SER A 605 5.60 -4.16 23.23
CA SER A 605 6.46 -4.10 22.06
C SER A 605 5.77 -3.53 20.81
N VAL A 606 4.46 -3.68 20.73
CA VAL A 606 3.74 -3.14 19.59
C VAL A 606 3.83 -1.63 19.68
N PHE A 607 3.63 -1.08 20.89
CA PHE A 607 3.72 0.36 21.10
C PHE A 607 5.11 0.82 20.67
N LEU A 608 6.14 0.21 21.24
CA LEU A 608 7.50 0.58 20.88
C LEU A 608 7.79 0.52 19.39
N ASP A 609 7.23 -0.45 18.69
CA ASP A 609 7.45 -0.57 17.25
C ASP A 609 6.80 0.58 16.50
N ASN A 610 5.69 1.07 17.04
CA ASN A 610 4.98 2.16 16.39
C ASN A 610 5.56 3.54 16.68
N VAL A 611 6.39 3.62 17.72
CA VAL A 611 6.96 4.90 18.15
C VAL A 611 8.45 5.10 18.02
N CYS A 612 9.23 4.13 18.46
CA CYS A 612 10.67 4.26 18.43
C CYS A 612 11.36 4.17 17.09
N GLU A 613 12.43 4.94 16.94
CA GLU A 613 13.28 4.95 15.75
C GLU A 613 14.64 4.38 16.17
N TYR A 614 14.87 4.36 17.49
CA TYR A 614 16.11 3.82 18.07
C TYR A 614 15.83 3.11 19.38
N ILE A 615 16.70 2.18 19.73
CA ILE A 615 16.56 1.43 20.97
C ILE A 615 17.87 1.49 21.69
N ILE A 616 17.80 1.91 22.95
CA ILE A 616 18.97 1.98 23.81
C ILE A 616 18.80 0.79 24.74
N ASN A 617 19.70 -0.19 24.61
CA ASN A 617 19.60 -1.41 25.39
C ASN A 617 20.65 -1.55 26.46
N TYR A 618 20.25 -2.09 27.60
CA TYR A 618 21.18 -2.33 28.69
C TYR A 618 21.85 -3.66 28.35
N GLU A 619 23.18 -3.63 28.24
CA GLU A 619 23.96 -4.82 27.96
C GLU A 619 25.12 -4.75 28.93
N GLY A 620 24.95 -5.43 30.05
CA GLY A 620 25.95 -5.40 31.09
C GLY A 620 25.76 -4.07 31.81
N LEU A 621 26.84 -3.34 32.01
CA LEU A 621 26.75 -2.04 32.65
C LEU A 621 27.07 -1.04 31.57
N LYS A 622 26.61 -1.34 30.36
CA LYS A 622 26.83 -0.51 29.21
C LYS A 622 25.54 -0.31 28.43
N LEU A 623 25.39 0.89 27.86
CA LEU A 623 24.22 1.17 27.06
C LEU A 623 24.62 0.97 25.60
N ARG A 624 23.86 0.20 24.84
CA ARG A 624 24.17 -0.01 23.42
C ARG A 624 23.00 0.43 22.52
N LYS A 625 23.32 1.32 21.58
CA LYS A 625 22.34 1.89 20.64
C LYS A 625 22.13 1.02 19.42
N TYR A 626 20.88 0.90 18.99
CA TYR A 626 20.51 0.13 17.81
C TYR A 626 19.53 0.99 16.99
N LYS A 627 19.77 1.12 15.69
CA LYS A 627 18.85 1.89 14.87
C LYS A 627 17.67 1.02 14.47
N GLY A 628 16.46 1.47 14.77
CA GLY A 628 15.27 0.69 14.43
C GLY A 628 14.31 0.57 15.59
N ASN A 629 13.14 -0.03 15.37
CA ASN A 629 12.20 -0.18 16.47
C ASN A 629 12.54 -1.42 17.26
N PHE A 630 11.63 -1.80 18.15
CA PHE A 630 11.86 -2.98 18.97
C PHE A 630 12.13 -4.24 18.17
N THR A 631 11.30 -4.49 17.16
CA THR A 631 11.47 -5.66 16.31
C THR A 631 12.82 -5.69 15.60
N GLU A 632 13.23 -4.55 15.03
CA GLU A 632 14.51 -4.47 14.33
C GLU A 632 15.57 -4.71 15.39
N PHE A 633 15.36 -4.14 16.57
CA PHE A 633 16.28 -4.30 17.68
C PHE A 633 16.56 -5.80 17.90
N VAL A 634 15.50 -6.54 18.19
CA VAL A 634 15.61 -7.98 18.43
C VAL A 634 16.36 -8.77 17.35
N LYS A 635 16.25 -8.38 16.09
CA LYS A 635 16.96 -9.08 15.02
C LYS A 635 18.47 -8.94 15.20
N LYS A 636 18.88 -7.80 15.75
CA LYS A 636 20.29 -7.53 15.95
C LYS A 636 20.80 -7.92 17.32
N CYS A 637 19.89 -8.26 18.22
CA CYS A 637 20.28 -8.62 19.58
C CYS A 637 19.35 -9.70 20.13
N PRO A 638 19.66 -10.98 19.85
CA PRO A 638 18.89 -12.15 20.29
C PRO A 638 18.53 -12.19 21.77
N ALA A 639 19.52 -11.91 22.61
CA ALA A 639 19.32 -11.93 24.04
C ALA A 639 18.08 -11.14 24.46
N ALA A 640 17.59 -10.29 23.55
CA ALA A 640 16.42 -9.48 23.83
C ALA A 640 15.13 -10.30 23.84
N LYS A 641 15.13 -11.44 23.16
CA LYS A 641 13.94 -12.29 23.08
C LYS A 641 13.68 -12.95 24.44
N ALA A 642 14.57 -12.71 25.41
CA ALA A 642 14.41 -13.29 26.73
C ALA A 642 14.05 -12.17 27.74
N TYR A 643 13.90 -10.94 27.25
CA TYR A 643 13.53 -9.81 28.10
C TYR A 643 12.08 -9.93 28.50
N GLU A 644 11.56 -8.90 29.15
CA GLU A 644 10.17 -8.88 29.54
C GLU A 644 9.33 -7.93 28.72
N GLU A 645 9.36 -8.13 27.40
CA GLU A 645 8.57 -7.32 26.48
C GLU A 645 7.36 -8.19 26.08
N LEU A 646 6.32 -7.55 25.57
CA LEU A 646 5.12 -8.26 25.16
C LEU A 646 5.44 -9.42 24.20
N SER A 647 6.42 -9.19 23.32
CA SER A 647 6.87 -10.16 22.32
C SER A 647 7.41 -11.48 22.92
N ASN A 648 8.37 -11.34 23.83
CA ASN A 648 9.02 -12.50 24.47
C ASN A 648 8.12 -13.40 25.32
N THR A 649 6.96 -12.90 25.72
CA THR A 649 6.05 -13.68 26.56
C THR A 649 5.55 -14.99 25.92
N ASP A 650 5.98 -16.10 26.52
CA ASP A 650 5.60 -17.45 26.07
C ASP A 650 5.34 -18.37 27.27
N LEU A 651 4.18 -19.03 27.25
CA LEU A 651 3.81 -19.95 28.33
C LEU A 651 3.18 -21.21 27.73
N GLU A 652 2.33 -21.88 28.50
CA GLU A 652 1.70 -23.09 28.00
C GLU A 652 0.37 -22.76 27.35
N PHE A 653 -0.27 -23.77 26.78
CA PHE A 653 -1.54 -23.54 26.08
C PHE A 653 -2.66 -24.55 26.35
N LYS A 654 -3.83 -24.24 25.81
CA LYS A 654 -5.02 -25.08 25.94
C LYS A 654 -5.71 -25.13 24.60
N PHE A 655 -6.25 -26.28 24.23
CA PHE A 655 -6.95 -26.35 22.97
C PHE A 655 -8.38 -25.90 23.25
N PRO A 656 -9.08 -25.36 22.24
CA PRO A 656 -10.45 -24.94 22.50
C PRO A 656 -11.39 -26.13 22.72
N GLU A 657 -12.55 -25.85 23.33
CA GLU A 657 -13.58 -26.86 23.55
C GLU A 657 -14.17 -27.23 22.19
N PRO A 658 -14.35 -28.52 21.92
CA PRO A 658 -14.93 -28.86 20.61
C PRO A 658 -16.30 -28.19 20.41
N GLY A 659 -16.75 -28.09 19.15
CA GLY A 659 -18.03 -27.48 18.85
C GLY A 659 -19.23 -28.35 19.21
N TYR A 660 -20.34 -27.74 19.59
CA TYR A 660 -21.53 -28.48 19.98
C TYR A 660 -21.97 -29.51 18.94
N LEU A 661 -22.46 -30.64 19.44
CA LEU A 661 -22.95 -31.74 18.60
C LEU A 661 -24.26 -32.23 19.18
N GLU A 662 -25.31 -32.19 18.38
CA GLU A 662 -26.60 -32.65 18.86
C GLU A 662 -26.72 -34.18 18.76
N GLY A 663 -27.14 -34.79 19.86
CA GLY A 663 -27.32 -36.23 19.92
C GLY A 663 -26.24 -36.87 20.77
N VAL A 664 -25.25 -36.07 21.14
CA VAL A 664 -24.12 -36.54 21.95
C VAL A 664 -24.21 -36.13 23.41
N LYS A 665 -24.75 -37.03 24.24
CA LYS A 665 -24.92 -36.77 25.66
C LYS A 665 -23.73 -37.21 26.49
N THR A 666 -23.09 -38.30 26.10
CA THR A 666 -21.93 -38.80 26.82
C THR A 666 -20.68 -38.72 25.95
N LYS A 667 -19.53 -38.46 26.58
CA LYS A 667 -18.27 -38.37 25.83
C LYS A 667 -17.84 -39.74 25.32
N GLN A 668 -18.65 -40.76 25.59
CA GLN A 668 -18.35 -42.12 25.14
C GLN A 668 -19.15 -42.50 23.92
N LYS A 669 -20.12 -41.68 23.58
CA LYS A 669 -20.94 -41.95 22.41
C LYS A 669 -19.99 -41.86 21.22
N ALA A 670 -20.14 -42.77 20.27
CA ALA A 670 -19.29 -42.77 19.09
C ALA A 670 -19.75 -41.68 18.13
N ILE A 671 -18.83 -40.82 17.73
CA ILE A 671 -19.16 -39.75 16.79
C ILE A 671 -18.56 -40.13 15.44
N VAL A 672 -17.77 -41.20 15.46
CA VAL A 672 -17.13 -41.77 14.27
C VAL A 672 -17.01 -43.28 14.47
N LYS A 673 -17.65 -44.06 13.60
CA LYS A 673 -17.58 -45.52 13.67
C LYS A 673 -17.48 -46.16 12.29
N VAL A 674 -16.40 -46.90 12.09
CA VAL A 674 -16.12 -47.57 10.82
C VAL A 674 -16.28 -49.09 10.98
N THR A 675 -16.83 -49.74 9.95
CA THR A 675 -17.04 -51.17 10.00
C THR A 675 -16.72 -51.91 8.72
N ASN A 676 -15.99 -53.02 8.88
CA ASN A 676 -15.60 -53.85 7.75
C ASN A 676 -15.02 -52.99 6.67
N MET A 677 -14.17 -52.05 7.08
CA MET A 677 -13.56 -51.14 6.13
C MET A 677 -12.30 -51.73 5.51
N GLU A 678 -12.14 -51.48 4.21
CA GLU A 678 -10.98 -51.99 3.47
C GLU A 678 -10.56 -51.04 2.37
N PHE A 679 -9.25 -50.92 2.18
CA PHE A 679 -8.73 -50.08 1.12
C PHE A 679 -7.72 -50.82 0.24
N GLN A 680 -7.86 -50.69 -1.07
CA GLN A 680 -6.96 -51.33 -2.00
C GLN A 680 -6.64 -50.48 -3.23
N TYR A 681 -5.37 -50.08 -3.38
CA TYR A 681 -4.97 -49.27 -4.53
C TYR A 681 -5.26 -49.98 -5.85
N PRO A 682 -5.93 -49.29 -6.79
CA PRO A 682 -6.19 -49.94 -8.06
C PRO A 682 -4.85 -50.31 -8.69
N GLY A 683 -4.60 -51.60 -8.87
CA GLY A 683 -3.32 -52.00 -9.45
C GLY A 683 -2.51 -52.91 -8.53
N THR A 684 -2.68 -52.76 -7.22
CA THR A 684 -1.95 -53.60 -6.29
C THR A 684 -2.59 -54.99 -6.31
N SER A 685 -1.84 -55.99 -5.86
CA SER A 685 -2.30 -57.38 -5.83
C SER A 685 -3.32 -57.66 -4.73
N LYS A 686 -3.10 -57.05 -3.57
CA LYS A 686 -3.98 -57.24 -2.43
C LYS A 686 -4.13 -55.91 -1.66
N PRO A 687 -5.30 -55.68 -1.02
CA PRO A 687 -5.52 -54.45 -0.26
C PRO A 687 -4.44 -54.19 0.76
N GLN A 688 -4.26 -52.91 1.09
CA GLN A 688 -3.26 -52.50 2.06
C GLN A 688 -3.77 -52.68 3.49
N ILE A 689 -5.09 -52.66 3.63
CA ILE A 689 -5.76 -52.84 4.93
C ILE A 689 -7.12 -53.41 4.64
N THR A 690 -7.60 -54.28 5.53
CA THR A 690 -8.90 -54.90 5.35
C THR A 690 -9.58 -55.28 6.68
N ASP A 691 -10.88 -55.59 6.59
CA ASP A 691 -11.67 -55.93 7.76
C ASP A 691 -11.29 -54.98 8.89
N ILE A 692 -11.39 -53.69 8.60
CA ILE A 692 -11.06 -52.66 9.60
C ILE A 692 -12.31 -52.23 10.34
N ASN A 693 -12.18 -52.10 11.65
CA ASN A 693 -13.28 -51.70 12.52
C ASN A 693 -12.76 -50.89 13.69
N PHE A 694 -13.37 -49.72 13.92
CA PHE A 694 -13.00 -48.87 15.05
C PHE A 694 -14.03 -47.79 15.33
N GLN A 695 -13.95 -47.22 16.53
CA GLN A 695 -14.84 -46.17 16.97
C GLN A 695 -14.09 -45.05 17.70
N CYS A 696 -14.58 -43.82 17.51
CA CYS A 696 -14.00 -42.64 18.13
C CYS A 696 -15.06 -41.81 18.84
N SER A 697 -14.70 -41.25 19.99
CA SER A 697 -15.65 -40.46 20.76
C SER A 697 -14.92 -39.27 21.39
N LEU A 698 -15.68 -38.36 21.99
CA LEU A 698 -15.08 -37.19 22.62
C LEU A 698 -14.16 -37.58 23.79
N SER A 699 -14.17 -38.86 24.14
CA SER A 699 -13.33 -39.34 25.24
C SER A 699 -12.17 -40.19 24.73
N SER A 700 -12.19 -40.53 23.44
CA SER A 700 -11.12 -41.35 22.87
C SER A 700 -9.73 -40.85 23.25
N ARG A 701 -8.82 -41.80 23.38
CA ARG A 701 -7.43 -41.50 23.72
C ARG A 701 -6.61 -42.63 23.11
N ILE A 702 -6.64 -42.66 21.78
CA ILE A 702 -5.98 -43.65 20.96
C ILE A 702 -4.53 -43.37 20.57
N ALA A 703 -3.74 -44.43 20.44
CA ALA A 703 -2.34 -44.32 20.06
C ALA A 703 -2.04 -45.36 18.98
N VAL A 704 -1.80 -44.87 17.76
CA VAL A 704 -1.49 -45.73 16.61
C VAL A 704 0.01 -46.03 16.67
N ILE A 705 0.35 -47.13 17.32
CA ILE A 705 1.73 -47.55 17.51
C ILE A 705 2.24 -48.45 16.40
N GLY A 706 3.49 -48.88 16.52
CA GLY A 706 4.09 -49.77 15.55
C GLY A 706 5.03 -49.08 14.58
N PRO A 707 5.77 -49.85 13.76
CA PRO A 707 6.72 -49.29 12.79
C PRO A 707 5.97 -48.88 11.53
N ASN A 708 6.54 -47.93 10.80
CA ASN A 708 5.93 -47.45 9.55
C ASN A 708 5.75 -48.63 8.62
N GLY A 709 4.62 -48.65 7.93
CA GLY A 709 4.33 -49.75 7.01
C GLY A 709 3.22 -49.41 6.04
N ALA A 710 2.99 -50.31 5.10
CA ALA A 710 1.94 -50.08 4.11
C ALA A 710 0.58 -49.99 4.79
N GLY A 711 0.36 -50.86 5.77
CA GLY A 711 -0.91 -50.88 6.45
C GLY A 711 -1.13 -49.73 7.39
N LYS A 712 -0.16 -49.46 8.25
CA LYS A 712 -0.29 -48.38 9.22
C LYS A 712 -0.54 -46.98 8.61
N SER A 713 0.16 -46.67 7.53
CA SER A 713 -0.01 -45.37 6.89
C SER A 713 -1.38 -45.32 6.24
N THR A 714 -1.68 -46.35 5.45
CA THR A 714 -2.96 -46.38 4.76
C THR A 714 -4.12 -46.22 5.74
N LEU A 715 -3.96 -46.74 6.95
CA LEU A 715 -5.00 -46.61 7.97
C LEU A 715 -5.10 -45.13 8.36
N ILE A 716 -3.95 -44.48 8.45
CA ILE A 716 -3.92 -43.09 8.82
C ILE A 716 -4.57 -42.24 7.75
N ASN A 717 -4.28 -42.62 6.51
CA ASN A 717 -4.79 -41.93 5.34
C ASN A 717 -6.29 -42.02 5.13
N VAL A 718 -6.89 -43.13 5.58
CA VAL A 718 -8.33 -43.27 5.46
C VAL A 718 -8.93 -42.53 6.64
N LEU A 719 -8.30 -42.68 7.80
CA LEU A 719 -8.75 -41.98 9.01
C LEU A 719 -8.83 -40.46 8.81
N THR A 720 -7.77 -39.88 8.26
CA THR A 720 -7.70 -38.44 8.04
C THR A 720 -8.44 -37.92 6.81
N GLY A 721 -9.14 -38.79 6.11
CA GLY A 721 -9.90 -38.35 4.95
C GLY A 721 -9.19 -38.33 3.62
N GLU A 722 -7.87 -38.50 3.61
CA GLU A 722 -7.14 -38.48 2.35
C GLU A 722 -7.59 -39.52 1.32
N LEU A 723 -7.67 -40.77 1.76
CA LEU A 723 -8.05 -41.88 0.89
C LEU A 723 -9.47 -42.38 1.16
N LEU A 724 -10.22 -42.55 0.08
CA LEU A 724 -11.59 -43.01 0.17
C LEU A 724 -11.58 -44.53 0.25
N PRO A 725 -12.10 -45.11 1.34
CA PRO A 725 -12.15 -46.56 1.50
C PRO A 725 -12.75 -47.25 0.28
N THR A 726 -12.16 -48.38 -0.09
CA THR A 726 -12.61 -49.16 -1.25
C THR A 726 -13.85 -49.98 -0.93
N SER A 727 -14.08 -50.23 0.35
CA SER A 727 -15.24 -51.01 0.76
C SER A 727 -15.47 -50.86 2.26
N GLY A 728 -16.72 -51.06 2.67
CA GLY A 728 -17.07 -50.93 4.07
C GLY A 728 -17.93 -49.73 4.35
N GLU A 729 -18.39 -49.63 5.60
CA GLU A 729 -19.25 -48.52 5.98
C GLU A 729 -18.55 -47.51 6.88
N VAL A 730 -18.75 -46.25 6.59
CA VAL A 730 -18.17 -45.20 7.41
C VAL A 730 -19.32 -44.29 7.88
N TYR A 731 -19.24 -43.90 9.13
CA TYR A 731 -20.18 -43.01 9.81
C TYR A 731 -19.46 -41.96 10.61
N THR A 732 -20.05 -40.78 10.63
CA THR A 732 -19.51 -39.63 11.31
C THR A 732 -20.63 -38.61 11.37
N HIS A 733 -20.71 -37.82 12.44
CA HIS A 733 -21.74 -36.80 12.49
C HIS A 733 -21.63 -35.85 11.30
N GLU A 734 -22.75 -35.23 10.91
CA GLU A 734 -22.69 -34.32 9.77
C GLU A 734 -21.67 -33.24 10.07
N ASN A 735 -21.63 -32.85 11.33
CA ASN A 735 -20.76 -31.81 11.83
C ASN A 735 -19.51 -32.22 12.61
N CYS A 736 -19.07 -33.45 12.43
CA CYS A 736 -17.83 -33.86 13.11
C CYS A 736 -16.61 -33.29 12.41
N ARG A 737 -15.73 -32.66 13.18
CA ARG A 737 -14.52 -32.09 12.61
C ARG A 737 -13.26 -32.70 13.22
N ILE A 738 -12.32 -33.05 12.34
CA ILE A 738 -11.05 -33.65 12.72
C ILE A 738 -9.87 -32.76 12.35
N ALA A 739 -9.03 -32.45 13.33
CA ALA A 739 -7.86 -31.61 13.06
C ALA A 739 -6.64 -32.50 12.91
N TYR A 740 -6.04 -32.49 11.74
CA TYR A 740 -4.86 -33.31 11.51
C TYR A 740 -3.58 -32.48 11.67
N ILE A 741 -2.79 -32.81 12.68
CA ILE A 741 -1.54 -32.09 12.96
C ILE A 741 -0.27 -32.75 12.45
N LYS A 742 0.29 -32.20 11.37
CA LYS A 742 1.52 -32.68 10.71
C LYS A 742 2.65 -31.68 10.88
N GLN A 743 3.90 -32.12 10.68
CA GLN A 743 5.01 -31.18 10.82
C GLN A 743 5.06 -30.24 9.62
N HIS A 744 4.46 -30.66 8.51
CA HIS A 744 4.40 -29.85 7.30
C HIS A 744 4.02 -28.39 7.62
N ALA A 745 2.89 -28.19 8.30
CA ALA A 745 2.46 -26.86 8.62
C ALA A 745 3.47 -26.09 9.44
N PHE A 746 4.21 -26.79 10.29
CA PHE A 746 5.17 -26.13 11.15
C PHE A 746 6.35 -25.61 10.36
N ALA A 747 6.78 -26.41 9.40
CA ALA A 747 7.92 -25.99 8.61
C ALA A 747 7.52 -24.97 7.57
N HIS A 748 6.39 -25.22 6.91
CA HIS A 748 5.93 -24.35 5.85
C HIS A 748 5.37 -22.98 6.23
N ILE A 749 5.30 -22.68 7.52
CA ILE A 749 4.80 -21.38 7.90
C ILE A 749 5.86 -20.35 7.51
N GLU A 750 7.08 -20.81 7.22
CA GLU A 750 8.18 -19.92 6.85
C GLU A 750 7.92 -19.22 5.51
N SER A 751 6.84 -19.61 4.85
CA SER A 751 6.45 -19.01 3.58
C SER A 751 5.55 -17.80 3.84
N HIS A 752 5.22 -17.57 5.10
CA HIS A 752 4.34 -16.46 5.50
C HIS A 752 4.89 -15.51 6.59
N LEU A 753 6.20 -15.31 6.64
CA LEU A 753 6.81 -14.47 7.67
C LEU A 753 6.38 -13.02 7.52
N ASP A 754 5.81 -12.73 6.37
CA ASP A 754 5.36 -11.38 6.04
C ASP A 754 3.99 -11.06 6.58
N LYS A 755 3.28 -12.07 7.09
CA LYS A 755 1.93 -11.86 7.63
C LYS A 755 1.85 -11.89 9.12
N THR A 756 0.75 -11.34 9.65
CA THR A 756 0.50 -11.33 11.08
C THR A 756 -0.13 -12.68 11.35
N PRO A 757 0.02 -13.19 12.58
CA PRO A 757 -0.57 -14.51 12.90
C PRO A 757 -2.04 -14.58 12.45
N SER A 758 -2.73 -13.47 12.59
CA SER A 758 -4.14 -13.41 12.21
C SER A 758 -4.37 -13.55 10.71
N GLU A 759 -3.52 -12.94 9.91
CA GLU A 759 -3.65 -13.05 8.47
C GLU A 759 -3.29 -14.47 8.05
N TYR A 760 -2.35 -15.08 8.78
CA TYR A 760 -1.95 -16.45 8.49
C TYR A 760 -3.17 -17.34 8.70
N ILE A 761 -3.86 -17.12 9.82
CA ILE A 761 -5.03 -17.93 10.10
C ILE A 761 -6.11 -17.73 9.06
N GLN A 762 -6.22 -16.51 8.55
CA GLN A 762 -7.19 -16.24 7.50
C GLN A 762 -6.73 -16.98 6.22
N TRP A 763 -5.46 -16.80 5.87
CA TRP A 763 -4.92 -17.43 4.67
C TRP A 763 -5.22 -18.94 4.65
N ARG A 764 -5.06 -19.63 5.78
CA ARG A 764 -5.28 -21.08 5.87
C ARG A 764 -6.81 -21.36 5.93
N PHE A 765 -7.62 -20.39 6.41
CA PHE A 765 -9.05 -20.62 6.59
C PHE A 765 -10.18 -20.07 5.76
N GLN A 766 -10.06 -18.85 5.25
CA GLN A 766 -11.18 -18.23 4.51
C GLN A 766 -11.88 -19.08 3.45
N THR A 767 -11.15 -19.94 2.73
CA THR A 767 -11.81 -20.77 1.72
C THR A 767 -12.90 -21.61 2.40
N GLY A 768 -12.87 -21.69 3.74
CA GLY A 768 -13.86 -22.46 4.49
C GLY A 768 -13.23 -23.75 5.10
N GLU A 769 -12.18 -24.31 4.48
CA GLU A 769 -11.56 -25.51 5.03
C GLU A 769 -10.06 -25.29 5.18
N ASP A 770 -9.42 -26.15 5.97
CA ASP A 770 -7.99 -26.03 6.18
C ASP A 770 -7.20 -26.45 4.94
N ARG A 771 -6.71 -25.48 4.18
CA ARG A 771 -5.96 -25.81 2.97
C ARG A 771 -4.72 -26.66 3.27
N GLU A 772 -4.24 -26.59 4.50
CA GLU A 772 -3.07 -27.36 4.88
C GLU A 772 -3.29 -28.87 4.90
N THR A 773 -4.48 -29.30 5.28
CA THR A 773 -4.78 -30.73 5.39
C THR A 773 -5.86 -31.27 4.46
N MET A 774 -6.79 -30.43 4.05
CA MET A 774 -7.84 -30.88 3.16
C MET A 774 -7.21 -31.14 1.80
N ASP A 775 -7.76 -32.10 1.06
CA ASP A 775 -7.24 -32.44 -0.27
C ASP A 775 -5.74 -32.75 -0.33
N ARG A 776 -5.21 -33.51 0.62
CA ARG A 776 -3.79 -33.84 0.58
C ARG A 776 -3.45 -34.78 -0.56
N ALA A 777 -4.47 -35.42 -1.11
CA ALA A 777 -4.29 -36.36 -2.20
C ALA A 777 -4.39 -35.74 -3.59
N ASN A 778 -4.57 -34.42 -3.65
CA ASN A 778 -4.68 -33.75 -4.95
C ASN A 778 -3.59 -32.74 -5.11
N ARG A 779 -3.32 -32.43 -6.38
CA ARG A 779 -2.23 -31.42 -6.72
C ARG A 779 -2.55 -29.99 -6.26
N GLN A 780 -3.67 -29.53 -6.20
CA GLN A 780 -4.39 -28.32 -5.89
C GLN A 780 -3.70 -27.20 -6.63
N ILE A 781 -2.42 -27.33 -6.89
CA ILE A 781 -1.57 -26.30 -7.58
C ILE A 781 -2.39 -25.45 -8.61
N ASN A 782 -3.61 -25.90 -8.92
CA ASN A 782 -4.49 -25.19 -9.86
C ASN A 782 -5.23 -23.96 -9.24
N GLU A 783 -4.90 -22.78 -9.77
CA GLU A 783 -5.49 -21.50 -9.36
C GLU A 783 -5.61 -20.57 -10.58
N ASN A 784 -4.64 -20.65 -11.49
CA ASN A 784 -4.63 -19.85 -12.71
C ASN A 784 -5.08 -20.79 -13.83
N ASP A 785 -6.21 -21.46 -13.61
CA ASP A 785 -6.72 -22.42 -14.58
C ASP A 785 -8.06 -22.00 -15.21
N ALA A 786 -8.03 -20.94 -15.99
CA ALA A 786 -9.24 -20.48 -16.65
C ALA A 786 -9.71 -21.61 -17.56
N GLU A 787 -8.76 -22.27 -18.21
CA GLU A 787 -9.06 -23.38 -19.12
C GLU A 787 -9.21 -24.74 -18.45
N ALA A 788 -8.47 -24.97 -17.38
CA ALA A 788 -8.55 -26.25 -16.68
C ALA A 788 -9.94 -26.42 -16.07
N MET A 789 -10.80 -25.44 -16.28
CA MET A 789 -12.16 -25.51 -15.78
C MET A 789 -13.06 -26.16 -16.83
N ASN A 790 -12.49 -26.41 -18.01
CA ASN A 790 -13.20 -27.04 -19.11
C ASN A 790 -12.99 -28.53 -19.06
N LYS A 791 -12.52 -29.04 -17.92
CA LYS A 791 -12.30 -30.47 -17.75
C LYS A 791 -13.58 -31.23 -18.10
N ILE A 792 -13.44 -32.36 -18.78
CA ILE A 792 -14.59 -33.16 -19.16
C ILE A 792 -14.87 -34.33 -18.21
N PHE A 793 -16.09 -34.37 -17.68
CA PHE A 793 -16.50 -35.43 -16.75
C PHE A 793 -17.33 -36.49 -17.48
N LYS A 794 -17.01 -37.76 -17.27
CA LYS A 794 -17.76 -38.82 -17.92
C LYS A 794 -18.84 -39.37 -17.01
N ILE A 795 -20.09 -39.02 -17.28
CA ILE A 795 -21.21 -39.46 -16.46
C ILE A 795 -22.28 -40.15 -17.30
N GLU A 796 -22.62 -41.36 -16.91
CA GLU A 796 -23.60 -42.13 -17.64
C GLU A 796 -23.19 -42.23 -19.09
N GLY A 797 -21.88 -42.30 -19.30
CA GLY A 797 -21.33 -42.45 -20.63
C GLY A 797 -21.44 -41.27 -21.57
N THR A 798 -21.65 -40.08 -21.00
CA THR A 798 -21.74 -38.88 -21.81
C THR A 798 -20.71 -37.83 -21.38
N PRO A 799 -20.16 -37.06 -22.34
CA PRO A 799 -19.17 -36.03 -21.99
C PRO A 799 -19.87 -34.80 -21.36
N ARG A 800 -19.35 -34.33 -20.24
CA ARG A 800 -19.96 -33.18 -19.56
C ARG A 800 -18.97 -32.22 -18.90
N ARG A 801 -19.40 -30.96 -18.82
CA ARG A 801 -18.65 -29.89 -18.17
C ARG A 801 -19.50 -29.40 -17.01
N ILE A 802 -18.85 -29.01 -15.93
CA ILE A 802 -19.60 -28.56 -14.78
C ILE A 802 -20.17 -27.17 -15.01
N ALA A 803 -21.50 -27.07 -14.90
CA ALA A 803 -22.21 -25.83 -15.08
C ALA A 803 -22.43 -25.19 -13.71
N GLY A 804 -22.40 -25.99 -12.65
CA GLY A 804 -22.58 -25.44 -11.33
C GLY A 804 -22.57 -26.49 -10.24
N ILE A 805 -22.20 -26.09 -9.02
CA ILE A 805 -22.17 -27.01 -7.90
C ILE A 805 -23.13 -26.38 -6.91
N HIS A 806 -24.10 -27.15 -6.45
CA HIS A 806 -25.13 -26.62 -5.60
C HIS A 806 -25.18 -26.98 -4.15
N SER A 807 -24.91 -28.23 -3.80
CA SER A 807 -24.95 -28.61 -2.39
C SER A 807 -23.87 -29.60 -2.01
N ARG A 808 -23.89 -30.07 -0.77
CA ARG A 808 -22.88 -31.00 -0.28
C ARG A 808 -23.44 -32.03 0.70
N ARG A 809 -22.81 -33.20 0.78
CA ARG A 809 -23.27 -34.24 1.70
C ARG A 809 -22.09 -35.15 2.01
N LYS A 810 -22.14 -35.80 3.18
CA LYS A 810 -21.08 -36.70 3.57
C LYS A 810 -21.18 -37.97 2.75
N PHE A 811 -20.01 -38.48 2.37
CA PHE A 811 -19.88 -39.72 1.61
C PHE A 811 -18.69 -40.41 2.23
N LYS A 812 -18.98 -41.29 3.18
CA LYS A 812 -17.92 -42.02 3.87
C LYS A 812 -17.08 -41.02 4.67
N ASN A 813 -15.80 -40.97 4.36
CA ASN A 813 -14.90 -40.08 5.08
C ASN A 813 -14.61 -38.77 4.35
N THR A 814 -15.50 -38.35 3.46
CA THR A 814 -15.31 -37.10 2.74
C THR A 814 -16.65 -36.50 2.28
N TYR A 815 -16.61 -35.62 1.29
CA TYR A 815 -17.81 -34.97 0.78
C TYR A 815 -18.08 -35.20 -0.69
N GLU A 816 -19.35 -35.23 -1.05
CA GLU A 816 -19.79 -35.38 -2.43
C GLU A 816 -20.46 -34.05 -2.73
N TYR A 817 -20.54 -33.69 -4.01
CA TYR A 817 -21.15 -32.41 -4.36
C TYR A 817 -22.16 -32.51 -5.47
N GLU A 818 -23.33 -31.88 -5.29
CA GLU A 818 -24.36 -31.91 -6.33
C GLU A 818 -23.94 -31.01 -7.46
N CYS A 819 -23.82 -31.56 -8.66
CA CYS A 819 -23.40 -30.78 -9.83
C CYS A 819 -24.40 -30.75 -10.99
N SER A 820 -24.58 -29.58 -11.59
CA SER A 820 -25.44 -29.46 -12.75
C SER A 820 -24.43 -29.51 -13.90
N PHE A 821 -24.86 -29.95 -15.08
CA PHE A 821 -23.92 -30.07 -16.19
C PHE A 821 -24.24 -29.38 -17.50
N LEU A 822 -23.27 -29.49 -18.41
CA LEU A 822 -23.36 -28.98 -19.77
C LEU A 822 -23.00 -30.22 -20.58
N LEU A 823 -23.88 -30.63 -21.48
CA LEU A 823 -23.64 -31.81 -22.31
C LEU A 823 -22.90 -31.45 -23.59
N GLY A 824 -21.84 -32.19 -23.89
CA GLY A 824 -21.09 -31.90 -25.09
C GLY A 824 -21.71 -32.52 -26.32
N GLU A 825 -21.88 -31.73 -27.38
CA GLU A 825 -22.46 -32.24 -28.62
C GLU A 825 -21.57 -31.90 -29.80
N ASN A 826 -21.67 -32.67 -30.89
CA ASN A 826 -20.88 -32.43 -32.10
C ASN A 826 -19.41 -32.23 -31.80
N ILE A 827 -18.94 -32.89 -30.75
CA ILE A 827 -17.56 -32.78 -30.33
C ILE A 827 -16.54 -32.95 -31.45
N GLY A 828 -15.63 -31.99 -31.56
CA GLY A 828 -14.61 -32.03 -32.60
C GLY A 828 -14.99 -31.32 -33.88
N MET A 829 -16.27 -31.03 -34.06
CA MET A 829 -16.75 -30.34 -35.26
C MET A 829 -16.85 -28.83 -35.11
N LYS A 830 -16.99 -28.13 -36.23
CA LYS A 830 -17.09 -26.69 -36.18
C LYS A 830 -18.32 -26.32 -35.36
N SER A 831 -19.30 -27.21 -35.34
CA SER A 831 -20.54 -26.95 -34.61
C SER A 831 -20.61 -27.47 -33.19
N GLU A 832 -19.46 -27.82 -32.62
CA GLU A 832 -19.40 -28.31 -31.25
C GLU A 832 -20.01 -27.29 -30.31
N ARG A 833 -20.79 -27.76 -29.35
CA ARG A 833 -21.41 -26.85 -28.39
C ARG A 833 -21.71 -27.60 -27.11
N TRP A 834 -21.75 -26.87 -26.00
CA TRP A 834 -22.04 -27.47 -24.73
C TRP A 834 -23.34 -26.88 -24.23
N VAL A 835 -24.37 -27.69 -24.30
CA VAL A 835 -25.71 -27.29 -23.92
C VAL A 835 -26.06 -27.58 -22.48
N PRO A 836 -26.70 -26.61 -21.82
CA PRO A 836 -27.07 -26.83 -20.42
C PRO A 836 -28.07 -27.96 -20.32
N MET A 837 -27.85 -28.86 -19.37
CA MET A 837 -28.75 -29.98 -19.16
C MET A 837 -29.78 -29.60 -18.12
N MET A 838 -30.73 -30.49 -17.85
CA MET A 838 -31.77 -30.19 -16.89
C MET A 838 -31.51 -30.78 -15.52
N SER A 839 -32.09 -30.12 -14.51
CA SER A 839 -31.97 -30.51 -13.10
C SER A 839 -31.83 -31.99 -12.94
N VAL A 840 -32.78 -32.70 -13.54
CA VAL A 840 -32.84 -34.16 -13.47
C VAL A 840 -31.51 -34.86 -13.68
N ASP A 841 -30.67 -34.32 -14.56
CA ASP A 841 -29.37 -34.93 -14.85
C ASP A 841 -28.22 -34.56 -13.90
N ASN A 842 -28.53 -33.82 -12.84
CA ASN A 842 -27.49 -33.44 -11.88
C ASN A 842 -26.98 -34.73 -11.30
N ALA A 843 -25.78 -34.71 -10.73
CA ALA A 843 -25.19 -35.91 -10.16
C ALA A 843 -24.21 -35.59 -9.04
N TRP A 844 -24.06 -36.50 -8.08
CA TRP A 844 -23.13 -36.29 -6.95
C TRP A 844 -21.69 -36.66 -7.32
N ILE A 845 -20.77 -35.72 -7.17
CA ILE A 845 -19.38 -35.98 -7.51
C ILE A 845 -18.45 -35.81 -6.33
N PRO A 846 -17.65 -36.84 -6.03
CA PRO A 846 -16.71 -36.79 -4.89
C PRO A 846 -15.82 -35.56 -4.93
N ARG A 847 -15.47 -35.05 -3.76
CA ARG A 847 -14.64 -33.86 -3.68
C ARG A 847 -13.30 -34.00 -4.44
N GLY A 848 -12.70 -35.18 -4.34
CA GLY A 848 -11.44 -35.39 -5.04
C GLY A 848 -11.45 -35.21 -6.55
N GLU A 849 -12.62 -35.36 -7.16
CA GLU A 849 -12.70 -35.22 -8.62
C GLU A 849 -13.04 -33.80 -9.05
N LEU A 850 -13.36 -32.96 -8.07
CA LEU A 850 -13.72 -31.58 -8.37
C LEU A 850 -12.64 -30.54 -8.05
N VAL A 851 -12.10 -30.58 -6.84
CA VAL A 851 -11.13 -29.58 -6.40
C VAL A 851 -10.04 -29.14 -7.37
N GLU A 852 -9.49 -30.06 -8.16
CA GLU A 852 -8.42 -29.70 -9.09
C GLU A 852 -8.80 -28.72 -10.19
N SER A 853 -10.05 -28.80 -10.63
CA SER A 853 -10.54 -27.91 -11.68
C SER A 853 -11.62 -26.93 -11.23
N HIS A 854 -12.24 -27.18 -10.07
CA HIS A 854 -13.30 -26.29 -9.58
C HIS A 854 -13.24 -26.02 -8.11
N SER A 855 -12.07 -25.60 -7.64
CA SER A 855 -11.89 -25.31 -6.23
C SER A 855 -12.82 -24.19 -5.77
N LYS A 856 -12.86 -23.12 -6.57
CA LYS A 856 -13.70 -21.96 -6.26
C LYS A 856 -15.15 -22.32 -6.01
N MET A 857 -15.74 -23.11 -6.91
CA MET A 857 -17.13 -23.49 -6.76
C MET A 857 -17.28 -24.39 -5.56
N VAL A 858 -16.31 -25.27 -5.37
CA VAL A 858 -16.38 -26.16 -4.22
C VAL A 858 -16.39 -25.28 -2.96
N ALA A 859 -15.55 -24.27 -2.94
CA ALA A 859 -15.45 -23.36 -1.80
C ALA A 859 -16.75 -22.64 -1.48
N GLU A 860 -17.36 -22.06 -2.51
CA GLU A 860 -18.59 -21.34 -2.32
C GLU A 860 -19.61 -22.29 -1.74
N VAL A 861 -19.55 -23.56 -2.16
CA VAL A 861 -20.47 -24.55 -1.67
C VAL A 861 -20.18 -24.90 -0.22
N ASP A 862 -18.91 -25.06 0.11
CA ASP A 862 -18.58 -25.39 1.49
C ASP A 862 -19.01 -24.28 2.46
N MET A 863 -18.82 -23.05 2.03
CA MET A 863 -19.21 -21.89 2.82
C MET A 863 -20.70 -21.91 3.14
N LYS A 864 -21.52 -22.17 2.12
CA LYS A 864 -22.95 -22.24 2.32
C LYS A 864 -23.31 -23.27 3.39
N GLU A 865 -22.92 -24.52 3.14
CA GLU A 865 -23.20 -25.63 4.04
C GLU A 865 -22.71 -25.33 5.46
N ALA A 866 -21.56 -24.70 5.53
CA ALA A 866 -21.02 -24.33 6.82
C ALA A 866 -22.08 -23.47 7.52
N LEU A 867 -22.43 -22.37 6.86
CA LEU A 867 -23.42 -21.45 7.38
C LEU A 867 -24.80 -22.05 7.63
N ALA A 868 -25.24 -22.91 6.71
CA ALA A 868 -26.53 -23.57 6.81
C ALA A 868 -26.61 -24.52 8.01
N SER A 869 -25.47 -25.07 8.39
CA SER A 869 -25.40 -25.96 9.54
C SER A 869 -24.90 -25.22 10.78
N GLY A 870 -24.76 -23.91 10.65
CA GLY A 870 -24.33 -23.10 11.78
C GLY A 870 -22.96 -23.47 12.31
N GLN A 871 -22.20 -24.22 11.51
CA GLN A 871 -20.85 -24.61 11.91
C GLN A 871 -19.78 -23.58 11.56
N PHE A 872 -20.12 -22.56 10.79
CA PHE A 872 -19.15 -21.55 10.39
C PHE A 872 -18.71 -20.55 11.45
N ARG A 873 -17.40 -20.47 11.64
CA ARG A 873 -16.81 -19.56 12.60
C ARG A 873 -16.18 -18.45 11.77
N PRO A 874 -16.61 -17.20 12.03
CA PRO A 874 -16.12 -15.99 11.32
C PRO A 874 -14.70 -15.61 11.65
N LEU A 875 -13.91 -15.35 10.60
CA LEU A 875 -12.53 -14.97 10.75
C LEU A 875 -12.38 -13.51 11.16
N THR A 876 -12.94 -13.13 12.31
CA THR A 876 -12.82 -11.76 12.80
C THR A 876 -11.54 -11.62 13.63
N ARG A 877 -10.91 -10.45 13.57
CA ARG A 877 -9.67 -10.24 14.34
C ARG A 877 -9.87 -10.48 15.83
N LYS A 878 -11.06 -10.18 16.33
CA LYS A 878 -11.34 -10.38 17.75
C LYS A 878 -11.40 -11.88 18.07
N GLU A 879 -12.19 -12.62 17.30
CA GLU A 879 -12.31 -14.06 17.52
C GLU A 879 -10.95 -14.76 17.40
N ILE A 880 -10.11 -14.35 16.43
CA ILE A 880 -8.80 -14.97 16.22
C ILE A 880 -7.82 -14.68 17.35
N GLU A 881 -7.93 -13.49 17.93
CA GLU A 881 -7.07 -13.14 19.05
C GLU A 881 -7.50 -13.90 20.28
N GLU A 882 -8.81 -14.07 20.48
CA GLU A 882 -9.34 -14.80 21.62
C GLU A 882 -8.83 -16.24 21.47
N HIS A 883 -9.07 -16.84 20.32
CA HIS A 883 -8.62 -18.21 20.08
C HIS A 883 -7.11 -18.33 20.30
N CYS A 884 -6.33 -17.44 19.69
CA CYS A 884 -4.88 -17.50 19.86
C CYS A 884 -4.41 -17.32 21.31
N SER A 885 -5.22 -16.59 22.10
CA SER A 885 -4.91 -16.36 23.50
C SER A 885 -4.80 -17.70 24.20
N MET A 886 -5.86 -18.51 24.07
CA MET A 886 -5.88 -19.83 24.69
C MET A 886 -4.61 -20.60 24.40
N LEU A 887 -4.10 -20.50 23.18
CA LEU A 887 -2.88 -21.21 22.82
C LEU A 887 -1.61 -20.46 23.17
N GLY A 888 -1.70 -19.55 24.13
CA GLY A 888 -0.52 -18.83 24.59
C GLY A 888 0.04 -17.68 23.78
N LEU A 889 -0.74 -17.10 22.88
CA LEU A 889 -0.25 -15.95 22.13
C LEU A 889 -1.00 -14.68 22.55
N ASP A 890 -0.29 -13.56 22.56
CA ASP A 890 -0.88 -12.29 22.97
C ASP A 890 -1.64 -11.61 21.85
N PRO A 891 -2.83 -11.05 22.15
CA PRO A 891 -3.69 -10.36 21.19
C PRO A 891 -3.01 -9.31 20.31
N GLU A 892 -2.21 -8.46 20.94
CA GLU A 892 -1.53 -7.38 20.21
C GLU A 892 -0.52 -7.89 19.21
N ILE A 893 0.15 -8.96 19.57
CA ILE A 893 1.12 -9.58 18.69
C ILE A 893 0.43 -10.32 17.53
N VAL A 894 -0.74 -10.88 17.82
CA VAL A 894 -1.52 -11.64 16.84
C VAL A 894 -2.10 -10.79 15.73
N SER A 895 -2.49 -9.57 16.06
CA SER A 895 -3.08 -8.71 15.07
C SER A 895 -2.20 -7.59 14.54
N HIS A 896 -1.02 -7.36 15.15
CA HIS A 896 -0.14 -6.28 14.69
C HIS A 896 1.31 -6.63 14.39
N SER A 897 1.76 -7.79 14.87
CA SER A 897 3.14 -8.22 14.65
C SER A 897 3.26 -9.21 13.50
N ARG A 898 4.38 -9.19 12.81
CA ARG A 898 4.57 -10.13 11.71
C ARG A 898 5.19 -11.41 12.24
N ILE A 899 4.72 -12.53 11.72
CA ILE A 899 5.21 -13.84 12.13
C ILE A 899 6.75 -13.93 12.12
N ARG A 900 7.39 -13.17 11.23
CA ARG A 900 8.84 -13.16 11.12
C ARG A 900 9.54 -12.92 12.44
N GLY A 901 8.89 -12.18 13.34
CA GLY A 901 9.47 -11.88 14.63
C GLY A 901 9.24 -12.93 15.70
N LEU A 902 8.42 -13.94 15.42
CA LEU A 902 8.13 -14.97 16.39
C LEU A 902 9.25 -16.00 16.55
N SER A 903 9.26 -16.69 17.68
CA SER A 903 10.26 -17.70 17.97
C SER A 903 9.74 -19.04 17.47
N GLY A 904 10.64 -20.01 17.42
CA GLY A 904 10.25 -21.33 16.99
C GLY A 904 9.09 -21.79 17.85
N GLY A 905 9.21 -21.63 19.16
CA GLY A 905 8.14 -22.05 20.06
C GLY A 905 6.81 -21.35 19.82
N GLN A 906 6.89 -20.04 19.57
CA GLN A 906 5.68 -19.23 19.32
C GLN A 906 5.05 -19.69 18.02
N LYS A 907 5.90 -20.01 17.05
CA LYS A 907 5.41 -20.48 15.77
C LYS A 907 4.68 -21.79 15.97
N VAL A 908 5.08 -22.53 17.00
CA VAL A 908 4.45 -23.80 17.32
C VAL A 908 3.04 -23.50 17.78
N LYS A 909 2.92 -22.54 18.71
CA LYS A 909 1.61 -22.14 19.21
C LYS A 909 0.70 -21.69 18.09
N LEU A 910 1.20 -20.77 17.28
CA LEU A 910 0.44 -20.24 16.15
C LEU A 910 -0.04 -21.33 15.23
N VAL A 911 0.84 -22.26 14.88
CA VAL A 911 0.47 -23.34 13.99
C VAL A 911 -0.56 -24.27 14.61
N LEU A 912 -0.47 -24.49 15.93
CA LEU A 912 -1.44 -25.34 16.64
C LEU A 912 -2.79 -24.61 16.68
N ALA A 913 -2.69 -23.30 16.91
CA ALA A 913 -3.85 -22.43 16.96
C ALA A 913 -4.56 -22.56 15.63
N ALA A 914 -3.77 -22.47 14.56
CA ALA A 914 -4.32 -22.57 13.21
C ALA A 914 -4.96 -23.92 13.07
N GLY A 915 -4.23 -24.96 13.47
CA GLY A 915 -4.74 -26.32 13.35
C GLY A 915 -6.01 -26.64 14.11
N THR A 916 -6.27 -25.88 15.18
CA THR A 916 -7.46 -26.15 15.97
C THR A 916 -8.47 -25.02 15.94
N TRP A 917 -8.40 -24.15 14.95
CA TRP A 917 -9.33 -23.02 14.86
C TRP A 917 -10.80 -23.42 14.63
N GLN A 918 -11.06 -24.51 13.92
CA GLN A 918 -12.46 -24.89 13.71
C GLN A 918 -13.02 -25.67 14.89
N ARG A 919 -12.36 -25.57 16.04
CA ARG A 919 -12.79 -26.27 17.27
C ARG A 919 -13.22 -27.69 16.95
N PRO A 920 -12.25 -28.53 16.52
CA PRO A 920 -12.49 -29.93 16.16
C PRO A 920 -12.89 -30.81 17.33
N HIS A 921 -13.41 -31.99 17.01
CA HIS A 921 -13.86 -32.94 18.01
C HIS A 921 -12.81 -33.99 18.21
N LEU A 922 -12.01 -34.21 17.16
CA LEU A 922 -10.93 -35.18 17.22
C LEU A 922 -9.65 -34.57 16.70
N ILE A 923 -8.60 -34.65 17.51
CA ILE A 923 -7.30 -34.13 17.09
C ILE A 923 -6.39 -35.31 16.80
N VAL A 924 -5.90 -35.40 15.56
CA VAL A 924 -5.01 -36.48 15.17
C VAL A 924 -3.59 -35.97 14.97
N LEU A 925 -2.67 -36.35 15.84
CA LEU A 925 -1.29 -35.88 15.71
C LEU A 925 -0.38 -36.88 15.03
N ASP A 926 0.27 -36.42 13.97
CA ASP A 926 1.18 -37.28 13.23
C ASP A 926 2.61 -37.16 13.77
N GLU A 927 3.02 -38.15 14.55
CA GLU A 927 4.38 -38.18 15.11
C GLU A 927 4.84 -36.82 15.62
N PRO A 928 4.19 -36.30 16.69
CA PRO A 928 4.59 -35.01 17.24
C PRO A 928 5.99 -34.94 17.85
N THR A 929 6.48 -36.06 18.37
CA THR A 929 7.83 -36.09 18.98
C THR A 929 8.93 -36.01 17.94
N ASN A 930 8.58 -36.26 16.68
CA ASN A 930 9.56 -36.24 15.60
C ASN A 930 10.15 -34.85 15.25
N TYR A 931 9.52 -33.77 15.74
CA TYR A 931 9.99 -32.41 15.44
C TYR A 931 9.82 -31.37 16.56
N LEU A 932 9.38 -31.82 17.73
CA LEU A 932 9.17 -30.95 18.90
C LEU A 932 10.16 -31.28 20.02
N ASP A 933 10.83 -30.28 20.57
CA ASP A 933 11.77 -30.56 21.66
C ASP A 933 11.02 -30.96 22.94
N ARG A 934 11.77 -31.40 23.95
CA ARG A 934 11.17 -31.82 25.22
C ARG A 934 10.30 -30.72 25.79
N ASP A 935 10.78 -29.49 25.71
CA ASP A 935 10.03 -28.37 26.22
C ASP A 935 8.65 -28.25 25.57
N SER A 936 8.61 -28.22 24.24
CA SER A 936 7.34 -28.10 23.53
C SER A 936 6.50 -29.34 23.75
N LEU A 937 7.15 -30.50 23.81
CA LEU A 937 6.42 -31.74 24.03
C LEU A 937 5.68 -31.70 25.37
N GLY A 938 6.30 -31.08 26.36
CA GLY A 938 5.67 -31.01 27.67
C GLY A 938 4.33 -30.30 27.60
N ALA A 939 4.37 -29.05 27.15
CA ALA A 939 3.18 -28.24 27.05
C ALA A 939 2.12 -28.93 26.21
N LEU A 940 2.55 -29.63 25.16
CA LEU A 940 1.58 -30.31 24.29
C LEU A 940 0.92 -31.44 25.05
N SER A 941 1.71 -32.13 25.86
CA SER A 941 1.23 -33.25 26.64
C SER A 941 0.08 -32.87 27.59
N LYS A 942 0.26 -31.79 28.34
CA LYS A 942 -0.76 -31.32 29.27
C LYS A 942 -2.03 -30.88 28.55
N ALA A 943 -1.84 -30.19 27.43
CA ALA A 943 -2.95 -29.69 26.62
C ALA A 943 -3.82 -30.83 26.09
N LEU A 944 -3.17 -31.93 25.74
CA LEU A 944 -3.84 -33.13 25.22
C LEU A 944 -4.54 -33.90 26.33
N LYS A 945 -4.01 -33.80 27.54
CA LYS A 945 -4.62 -34.49 28.67
C LYS A 945 -5.93 -33.78 28.98
N GLU A 946 -5.91 -32.45 28.94
CA GLU A 946 -7.08 -31.65 29.26
C GLU A 946 -8.07 -31.42 28.12
N PHE A 947 -7.72 -31.88 26.92
CA PHE A 947 -8.59 -31.70 25.77
C PHE A 947 -9.95 -32.38 25.92
N GLU A 948 -11.02 -31.60 25.80
CA GLU A 948 -12.39 -32.11 25.94
C GLU A 948 -12.85 -32.90 24.72
N GLY A 949 -11.96 -33.12 23.77
CA GLY A 949 -12.31 -33.88 22.59
C GLY A 949 -11.47 -35.14 22.47
N GLY A 950 -11.75 -35.96 21.47
CA GLY A 950 -10.97 -37.18 21.30
C GLY A 950 -9.55 -36.90 20.84
N VAL A 951 -8.63 -37.80 21.16
CA VAL A 951 -7.22 -37.66 20.77
C VAL A 951 -6.62 -38.93 20.18
N ILE A 952 -6.01 -38.80 19.00
CA ILE A 952 -5.38 -39.92 18.33
C ILE A 952 -3.95 -39.55 18.04
N ILE A 953 -3.01 -40.16 18.76
CA ILE A 953 -1.60 -39.85 18.57
C ILE A 953 -0.83 -40.94 17.81
N ILE A 954 -0.26 -40.58 16.67
CA ILE A 954 0.52 -41.53 15.88
C ILE A 954 1.98 -41.33 16.27
N THR A 955 2.57 -42.32 16.92
CA THR A 955 3.95 -42.19 17.39
C THR A 955 4.69 -43.51 17.48
N HIS A 956 5.96 -43.41 17.85
CA HIS A 956 6.84 -44.56 18.03
C HIS A 956 7.30 -44.53 19.50
N SER A 957 7.18 -43.34 20.10
CA SER A 957 7.57 -43.11 21.48
C SER A 957 6.51 -43.59 22.47
N ALA A 958 6.87 -44.61 23.24
CA ALA A 958 5.96 -45.18 24.24
C ALA A 958 5.94 -44.24 25.42
N GLU A 959 7.08 -43.66 25.70
CA GLU A 959 7.21 -42.73 26.80
C GLU A 959 6.17 -41.61 26.64
N PHE A 960 5.93 -41.18 25.40
CA PHE A 960 4.98 -40.12 25.08
C PHE A 960 3.52 -40.55 25.16
N THR A 961 3.28 -41.85 24.98
CA THR A 961 1.92 -42.38 25.03
C THR A 961 1.45 -42.72 26.44
N LYS A 962 2.40 -42.96 27.34
CA LYS A 962 2.06 -43.28 28.72
C LYS A 962 1.41 -42.10 29.46
N ASN A 963 0.36 -42.39 30.22
CA ASN A 963 -0.36 -41.39 30.98
C ASN A 963 -1.12 -40.41 30.09
N LEU A 964 -1.17 -40.74 28.80
CA LEU A 964 -1.85 -39.92 27.80
C LEU A 964 -2.91 -40.71 27.05
N THR A 965 -2.52 -41.84 26.49
CA THR A 965 -3.44 -42.69 25.75
C THR A 965 -3.86 -43.93 26.54
N GLU A 966 -4.82 -44.68 26.01
CA GLU A 966 -5.27 -45.87 26.68
C GLU A 966 -5.70 -46.95 25.68
N GLU A 967 -6.12 -46.52 24.49
CA GLU A 967 -6.52 -47.45 23.45
C GLU A 967 -5.32 -47.57 22.51
N VAL A 968 -5.23 -48.71 21.83
CA VAL A 968 -4.12 -48.92 20.92
C VAL A 968 -4.52 -49.55 19.60
N TRP A 969 -3.99 -48.96 18.54
CA TRP A 969 -4.21 -49.39 17.18
C TRP A 969 -2.86 -49.87 16.66
N ALA A 970 -2.86 -51.07 16.07
CA ALA A 970 -1.66 -51.70 15.51
C ALA A 970 -2.04 -52.56 14.28
N VAL A 971 -1.37 -52.31 13.16
CA VAL A 971 -1.65 -53.03 11.93
C VAL A 971 -0.65 -54.16 11.69
N LYS A 972 -1.18 -55.38 11.60
CA LYS A 972 -0.37 -56.56 11.35
C LYS A 972 -0.99 -57.26 10.14
N ASP A 973 -0.22 -57.41 9.07
CA ASP A 973 -0.68 -58.08 7.85
C ASP A 973 -1.96 -57.46 7.30
N GLY A 974 -1.95 -56.14 7.14
CA GLY A 974 -3.11 -55.44 6.62
C GLY A 974 -4.39 -55.50 7.44
N ARG A 975 -4.27 -55.88 8.71
CA ARG A 975 -5.43 -55.96 9.60
C ARG A 975 -5.09 -55.39 10.97
N MET A 976 -6.11 -55.19 11.79
CA MET A 976 -5.91 -54.66 13.14
C MET A 976 -7.19 -54.78 13.97
N THR A 977 -7.01 -54.79 15.29
CA THR A 977 -8.13 -54.90 16.21
C THR A 977 -7.94 -54.00 17.44
N PRO A 978 -8.92 -53.12 17.68
CA PRO A 978 -8.91 -52.17 18.81
C PRO A 978 -8.81 -52.86 20.18
N SER A 979 -7.67 -53.08 20.64
N HIS B 3 -15.37 50.79 -21.56
CA HIS B 3 -15.31 50.86 -20.07
C HIS B 3 -14.98 52.28 -19.66
N HIS B 4 -14.23 52.39 -18.57
CA HIS B 4 -13.76 53.66 -18.06
C HIS B 4 -12.29 53.34 -17.85
N HIS B 5 -11.37 54.17 -18.35
CA HIS B 5 -9.93 53.95 -18.19
C HIS B 5 -9.53 53.87 -16.75
N HIS B 6 -8.61 52.94 -16.45
CA HIS B 6 -8.18 52.75 -15.07
C HIS B 6 -6.67 53.05 -14.94
N SER B 7 -6.37 54.27 -14.50
CA SER B 7 -5.02 54.78 -14.38
C SER B 7 -3.92 53.88 -13.84
N ASP B 8 -4.09 53.44 -12.60
CA ASP B 8 -3.12 52.59 -11.92
C ASP B 8 -2.82 51.39 -12.81
N SER B 9 -3.83 50.95 -13.55
CA SER B 9 -3.71 49.82 -14.46
C SER B 9 -2.82 50.18 -15.65
N GLN B 10 -2.93 51.42 -16.14
CA GLN B 10 -2.12 51.88 -17.26
C GLN B 10 -0.64 51.95 -16.81
N GLN B 11 -0.45 52.28 -15.54
CA GLN B 11 0.87 52.38 -14.96
C GLN B 11 1.52 50.98 -15.06
N SER B 12 0.72 49.93 -14.94
CA SER B 12 1.27 48.58 -15.02
C SER B 12 1.89 48.32 -16.38
N ILE B 13 1.26 48.80 -17.43
CA ILE B 13 1.80 48.57 -18.75
C ILE B 13 3.17 49.20 -18.89
N LYS B 14 3.36 50.36 -18.27
CA LYS B 14 4.63 51.07 -18.31
C LYS B 14 5.71 50.33 -17.51
N VAL B 15 5.36 49.85 -16.31
CA VAL B 15 6.31 49.10 -15.46
C VAL B 15 6.83 47.85 -16.20
N LEU B 16 5.92 47.07 -16.77
CA LEU B 16 6.33 45.89 -17.51
C LEU B 16 7.26 46.28 -18.66
N GLU B 17 7.08 47.47 -19.24
CA GLU B 17 7.94 47.93 -20.35
C GLU B 17 9.34 48.20 -19.84
N GLU B 18 9.43 48.85 -18.67
CA GLU B 18 10.71 49.13 -18.07
C GLU B 18 11.34 47.79 -17.65
N LEU B 19 10.53 46.90 -17.09
CA LEU B 19 11.09 45.61 -16.70
C LEU B 19 11.57 44.81 -17.91
N PHE B 20 10.84 44.84 -19.03
CA PHE B 20 11.27 44.09 -20.23
C PHE B 20 12.56 44.64 -20.81
N GLN B 21 12.71 45.94 -20.79
CA GLN B 21 13.91 46.57 -21.31
C GLN B 21 15.11 46.08 -20.50
N LYS B 22 14.94 45.94 -19.19
CA LYS B 22 16.05 45.48 -18.36
C LYS B 22 16.35 44.02 -18.68
N LEU B 23 15.30 43.24 -18.88
CA LEU B 23 15.41 41.82 -19.18
C LEU B 23 16.17 41.51 -20.47
N SER B 24 15.76 42.12 -21.58
CA SER B 24 16.42 41.87 -22.86
C SER B 24 17.91 42.18 -22.84
N VAL B 25 18.33 42.94 -21.84
CA VAL B 25 19.73 43.32 -21.70
C VAL B 25 20.43 42.41 -20.69
N ALA B 26 19.65 41.75 -19.84
CA ALA B 26 20.24 40.88 -18.81
C ALA B 26 21.28 39.89 -19.32
N THR B 27 22.24 39.60 -18.45
CA THR B 27 23.30 38.66 -18.78
C THR B 27 23.12 37.45 -17.88
N ALA B 28 23.74 36.33 -18.24
CA ALA B 28 23.62 35.12 -17.46
C ALA B 28 23.88 35.38 -15.97
N ASP B 29 24.52 36.50 -15.65
CA ASP B 29 24.83 36.83 -14.26
C ASP B 29 23.61 37.33 -13.51
N ASN B 30 22.99 38.38 -14.03
CA ASN B 30 21.82 38.99 -13.41
C ASN B 30 20.49 38.50 -13.99
N ARG B 31 20.55 37.50 -14.86
CA ARG B 31 19.36 36.98 -15.51
C ARG B 31 18.25 36.63 -14.55
N HIS B 32 18.52 35.73 -13.61
CA HIS B 32 17.51 35.32 -12.66
C HIS B 32 16.93 36.45 -11.83
N GLU B 33 17.75 37.45 -11.49
CA GLU B 33 17.25 38.55 -10.69
C GLU B 33 16.07 39.28 -11.31
N ILE B 34 16.22 39.70 -12.57
CA ILE B 34 15.12 40.41 -13.21
C ILE B 34 13.98 39.49 -13.62
N ALA B 35 14.32 38.24 -13.93
CA ALA B 35 13.32 37.26 -14.28
C ALA B 35 12.34 37.17 -13.10
N SER B 36 12.91 37.14 -11.90
CA SER B 36 12.11 37.08 -10.70
C SER B 36 11.27 38.33 -10.55
N GLU B 37 11.83 39.47 -10.94
CA GLU B 37 11.14 40.76 -10.86
C GLU B 37 9.91 40.73 -11.77
N VAL B 38 10.16 40.38 -13.04
CA VAL B 38 9.13 40.29 -14.04
C VAL B 38 8.04 39.39 -13.53
N ALA B 39 8.45 38.26 -12.96
CA ALA B 39 7.54 37.28 -12.45
C ALA B 39 6.59 37.79 -11.35
N SER B 40 7.17 38.30 -10.26
CA SER B 40 6.37 38.80 -9.13
C SER B 40 5.37 39.87 -9.54
N PHE B 41 5.75 40.68 -10.51
CA PHE B 41 4.87 41.75 -10.95
C PHE B 41 3.78 41.25 -11.85
N LEU B 42 4.15 40.56 -12.93
CA LEU B 42 3.17 40.08 -13.88
C LEU B 42 2.07 39.21 -13.29
N ASN B 43 2.38 38.48 -12.22
CA ASN B 43 1.38 37.61 -11.61
C ASN B 43 0.44 38.28 -10.60
N GLY B 44 0.55 39.59 -10.43
CA GLY B 44 -0.28 40.31 -9.48
C GLY B 44 -1.54 40.86 -10.13
N ASN B 45 -2.45 41.41 -9.33
CA ASN B 45 -3.70 41.96 -9.86
C ASN B 45 -3.31 43.30 -10.51
N ILE B 46 -2.56 43.21 -11.61
CA ILE B 46 -2.05 44.41 -12.24
C ILE B 46 -2.81 45.08 -13.34
N ILE B 47 -3.73 44.38 -14.01
CA ILE B 47 -4.45 45.05 -15.10
C ILE B 47 -5.94 44.83 -15.01
N GLU B 48 -6.69 45.88 -15.22
CA GLU B 48 -8.15 45.82 -15.12
C GLU B 48 -8.79 45.27 -16.37
N HIS B 49 -9.33 44.07 -16.26
CA HIS B 49 -10.03 43.39 -17.35
C HIS B 49 -9.32 43.43 -18.69
N ASP B 50 -8.04 43.09 -18.71
CA ASP B 50 -7.31 43.07 -19.96
C ASP B 50 -5.96 42.33 -19.82
N VAL B 51 -5.15 42.34 -20.87
CA VAL B 51 -3.85 41.67 -20.81
C VAL B 51 -2.74 42.58 -21.30
N PRO B 52 -1.53 42.39 -20.77
CA PRO B 52 -0.43 43.24 -21.22
C PRO B 52 0.01 42.73 -22.62
N GLU B 53 -0.86 42.97 -23.60
CA GLU B 53 -0.70 42.54 -24.99
C GLU B 53 0.67 42.70 -25.63
N HIS B 54 1.20 43.92 -25.58
CA HIS B 54 2.52 44.17 -26.15
C HIS B 54 3.63 43.41 -25.43
N PHE B 55 3.53 43.30 -24.10
CA PHE B 55 4.53 42.57 -23.32
C PHE B 55 4.64 41.11 -23.77
N PHE B 56 3.50 40.46 -23.95
CA PHE B 56 3.55 39.06 -24.39
C PHE B 56 4.10 38.96 -25.80
N GLY B 57 3.92 40.02 -26.56
CA GLY B 57 4.43 40.05 -27.92
C GLY B 57 5.93 40.18 -27.91
N GLU B 58 6.44 41.05 -27.02
CA GLU B 58 7.89 41.25 -26.90
C GLU B 58 8.56 39.96 -26.44
N LEU B 59 7.87 39.26 -25.54
CA LEU B 59 8.37 38.03 -24.96
C LEU B 59 8.48 36.97 -26.03
N ALA B 60 7.43 36.89 -26.85
CA ALA B 60 7.41 35.92 -27.90
C ALA B 60 8.47 36.24 -28.92
N LYS B 61 8.67 37.52 -29.19
CA LYS B 61 9.65 37.90 -30.17
C LYS B 61 11.07 37.68 -29.64
N GLY B 62 11.23 37.77 -28.32
CA GLY B 62 12.53 37.59 -27.72
C GLY B 62 12.90 36.13 -27.60
N ILE B 63 11.88 35.28 -27.48
CA ILE B 63 12.14 33.87 -27.35
C ILE B 63 12.67 33.35 -28.68
N LYS B 64 12.18 33.94 -29.77
CA LYS B 64 12.55 33.53 -31.12
C LYS B 64 13.87 34.14 -31.60
N ASP B 65 14.51 34.92 -30.75
CA ASP B 65 15.75 35.58 -31.14
C ASP B 65 16.96 35.08 -30.35
N LYS B 66 17.96 34.58 -31.08
CA LYS B 66 19.18 34.05 -30.48
C LYS B 66 19.71 34.87 -29.31
N LYS B 67 19.92 36.15 -29.57
CA LYS B 67 20.47 37.09 -28.60
C LYS B 67 19.68 37.23 -27.30
N THR B 68 18.37 36.98 -27.35
CA THR B 68 17.55 37.13 -26.15
C THR B 68 16.75 35.90 -25.73
N ALA B 69 16.87 34.82 -26.48
CA ALA B 69 16.16 33.59 -26.16
C ALA B 69 16.31 33.19 -24.68
N ALA B 70 17.54 33.04 -24.24
CA ALA B 70 17.80 32.65 -22.86
C ALA B 70 17.10 33.56 -21.85
N ASN B 71 17.27 34.87 -21.99
CA ASN B 71 16.65 35.81 -21.08
C ASN B 71 15.15 35.68 -21.06
N ALA B 72 14.55 35.75 -22.24
CA ALA B 72 13.11 35.67 -22.37
C ALA B 72 12.56 34.37 -21.80
N MET B 73 13.17 33.25 -22.12
CA MET B 73 12.67 32.00 -21.58
C MET B 73 12.83 31.93 -20.09
N GLN B 74 13.94 32.44 -19.57
CA GLN B 74 14.15 32.38 -18.14
C GLN B 74 13.06 33.16 -17.43
N ALA B 75 12.57 34.20 -18.10
CA ALA B 75 11.51 35.00 -17.51
C ALA B 75 10.26 34.12 -17.47
N VAL B 76 9.95 33.46 -18.59
CA VAL B 76 8.79 32.58 -18.66
C VAL B 76 8.84 31.52 -17.53
N ALA B 77 10.03 31.00 -17.26
CA ALA B 77 10.22 30.00 -16.22
C ALA B 77 9.85 30.52 -14.85
N HIS B 78 10.28 31.74 -14.53
CA HIS B 78 9.98 32.32 -13.23
C HIS B 78 8.50 32.67 -13.15
N ILE B 79 7.92 33.04 -14.29
CA ILE B 79 6.51 33.40 -14.36
C ILE B 79 5.67 32.16 -14.11
N ALA B 80 6.18 31.02 -14.55
CA ALA B 80 5.50 29.76 -14.39
C ALA B 80 6.04 29.01 -13.19
N ASN B 81 5.85 29.57 -11.99
CA ASN B 81 6.34 28.84 -10.84
C ASN B 81 5.13 28.09 -10.27
N GLN B 82 5.43 27.01 -9.56
CA GLN B 82 4.41 26.15 -8.98
C GLN B 82 3.32 26.68 -8.05
N SER B 83 3.48 27.87 -7.48
CA SER B 83 2.46 28.35 -6.54
C SER B 83 1.90 29.72 -6.81
N ASN B 84 2.40 30.37 -7.87
CA ASN B 84 1.96 31.72 -8.12
C ASN B 84 1.61 32.11 -9.56
N LEU B 85 1.45 31.16 -10.48
CA LEU B 85 1.10 31.53 -11.88
C LEU B 85 -0.35 32.00 -11.86
N SER B 86 -0.60 33.21 -12.36
CA SER B 86 -1.95 33.77 -12.35
C SER B 86 -2.79 33.40 -13.56
N PRO B 87 -4.06 33.07 -13.35
CA PRO B 87 -4.85 32.71 -14.53
C PRO B 87 -4.96 33.82 -15.56
N SER B 88 -4.65 35.05 -15.17
CA SER B 88 -4.72 36.18 -16.08
C SER B 88 -3.61 36.13 -17.13
N VAL B 89 -2.62 35.30 -16.86
CA VAL B 89 -1.46 35.17 -17.71
C VAL B 89 -1.31 33.76 -18.25
N GLU B 90 -1.75 32.77 -17.47
CA GLU B 90 -1.60 31.37 -17.86
C GLU B 90 -1.80 31.04 -19.33
N PRO B 91 -2.98 31.34 -19.89
CA PRO B 91 -3.21 31.01 -21.31
C PRO B 91 -2.23 31.61 -22.33
N TYR B 92 -1.70 32.78 -22.00
CA TYR B 92 -0.72 33.49 -22.83
C TYR B 92 0.65 32.84 -22.74
N ILE B 93 0.95 32.26 -21.59
CA ILE B 93 2.21 31.58 -21.34
C ILE B 93 2.21 30.29 -22.15
N VAL B 94 1.13 29.53 -22.02
CA VAL B 94 1.01 28.26 -22.73
C VAL B 94 1.10 28.50 -24.22
N GLN B 95 0.53 29.60 -24.69
CA GLN B 95 0.56 29.93 -26.11
C GLN B 95 2.01 30.00 -26.63
N LEU B 96 2.96 30.22 -25.72
CA LEU B 96 4.37 30.32 -26.07
C LEU B 96 5.10 28.97 -26.12
N VAL B 97 4.43 27.90 -25.70
CA VAL B 97 5.09 26.60 -25.69
C VAL B 97 5.68 26.17 -27.02
N PRO B 98 4.94 26.34 -28.12
CA PRO B 98 5.52 25.91 -29.39
C PRO B 98 6.91 26.46 -29.66
N ALA B 99 7.07 27.77 -29.51
CA ALA B 99 8.35 28.38 -29.74
C ALA B 99 9.39 27.86 -28.76
N ILE B 100 9.00 27.69 -27.50
CA ILE B 100 9.91 27.16 -26.47
C ILE B 100 10.39 25.76 -26.81
N CYS B 101 9.54 24.97 -27.46
CA CYS B 101 9.88 23.60 -27.87
C CYS B 101 10.95 23.64 -28.94
N THR B 102 10.77 24.52 -29.91
CA THR B 102 11.71 24.68 -31.00
C THR B 102 13.11 24.98 -30.45
N ASN B 103 13.19 25.87 -29.46
CA ASN B 103 14.46 26.22 -28.83
C ASN B 103 15.09 25.02 -28.09
N ALA B 104 14.27 24.04 -27.72
CA ALA B 104 14.79 22.87 -27.01
C ALA B 104 15.62 22.04 -27.97
N GLY B 105 15.57 22.40 -29.24
CA GLY B 105 16.35 21.69 -30.24
C GLY B 105 17.39 22.58 -30.85
N ASN B 106 17.69 23.70 -30.20
CA ASN B 106 18.67 24.65 -30.71
C ASN B 106 20.12 24.20 -30.52
N LYS B 107 20.95 24.42 -31.54
CA LYS B 107 22.35 24.03 -31.50
C LYS B 107 23.06 24.63 -30.28
N ASP B 108 22.64 25.81 -29.86
CA ASP B 108 23.25 26.49 -28.72
C ASP B 108 23.02 25.79 -27.38
N LYS B 109 24.11 25.39 -26.75
CA LYS B 109 24.07 24.70 -25.49
C LYS B 109 23.22 25.36 -24.41
N GLU B 110 23.31 26.68 -24.31
CA GLU B 110 22.58 27.42 -23.30
C GLU B 110 21.11 27.57 -23.63
N ILE B 111 20.80 27.98 -24.86
CA ILE B 111 19.41 28.13 -25.26
C ILE B 111 18.69 26.79 -25.14
N GLN B 112 19.32 25.72 -25.60
CA GLN B 112 18.74 24.37 -25.54
C GLN B 112 18.39 23.95 -24.11
N SER B 113 19.30 24.22 -23.19
CA SER B 113 19.13 23.88 -21.79
C SER B 113 18.05 24.69 -21.08
N VAL B 114 18.00 25.98 -21.37
CA VAL B 114 16.99 26.82 -20.72
C VAL B 114 15.59 26.41 -21.19
N ALA B 115 15.47 26.05 -22.45
CA ALA B 115 14.17 25.68 -22.98
C ALA B 115 13.64 24.47 -22.24
N SER B 116 14.44 23.41 -22.25
CA SER B 116 14.11 22.14 -21.63
C SER B 116 13.57 22.33 -20.24
N GLU B 117 14.24 23.20 -19.49
CA GLU B 117 13.88 23.51 -18.13
C GLU B 117 12.55 24.27 -18.10
N THR B 118 12.40 25.23 -19.00
CA THR B 118 11.18 26.02 -19.04
C THR B 118 9.93 25.17 -19.26
N LEU B 119 10.03 24.19 -20.16
CA LEU B 119 8.90 23.33 -20.44
C LEU B 119 8.48 22.61 -19.16
N ILE B 120 9.46 22.15 -18.38
CA ILE B 120 9.14 21.47 -17.13
C ILE B 120 8.44 22.45 -16.19
N SER B 121 8.92 23.69 -16.20
CA SER B 121 8.36 24.73 -15.35
C SER B 121 6.90 25.01 -15.67
N ILE B 122 6.57 25.12 -16.95
CA ILE B 122 5.20 25.38 -17.34
C ILE B 122 4.30 24.18 -17.03
N VAL B 123 4.80 22.97 -17.29
CA VAL B 123 4.01 21.77 -17.02
C VAL B 123 3.64 21.72 -15.55
N ASN B 124 4.58 22.08 -14.67
CA ASN B 124 4.34 22.07 -13.23
C ASN B 124 3.62 23.33 -12.70
N ALA B 125 3.32 24.29 -13.57
CA ALA B 125 2.66 25.51 -13.10
C ALA B 125 1.18 25.66 -13.51
N VAL B 126 0.81 25.19 -14.70
CA VAL B 126 -0.56 25.32 -15.17
C VAL B 126 -1.62 24.59 -14.29
N ASN B 127 -2.88 24.96 -14.47
CA ASN B 127 -3.98 24.32 -13.78
C ASN B 127 -4.00 22.93 -14.41
N PRO B 128 -3.82 21.88 -13.61
CA PRO B 128 -3.81 20.51 -14.15
C PRO B 128 -4.98 20.22 -15.06
N VAL B 129 -6.09 20.87 -14.76
CA VAL B 129 -7.32 20.69 -15.50
C VAL B 129 -7.23 21.23 -16.94
N ALA B 130 -6.28 22.11 -17.21
CA ALA B 130 -6.15 22.69 -18.54
C ALA B 130 -5.24 21.88 -19.46
N ILE B 131 -4.96 20.64 -19.08
CA ILE B 131 -4.10 19.76 -19.88
C ILE B 131 -4.39 19.76 -21.38
N LYS B 132 -5.65 19.65 -21.76
CA LYS B 132 -5.97 19.60 -23.18
C LYS B 132 -5.50 20.80 -23.99
N ALA B 133 -5.03 21.85 -23.32
CA ALA B 133 -4.57 23.02 -24.05
C ALA B 133 -3.06 22.92 -24.22
N LEU B 134 -2.42 22.20 -23.31
CA LEU B 134 -1.00 22.06 -23.33
C LEU B 134 -0.50 20.82 -24.04
N LEU B 135 -1.17 19.70 -23.80
CA LEU B 135 -0.77 18.42 -24.37
C LEU B 135 -0.54 18.43 -25.89
N PRO B 136 -1.49 18.95 -26.67
CA PRO B 136 -1.36 19.01 -28.13
C PRO B 136 -0.05 19.66 -28.59
N HIS B 137 0.36 20.74 -27.94
CA HIS B 137 1.60 21.42 -28.29
C HIS B 137 2.78 20.49 -28.23
N LEU B 138 2.83 19.69 -27.17
CA LEU B 138 3.93 18.76 -26.96
C LEU B 138 3.91 17.54 -27.90
N THR B 139 2.73 16.96 -28.11
CA THR B 139 2.68 15.81 -28.98
C THR B 139 3.00 16.22 -30.39
N ASN B 140 2.42 17.33 -30.84
CA ASN B 140 2.70 17.78 -32.20
C ASN B 140 4.18 18.13 -32.38
N ALA B 141 4.73 18.75 -31.36
CA ALA B 141 6.13 19.16 -31.41
C ALA B 141 7.05 17.95 -31.51
N ILE B 142 6.81 16.93 -30.68
CA ILE B 142 7.71 15.78 -30.72
C ILE B 142 7.59 14.95 -32.00
N VAL B 143 6.43 15.02 -32.64
CA VAL B 143 6.20 14.26 -33.84
C VAL B 143 6.71 14.90 -35.10
N GLU B 144 6.75 16.22 -35.18
CA GLU B 144 7.24 16.82 -36.41
C GLU B 144 8.70 17.28 -36.39
N THR B 145 9.28 17.40 -35.21
CA THR B 145 10.66 17.82 -35.10
C THR B 145 11.62 16.71 -35.50
N ASN B 146 12.84 17.08 -35.88
CA ASN B 146 13.85 16.09 -36.26
C ASN B 146 15.13 16.31 -35.44
N LYS B 147 15.03 17.18 -34.43
CA LYS B 147 16.16 17.45 -33.55
C LYS B 147 15.96 16.52 -32.35
N TRP B 148 16.83 15.54 -32.18
CA TRP B 148 16.67 14.62 -31.07
C TRP B 148 16.65 15.25 -29.69
N GLN B 149 17.39 16.33 -29.49
CA GLN B 149 17.42 16.97 -28.17
C GLN B 149 16.06 17.52 -27.82
N GLU B 150 15.32 17.95 -28.83
CA GLU B 150 14.00 18.49 -28.59
C GLU B 150 13.09 17.37 -28.14
N LYS B 151 13.29 16.20 -28.73
CA LYS B 151 12.48 15.05 -28.40
C LYS B 151 12.74 14.62 -26.96
N ILE B 152 14.00 14.65 -26.55
CA ILE B 152 14.30 14.27 -25.20
C ILE B 152 13.64 15.27 -24.22
N ALA B 153 13.69 16.57 -24.54
CA ALA B 153 13.10 17.60 -23.68
C ALA B 153 11.57 17.46 -23.50
N ILE B 154 10.89 17.14 -24.59
CA ILE B 154 9.44 16.96 -24.60
C ILE B 154 9.05 15.69 -23.85
N LEU B 155 9.87 14.66 -23.93
CA LEU B 155 9.58 13.42 -23.23
C LEU B 155 9.65 13.69 -21.72
N ALA B 156 10.62 14.51 -21.34
CA ALA B 156 10.81 14.88 -19.94
C ALA B 156 9.57 15.61 -19.44
N ALA B 157 9.00 16.45 -20.30
CA ALA B 157 7.81 17.21 -19.96
C ALA B 157 6.59 16.28 -19.78
N PHE B 158 6.53 15.23 -20.58
CA PHE B 158 5.43 14.26 -20.47
C PHE B 158 5.58 13.66 -19.09
N SER B 159 6.78 13.17 -18.78
CA SER B 159 7.02 12.60 -17.47
C SER B 159 6.55 13.56 -16.39
N ALA B 160 6.95 14.83 -16.45
CA ALA B 160 6.55 15.78 -15.42
C ALA B 160 5.05 15.92 -15.31
N MET B 161 4.37 15.83 -16.43
CA MET B 161 2.93 15.94 -16.43
C MET B 161 2.26 14.83 -15.65
N VAL B 162 2.79 13.62 -15.75
CA VAL B 162 2.24 12.48 -15.02
C VAL B 162 2.14 12.79 -13.53
N ASP B 163 3.19 13.40 -12.99
CA ASP B 163 3.19 13.75 -11.57
C ASP B 163 2.42 15.03 -11.26
N ALA B 164 2.32 15.91 -12.23
CA ALA B 164 1.64 17.18 -12.04
C ALA B 164 0.15 17.09 -12.20
N ALA B 165 -0.27 16.22 -13.11
CA ALA B 165 -1.69 16.03 -13.37
C ALA B 165 -1.96 14.56 -13.62
N LYS B 166 -1.78 13.70 -12.62
CA LYS B 166 -1.98 12.27 -12.86
C LYS B 166 -3.36 11.88 -13.37
N ASP B 167 -4.40 12.34 -12.70
CA ASP B 167 -5.76 11.99 -13.09
C ASP B 167 -6.09 12.39 -14.50
N GLN B 168 -5.69 13.61 -14.85
CA GLN B 168 -5.93 14.14 -16.19
C GLN B 168 -5.18 13.36 -17.27
N VAL B 169 -3.94 13.00 -16.99
CA VAL B 169 -3.17 12.27 -17.97
C VAL B 169 -3.74 10.87 -18.17
N ALA B 170 -4.22 10.30 -17.07
CA ALA B 170 -4.79 8.96 -17.12
C ALA B 170 -5.85 8.91 -18.23
N LEU B 171 -6.65 9.95 -18.34
CA LEU B 171 -7.68 9.95 -19.35
C LEU B 171 -7.12 10.19 -20.74
N ARG B 172 -5.85 10.62 -20.82
CA ARG B 172 -5.23 10.89 -22.11
C ARG B 172 -4.32 9.75 -22.60
N MET B 173 -4.22 8.69 -21.81
CA MET B 173 -3.38 7.53 -22.13
C MET B 173 -3.53 6.97 -23.53
N PRO B 174 -4.78 6.71 -23.97
CA PRO B 174 -4.92 6.17 -25.32
C PRO B 174 -4.38 7.09 -26.43
N GLU B 175 -4.05 8.34 -26.11
CA GLU B 175 -3.51 9.28 -27.10
C GLU B 175 -2.00 9.40 -26.91
N LEU B 176 -1.59 9.45 -25.65
CA LEU B 176 -0.19 9.57 -25.30
C LEU B 176 0.64 8.32 -25.62
N ILE B 177 0.16 7.14 -25.23
CA ILE B 177 0.91 5.89 -25.46
C ILE B 177 1.36 5.69 -26.89
N PRO B 178 0.46 5.88 -27.86
CA PRO B 178 0.94 5.68 -29.24
C PRO B 178 2.06 6.68 -29.61
N VAL B 179 1.97 7.91 -29.14
CA VAL B 179 3.02 8.87 -29.44
C VAL B 179 4.35 8.40 -28.83
N LEU B 180 4.31 7.98 -27.56
CA LEU B 180 5.52 7.52 -26.90
C LEU B 180 6.04 6.27 -27.60
N SER B 181 5.13 5.40 -28.02
CA SER B 181 5.57 4.19 -28.70
C SER B 181 6.38 4.52 -29.97
N GLU B 182 5.86 5.42 -30.80
CA GLU B 182 6.57 5.77 -32.02
C GLU B 182 7.95 6.28 -31.67
N THR B 183 8.00 7.14 -30.67
CA THR B 183 9.27 7.72 -30.30
C THR B 183 10.31 6.67 -29.94
N MET B 184 9.86 5.53 -29.42
CA MET B 184 10.78 4.45 -29.05
C MET B 184 11.42 3.81 -30.27
N TRP B 185 10.86 4.07 -31.43
CA TRP B 185 11.38 3.50 -32.66
C TRP B 185 12.29 4.50 -33.37
N ASP B 186 12.65 5.56 -32.66
CA ASP B 186 13.51 6.57 -33.23
C ASP B 186 14.92 5.98 -33.34
N THR B 187 15.58 6.22 -34.46
CA THR B 187 16.92 5.68 -34.68
C THR B 187 17.93 6.09 -33.63
N LYS B 188 17.80 7.31 -33.10
CA LYS B 188 18.73 7.81 -32.09
C LYS B 188 18.63 7.03 -30.77
N LYS B 189 19.77 6.48 -30.34
CA LYS B 189 19.81 5.67 -29.13
C LYS B 189 19.35 6.39 -27.87
N GLU B 190 19.76 7.65 -27.70
CA GLU B 190 19.36 8.38 -26.50
C GLU B 190 17.88 8.66 -26.45
N VAL B 191 17.26 8.76 -27.63
CA VAL B 191 15.82 9.03 -27.70
C VAL B 191 15.04 7.78 -27.36
N LYS B 192 15.51 6.64 -27.82
CA LYS B 192 14.81 5.41 -27.51
C LYS B 192 14.81 5.21 -26.00
N ALA B 193 15.96 5.37 -25.37
CA ALA B 193 16.04 5.22 -23.92
C ALA B 193 15.06 6.18 -23.26
N ALA B 194 15.15 7.46 -23.63
CA ALA B 194 14.29 8.47 -23.04
C ALA B 194 12.81 8.19 -23.25
N ALA B 195 12.45 7.68 -24.42
CA ALA B 195 11.05 7.41 -24.69
C ALA B 195 10.56 6.29 -23.78
N THR B 196 11.40 5.29 -23.64
CA THR B 196 11.10 4.13 -22.81
C THR B 196 10.95 4.56 -21.37
N ALA B 197 11.74 5.54 -20.97
CA ALA B 197 11.63 6.02 -19.60
C ALA B 197 10.28 6.70 -19.42
N ALA B 198 9.91 7.54 -20.38
CA ALA B 198 8.63 8.25 -20.31
C ALA B 198 7.47 7.26 -20.29
N MET B 199 7.61 6.21 -21.08
CA MET B 199 6.62 5.16 -21.17
C MET B 199 6.46 4.50 -19.82
N THR B 200 7.60 4.16 -19.19
CA THR B 200 7.58 3.52 -17.87
C THR B 200 6.86 4.40 -16.86
N LYS B 201 7.13 5.71 -16.92
CA LYS B 201 6.51 6.68 -16.02
C LYS B 201 5.02 6.79 -16.29
N ALA B 202 4.65 6.85 -17.56
CA ALA B 202 3.24 6.95 -17.90
C ALA B 202 2.41 5.80 -17.33
N THR B 203 2.95 4.58 -17.38
CA THR B 203 2.21 3.42 -16.89
C THR B 203 1.75 3.62 -15.45
N GLU B 204 2.35 4.59 -14.76
CA GLU B 204 1.99 4.87 -13.38
C GLU B 204 0.54 5.33 -13.27
N THR B 205 -0.10 5.61 -14.40
CA THR B 205 -1.48 6.04 -14.38
C THR B 205 -2.39 4.83 -14.30
N VAL B 206 -1.81 3.64 -14.36
CA VAL B 206 -2.62 2.43 -14.24
C VAL B 206 -2.85 2.33 -12.73
N ASP B 207 -4.08 2.62 -12.31
CA ASP B 207 -4.48 2.65 -10.91
C ASP B 207 -4.64 1.34 -10.16
N ASN B 208 -3.92 0.30 -10.55
CA ASN B 208 -4.05 -0.96 -9.84
C ASN B 208 -2.74 -1.72 -9.88
N LYS B 209 -2.77 -2.96 -9.43
CA LYS B 209 -1.56 -3.77 -9.43
C LYS B 209 -1.73 -4.98 -10.34
N ASP B 210 -2.92 -5.15 -10.88
CA ASP B 210 -3.20 -6.28 -11.75
C ASP B 210 -2.04 -6.69 -12.68
N ILE B 211 -1.44 -5.70 -13.35
CA ILE B 211 -0.37 -5.98 -14.30
C ILE B 211 0.98 -5.37 -13.95
N GLU B 212 1.23 -5.15 -12.67
CA GLU B 212 2.49 -4.56 -12.25
C GLU B 212 3.71 -5.39 -12.65
N ARG B 213 3.66 -6.69 -12.36
CA ARG B 213 4.78 -7.57 -12.67
C ARG B 213 5.00 -7.80 -14.16
N PHE B 214 4.17 -7.18 -14.99
CA PHE B 214 4.33 -7.33 -16.42
C PHE B 214 4.58 -6.03 -17.18
N ILE B 215 4.58 -4.90 -16.48
CA ILE B 215 4.77 -3.63 -17.13
C ILE B 215 6.08 -3.54 -17.89
N PRO B 216 7.20 -3.86 -17.22
CA PRO B 216 8.47 -3.79 -17.95
C PRO B 216 8.43 -4.69 -19.19
N SER B 217 7.76 -5.83 -19.10
CA SER B 217 7.65 -6.74 -20.24
C SER B 217 6.80 -6.15 -21.37
N LEU B 218 5.71 -5.50 -21.00
CA LEU B 218 4.82 -4.91 -21.99
C LEU B 218 5.53 -3.80 -22.72
N ILE B 219 6.33 -3.02 -21.99
CA ILE B 219 7.07 -1.94 -22.61
C ILE B 219 8.19 -2.51 -23.51
N GLN B 220 8.88 -3.54 -23.03
CA GLN B 220 9.95 -4.19 -23.80
C GLN B 220 9.34 -4.73 -25.10
N CYS B 221 8.11 -5.21 -24.99
CA CYS B 221 7.38 -5.80 -26.11
C CYS B 221 7.04 -4.74 -27.16
N ILE B 222 6.77 -3.51 -26.72
CA ILE B 222 6.46 -2.45 -27.68
C ILE B 222 7.73 -2.16 -28.45
N ALA B 223 8.87 -2.31 -27.79
CA ALA B 223 10.14 -2.07 -28.43
C ALA B 223 10.50 -3.17 -29.40
N ASP B 224 10.27 -4.43 -29.03
CA ASP B 224 10.59 -5.55 -29.91
C ASP B 224 9.39 -6.48 -30.03
N PRO B 225 8.48 -6.15 -30.94
CA PRO B 225 7.26 -6.91 -31.20
C PRO B 225 7.43 -8.38 -31.51
N THR B 226 8.68 -8.83 -31.66
CA THR B 226 8.91 -10.23 -31.95
C THR B 226 8.79 -11.03 -30.67
N GLU B 227 8.61 -10.32 -29.55
CA GLU B 227 8.47 -10.91 -28.23
C GLU B 227 7.01 -10.99 -27.82
N VAL B 228 6.14 -10.65 -28.76
CA VAL B 228 4.74 -10.70 -28.47
C VAL B 228 4.31 -12.12 -28.05
N PRO B 229 4.47 -13.12 -28.95
CA PRO B 229 4.09 -14.50 -28.59
C PRO B 229 4.45 -14.96 -27.16
N GLU B 230 5.71 -14.82 -26.78
CA GLU B 230 6.13 -15.23 -25.45
C GLU B 230 5.48 -14.37 -24.38
N THR B 231 5.29 -13.09 -24.68
CA THR B 231 4.70 -12.19 -23.70
C THR B 231 3.23 -12.56 -23.51
N VAL B 232 2.57 -13.00 -24.59
CA VAL B 232 1.18 -13.41 -24.47
C VAL B 232 1.11 -14.65 -23.58
N HIS B 233 2.16 -15.46 -23.63
CA HIS B 233 2.25 -16.66 -22.81
C HIS B 233 2.40 -16.23 -21.37
N LEU B 234 3.48 -15.50 -21.10
CA LEU B 234 3.73 -14.98 -19.73
C LEU B 234 2.51 -14.37 -19.20
N LEU B 235 1.70 -13.75 -20.06
CA LEU B 235 0.54 -13.13 -19.57
C LEU B 235 -0.62 -13.89 -18.83
N GLY B 236 -0.24 -14.44 -17.70
CA GLY B 236 -1.18 -15.27 -16.88
C GLY B 236 -1.70 -14.30 -15.82
N ALA B 237 -1.84 -13.01 -16.18
CA ALA B 237 -2.45 -12.03 -15.16
C ALA B 237 -3.83 -12.64 -14.73
N THR B 238 -4.35 -13.54 -15.37
CA THR B 238 -5.63 -14.32 -15.29
C THR B 238 -6.54 -13.85 -14.13
N THR B 239 -5.95 -13.38 -13.04
CA THR B 239 -6.76 -12.96 -11.88
C THR B 239 -7.05 -11.45 -12.00
N PHE B 240 -7.51 -10.96 -13.16
CA PHE B 240 -7.83 -9.52 -13.36
C PHE B 240 -8.95 -9.13 -12.40
N VAL B 241 -8.76 -8.05 -11.65
CA VAL B 241 -9.77 -7.72 -10.65
C VAL B 241 -10.26 -6.28 -10.68
N ALA B 242 -9.34 -5.35 -10.89
CA ALA B 242 -9.67 -3.94 -10.93
C ALA B 242 -10.30 -3.56 -12.24
N GLU B 243 -11.08 -2.50 -12.20
CA GLU B 243 -11.76 -2.05 -13.38
C GLU B 243 -10.73 -1.70 -14.44
N VAL B 244 -11.04 -2.06 -15.68
CA VAL B 244 -10.18 -1.75 -16.80
C VAL B 244 -10.48 -0.32 -17.25
N THR B 245 -9.47 0.53 -17.16
CA THR B 245 -9.63 1.93 -17.52
C THR B 245 -8.90 2.25 -18.81
N PRO B 246 -9.09 3.47 -19.36
CA PRO B 246 -8.42 3.84 -20.61
C PRO B 246 -6.91 3.64 -20.54
N ALA B 247 -6.32 3.86 -19.36
CA ALA B 247 -4.90 3.69 -19.18
C ALA B 247 -4.55 2.20 -19.33
N THR B 248 -5.30 1.32 -18.67
CA THR B 248 -5.02 -0.10 -18.78
C THR B 248 -5.12 -0.54 -20.25
N LEU B 249 -6.22 -0.19 -20.90
CA LEU B 249 -6.43 -0.57 -22.27
C LEU B 249 -5.30 -0.06 -23.16
N SER B 250 -4.98 1.22 -23.04
CA SER B 250 -3.93 1.82 -23.85
C SER B 250 -2.62 1.00 -23.82
N ILE B 251 -2.41 0.25 -22.75
CA ILE B 251 -1.21 -0.58 -22.61
C ILE B 251 -1.40 -2.06 -23.00
N MET B 252 -2.64 -2.55 -22.92
CA MET B 252 -2.93 -3.94 -23.22
C MET B 252 -3.31 -4.27 -24.65
N VAL B 253 -4.22 -3.47 -25.20
CA VAL B 253 -4.72 -3.67 -26.55
C VAL B 253 -3.67 -3.77 -27.64
N PRO B 254 -2.63 -2.92 -27.62
CA PRO B 254 -1.68 -3.11 -28.72
C PRO B 254 -1.02 -4.49 -28.68
N LEU B 255 -0.79 -5.01 -27.48
CA LEU B 255 -0.20 -6.33 -27.33
C LEU B 255 -1.14 -7.42 -27.83
N LEU B 256 -2.34 -7.41 -27.27
CA LEU B 256 -3.37 -8.36 -27.60
C LEU B 256 -3.81 -8.29 -29.07
N SER B 257 -3.78 -7.10 -29.66
CA SER B 257 -4.16 -6.93 -31.05
C SER B 257 -3.15 -7.65 -31.97
N ARG B 258 -1.87 -7.56 -31.64
CA ARG B 258 -0.86 -8.24 -32.43
C ARG B 258 -0.94 -9.74 -32.14
N GLY B 259 -1.27 -10.08 -30.89
CA GLY B 259 -1.40 -11.47 -30.51
C GLY B 259 -2.46 -12.17 -31.33
N LEU B 260 -3.55 -11.48 -31.63
CA LEU B 260 -4.63 -12.09 -32.42
C LEU B 260 -4.16 -12.36 -33.84
N ASN B 261 -3.35 -11.47 -34.40
CA ASN B 261 -2.83 -11.60 -35.77
C ASN B 261 -1.60 -12.52 -35.90
N GLU B 262 -1.18 -13.12 -34.81
CA GLU B 262 -0.01 -14.00 -34.83
C GLU B 262 -0.36 -15.35 -35.49
N ARG B 263 0.64 -16.02 -36.06
CA ARG B 263 0.42 -17.30 -36.76
C ARG B 263 -0.04 -18.49 -35.93
N GLU B 264 0.71 -18.84 -34.89
CA GLU B 264 0.38 -19.97 -34.03
C GLU B 264 -1.01 -19.89 -33.38
N THR B 265 -1.81 -20.93 -33.58
CA THR B 265 -3.16 -20.97 -33.03
C THR B 265 -3.14 -20.93 -31.50
N GLY B 266 -2.01 -21.30 -30.93
CA GLY B 266 -1.92 -21.26 -29.48
C GLY B 266 -1.94 -19.83 -28.99
N ILE B 267 -1.27 -18.94 -29.74
CA ILE B 267 -1.19 -17.51 -29.41
C ILE B 267 -2.50 -16.80 -29.71
N LYS B 268 -3.18 -17.21 -30.78
CA LYS B 268 -4.49 -16.64 -31.12
C LYS B 268 -5.49 -16.99 -30.03
N ARG B 269 -5.36 -18.20 -29.48
CA ARG B 269 -6.21 -18.68 -28.42
C ARG B 269 -5.88 -17.93 -27.14
N LYS B 270 -4.61 -17.92 -26.74
CA LYS B 270 -4.23 -17.22 -25.51
C LYS B 270 -4.69 -15.76 -25.52
N SER B 271 -4.46 -15.09 -26.64
CA SER B 271 -4.86 -13.70 -26.79
C SER B 271 -6.34 -13.52 -26.44
N ALA B 272 -7.21 -14.32 -27.06
CA ALA B 272 -8.65 -14.26 -26.80
C ALA B 272 -9.00 -14.52 -25.33
N VAL B 273 -8.29 -15.45 -24.70
CA VAL B 273 -8.56 -15.73 -23.30
C VAL B 273 -8.35 -14.46 -22.50
N ILE B 274 -7.21 -13.80 -22.72
CA ILE B 274 -6.85 -12.56 -22.02
C ILE B 274 -7.79 -11.41 -22.36
N ILE B 275 -8.19 -11.33 -23.62
CA ILE B 275 -9.09 -10.28 -24.02
C ILE B 275 -10.39 -10.46 -23.23
N ASP B 276 -10.86 -11.70 -23.15
CA ASP B 276 -12.08 -12.05 -22.45
C ASP B 276 -12.04 -11.67 -20.98
N ASN B 277 -11.00 -12.15 -20.29
CA ASN B 277 -10.83 -11.89 -18.87
C ASN B 277 -10.66 -10.43 -18.51
N MET B 278 -9.97 -9.69 -19.35
CA MET B 278 -9.73 -8.29 -19.09
C MET B 278 -10.92 -7.41 -19.38
N CYS B 279 -11.52 -7.62 -20.54
CA CYS B 279 -12.64 -6.79 -20.95
C CYS B 279 -13.93 -6.93 -20.18
N LYS B 280 -14.19 -8.08 -19.58
CA LYS B 280 -15.44 -8.19 -18.86
C LYS B 280 -15.42 -7.38 -17.57
N LEU B 281 -14.33 -6.63 -17.41
CA LEU B 281 -14.14 -5.75 -16.27
C LEU B 281 -14.24 -4.30 -16.71
N VAL B 282 -14.72 -4.11 -17.94
CA VAL B 282 -14.93 -2.77 -18.49
C VAL B 282 -16.36 -2.40 -18.07
N GLU B 283 -16.54 -1.26 -17.43
CA GLU B 283 -17.89 -0.91 -16.97
C GLU B 283 -18.61 0.14 -17.80
N ASP B 284 -17.89 0.81 -18.68
CA ASP B 284 -18.45 1.86 -19.52
C ASP B 284 -18.05 1.55 -20.95
N PRO B 285 -19.03 1.34 -21.83
CA PRO B 285 -18.67 1.03 -23.22
C PRO B 285 -17.83 2.12 -23.89
N GLN B 286 -18.06 3.38 -23.52
CA GLN B 286 -17.29 4.46 -24.12
C GLN B 286 -15.81 4.31 -23.82
N VAL B 287 -15.49 3.51 -22.80
CA VAL B 287 -14.08 3.34 -22.43
C VAL B 287 -13.36 2.44 -23.40
N ILE B 288 -14.04 1.41 -23.85
CA ILE B 288 -13.46 0.45 -24.77
C ILE B 288 -13.78 0.77 -26.23
N ALA B 289 -14.80 1.58 -26.46
CA ALA B 289 -15.20 1.93 -27.84
C ALA B 289 -14.08 2.24 -28.81
N PRO B 290 -13.17 3.15 -28.46
CA PRO B 290 -12.06 3.49 -29.37
C PRO B 290 -11.07 2.36 -29.64
N PHE B 291 -11.18 1.26 -28.90
CA PHE B 291 -10.28 0.11 -29.04
C PHE B 291 -10.93 -1.08 -29.76
N LEU B 292 -12.26 -1.13 -29.78
CA LEU B 292 -12.97 -2.21 -30.43
C LEU B 292 -12.43 -2.49 -31.83
N GLY B 293 -12.26 -1.45 -32.63
CA GLY B 293 -11.75 -1.65 -33.98
C GLY B 293 -10.45 -2.42 -34.09
N LYS B 294 -9.68 -2.54 -33.01
CA LYS B 294 -8.42 -3.27 -33.05
C LYS B 294 -8.54 -4.67 -32.47
N LEU B 295 -9.77 -5.08 -32.14
CA LEU B 295 -9.98 -6.39 -31.57
C LEU B 295 -11.08 -7.18 -32.29
N LEU B 296 -12.19 -6.54 -32.64
CA LEU B 296 -13.27 -7.24 -33.33
C LEU B 296 -12.84 -7.99 -34.62
N PRO B 297 -12.16 -7.29 -35.55
CA PRO B 297 -11.72 -7.94 -36.80
C PRO B 297 -10.83 -9.17 -36.61
N GLY B 298 -9.82 -9.07 -35.75
CA GLY B 298 -8.98 -10.22 -35.50
C GLY B 298 -9.75 -11.42 -34.91
N LEU B 299 -10.62 -11.15 -33.96
CA LEU B 299 -11.41 -12.24 -33.37
C LEU B 299 -12.34 -12.86 -34.40
N LYS B 300 -13.00 -12.04 -35.21
CA LYS B 300 -13.89 -12.58 -36.23
C LYS B 300 -13.12 -13.48 -37.18
N SER B 301 -11.99 -12.94 -37.68
CA SER B 301 -11.13 -13.66 -38.59
C SER B 301 -10.64 -14.99 -38.00
N ASN B 302 -10.09 -14.94 -36.79
CA ASN B 302 -9.62 -16.15 -36.13
C ASN B 302 -10.68 -17.22 -35.98
N PHE B 303 -11.92 -16.83 -35.72
CA PHE B 303 -13.02 -17.77 -35.56
C PHE B 303 -13.33 -18.54 -36.85
N ALA B 304 -13.18 -17.84 -37.97
CA ALA B 304 -13.44 -18.44 -39.26
C ALA B 304 -12.24 -19.26 -39.69
N THR B 305 -11.05 -18.80 -39.29
CA THR B 305 -9.81 -19.47 -39.68
C THR B 305 -9.35 -20.67 -38.87
N ILE B 306 -9.52 -20.62 -37.55
CA ILE B 306 -9.08 -21.73 -36.71
C ILE B 306 -10.00 -22.95 -36.84
N ALA B 307 -9.39 -24.12 -36.76
CA ALA B 307 -10.10 -25.38 -36.86
C ALA B 307 -10.33 -25.96 -35.47
N ASP B 308 -9.30 -25.94 -34.63
CA ASP B 308 -9.43 -26.48 -33.29
C ASP B 308 -10.65 -25.88 -32.58
N PRO B 309 -11.57 -26.74 -32.15
CA PRO B 309 -12.79 -26.30 -31.47
C PRO B 309 -12.57 -25.49 -30.20
N GLU B 310 -11.59 -25.86 -29.41
CA GLU B 310 -11.31 -25.15 -28.15
C GLU B 310 -11.02 -23.70 -28.44
N ALA B 311 -10.00 -23.48 -29.29
CA ALA B 311 -9.56 -22.14 -29.69
C ALA B 311 -10.74 -21.36 -30.25
N ARG B 312 -11.62 -22.06 -30.96
CA ARG B 312 -12.80 -21.42 -31.52
C ARG B 312 -13.77 -20.97 -30.42
N GLU B 313 -13.96 -21.81 -29.42
CA GLU B 313 -14.88 -21.47 -28.33
C GLU B 313 -14.36 -20.21 -27.63
N VAL B 314 -13.07 -20.27 -27.26
CA VAL B 314 -12.42 -19.16 -26.59
C VAL B 314 -12.49 -17.88 -27.42
N THR B 315 -12.24 -17.97 -28.72
CA THR B 315 -12.30 -16.78 -29.56
C THR B 315 -13.72 -16.19 -29.53
N LEU B 316 -14.70 -17.04 -29.82
CA LEU B 316 -16.10 -16.61 -29.84
C LEU B 316 -16.56 -16.00 -28.53
N ARG B 317 -16.13 -16.57 -27.41
CA ARG B 317 -16.48 -16.09 -26.07
C ARG B 317 -15.99 -14.67 -25.92
N ALA B 318 -14.74 -14.43 -26.30
CA ALA B 318 -14.15 -13.10 -26.21
C ALA B 318 -14.97 -12.15 -27.06
N LEU B 319 -15.42 -12.64 -28.22
CA LEU B 319 -16.21 -11.85 -29.15
C LEU B 319 -17.59 -11.48 -28.59
N LYS B 320 -18.19 -12.40 -27.82
CA LYS B 320 -19.49 -12.10 -27.25
C LYS B 320 -19.32 -11.08 -26.13
N THR B 321 -18.29 -11.28 -25.31
CA THR B 321 -18.00 -10.36 -24.22
C THR B 321 -17.71 -8.97 -24.74
N LEU B 322 -16.88 -8.88 -25.78
CA LEU B 322 -16.53 -7.61 -26.37
C LEU B 322 -17.76 -6.87 -26.89
N ARG B 323 -18.65 -7.60 -27.56
CA ARG B 323 -19.89 -7.00 -28.07
C ARG B 323 -20.81 -6.54 -26.94
N ARG B 324 -20.87 -7.31 -25.85
CA ARG B 324 -21.72 -6.97 -24.71
C ARG B 324 -21.18 -5.72 -24.05
N VAL B 325 -19.96 -5.87 -23.55
CA VAL B 325 -19.29 -4.80 -22.89
C VAL B 325 -19.07 -3.56 -23.76
N GLY B 326 -19.01 -3.73 -25.08
CA GLY B 326 -18.76 -2.62 -25.98
C GLY B 326 -20.06 -2.00 -26.47
N ASN B 327 -21.17 -2.63 -26.12
CA ASN B 327 -22.50 -2.15 -26.54
C ASN B 327 -22.46 -2.02 -28.06
N VAL B 328 -21.99 -3.05 -28.74
CA VAL B 328 -21.92 -2.95 -30.20
C VAL B 328 -23.32 -3.23 -30.76
N GLY B 329 -23.70 -2.45 -31.76
CA GLY B 329 -25.01 -2.62 -32.35
C GLY B 329 -25.09 -3.59 -33.51
N GLU B 330 -26.05 -3.32 -34.39
CA GLU B 330 -26.26 -4.15 -35.58
C GLU B 330 -25.07 -4.10 -36.53
N ASP B 331 -24.77 -5.27 -37.07
CA ASP B 331 -23.67 -5.40 -38.00
C ASP B 331 -22.37 -4.97 -37.35
N ASP B 332 -22.22 -5.29 -36.07
CA ASP B 332 -21.01 -4.94 -35.34
C ASP B 332 -20.57 -3.49 -35.54
N ALA B 333 -21.51 -2.56 -35.43
CA ALA B 333 -21.18 -1.15 -35.57
C ALA B 333 -20.78 -0.64 -34.19
N ILE B 334 -19.66 0.07 -34.13
CA ILE B 334 -19.16 0.62 -32.89
C ILE B 334 -20.11 1.69 -32.40
N PRO B 335 -20.51 1.67 -31.10
CA PRO B 335 -21.44 2.71 -30.63
C PRO B 335 -20.97 4.12 -30.92
N GLU B 336 -21.93 4.99 -31.24
CA GLU B 336 -21.62 6.39 -31.55
C GLU B 336 -20.80 6.96 -30.39
N LEU B 337 -19.64 7.55 -30.71
CA LEU B 337 -18.79 8.12 -29.67
C LEU B 337 -19.37 9.45 -29.21
N SER B 338 -19.47 9.67 -27.90
CA SER B 338 -20.00 10.95 -27.42
C SER B 338 -18.85 11.91 -27.56
N HIS B 339 -19.14 13.15 -27.92
CA HIS B 339 -18.07 14.10 -28.09
C HIS B 339 -18.20 15.14 -26.99
N ALA B 340 -18.89 14.75 -25.92
CA ALA B 340 -19.12 15.62 -24.78
C ALA B 340 -17.85 16.24 -24.22
N GLY B 341 -16.75 15.49 -24.29
CA GLY B 341 -15.50 15.99 -23.76
C GLY B 341 -14.53 16.58 -24.79
N ASP B 342 -14.93 16.64 -26.04
CA ASP B 342 -14.07 17.20 -27.08
C ASP B 342 -13.98 18.69 -26.92
N VAL B 343 -12.78 19.22 -27.10
CA VAL B 343 -12.61 20.65 -26.96
C VAL B 343 -13.47 21.35 -28.01
N SER B 344 -13.59 20.73 -29.19
CA SER B 344 -14.38 21.32 -30.27
C SER B 344 -15.84 21.47 -29.85
N THR B 345 -16.30 20.54 -29.03
CA THR B 345 -17.67 20.54 -28.54
C THR B 345 -17.90 21.65 -27.51
N THR B 346 -17.04 21.70 -26.48
CA THR B 346 -17.22 22.73 -25.48
C THR B 346 -16.93 24.10 -26.10
N LEU B 347 -15.99 24.14 -27.03
CA LEU B 347 -15.63 25.39 -27.71
C LEU B 347 -16.81 25.94 -28.48
N GLN B 348 -17.54 25.06 -29.15
CA GLN B 348 -18.70 25.50 -29.91
C GLN B 348 -19.72 26.08 -28.92
N VAL B 349 -19.91 25.40 -27.80
CA VAL B 349 -20.88 25.85 -26.80
C VAL B 349 -20.58 27.24 -26.25
N VAL B 350 -19.34 27.50 -25.84
CA VAL B 350 -19.01 28.83 -25.32
C VAL B 350 -19.12 29.90 -26.40
N ASN B 351 -18.60 29.65 -27.59
CA ASN B 351 -18.70 30.64 -28.66
C ASN B 351 -20.14 31.06 -28.90
N GLU B 352 -21.06 30.08 -28.90
CA GLU B 352 -22.48 30.37 -29.10
C GLU B 352 -23.02 31.28 -28.00
N LEU B 353 -22.63 30.98 -26.76
CA LEU B 353 -23.08 31.77 -25.62
C LEU B 353 -22.46 33.15 -25.63
N LEU B 354 -21.35 33.28 -26.36
CA LEU B 354 -20.64 34.55 -26.43
C LEU B 354 -20.90 35.29 -27.76
N LYS B 355 -21.86 34.82 -28.56
CA LYS B 355 -22.14 35.43 -29.86
C LYS B 355 -22.52 36.91 -29.87
N ASP B 356 -23.13 37.38 -28.79
CA ASP B 356 -23.54 38.79 -28.70
C ASP B 356 -22.54 39.59 -27.90
N GLU B 357 -21.40 38.98 -27.62
CA GLU B 357 -20.35 39.64 -26.88
C GLU B 357 -19.20 39.81 -27.85
N THR B 358 -18.67 41.02 -27.95
CA THR B 358 -17.55 41.28 -28.84
C THR B 358 -16.26 40.86 -28.15
N VAL B 359 -15.68 39.75 -28.59
CA VAL B 359 -14.45 39.24 -28.02
C VAL B 359 -13.27 39.60 -28.91
N ALA B 360 -12.47 40.57 -28.49
CA ALA B 360 -11.33 41.00 -29.27
C ALA B 360 -10.36 39.85 -29.60
N PRO B 361 -9.59 40.01 -30.69
CA PRO B 361 -8.63 39.00 -31.13
C PRO B 361 -7.66 38.58 -30.04
N ARG B 362 -7.32 39.50 -29.13
CA ARG B 362 -6.37 39.18 -28.07
C ARG B 362 -6.94 38.33 -26.95
N PHE B 363 -8.24 38.05 -27.02
CA PHE B 363 -8.89 37.22 -26.01
C PHE B 363 -9.32 35.86 -26.57
N LYS B 364 -9.01 35.64 -27.85
CA LYS B 364 -9.32 34.39 -28.51
C LYS B 364 -8.57 33.22 -27.84
N ILE B 365 -7.34 33.45 -27.40
CA ILE B 365 -6.59 32.38 -26.77
C ILE B 365 -7.22 32.05 -25.43
N VAL B 366 -7.84 33.03 -24.79
CA VAL B 366 -8.46 32.75 -23.52
C VAL B 366 -9.73 31.88 -23.68
N VAL B 367 -10.57 32.22 -24.65
CA VAL B 367 -11.79 31.46 -24.91
C VAL B 367 -11.47 30.01 -25.21
N GLU B 368 -10.35 29.79 -25.89
CA GLU B 368 -9.92 28.44 -26.24
C GLU B 368 -9.43 27.73 -24.98
N TYR B 369 -8.80 28.50 -24.09
CA TYR B 369 -8.29 27.92 -22.85
C TYR B 369 -9.48 27.49 -22.01
N ILE B 370 -10.51 28.33 -22.02
CA ILE B 370 -11.71 28.09 -21.26
C ILE B 370 -12.39 26.84 -21.75
N ALA B 371 -12.40 26.66 -23.07
CA ALA B 371 -13.02 25.50 -23.68
C ALA B 371 -12.27 24.21 -23.33
N ALA B 372 -10.94 24.26 -23.31
CA ALA B 372 -10.16 23.09 -22.98
C ALA B 372 -10.47 22.60 -21.57
N ILE B 373 -10.50 23.55 -20.63
CA ILE B 373 -10.77 23.27 -19.24
C ILE B 373 -12.15 22.60 -19.10
N GLY B 374 -13.14 23.21 -19.75
CA GLY B 374 -14.49 22.70 -19.70
C GLY B 374 -14.54 21.30 -20.24
N ALA B 375 -13.75 21.00 -21.25
CA ALA B 375 -13.72 19.68 -21.86
C ALA B 375 -13.18 18.65 -20.86
N ASP B 376 -12.14 19.03 -20.13
CA ASP B 376 -11.57 18.13 -19.15
C ASP B 376 -12.53 17.87 -17.98
N LEU B 377 -13.20 18.94 -17.52
CA LEU B 377 -14.12 18.79 -16.41
C LEU B 377 -15.16 17.74 -16.71
N ILE B 378 -15.67 17.75 -17.94
CA ILE B 378 -16.66 16.78 -18.37
C ILE B 378 -16.07 15.35 -18.37
N ASP B 379 -14.87 15.21 -18.91
CA ASP B 379 -14.22 13.91 -18.95
C ASP B 379 -14.01 13.40 -17.55
N GLU B 380 -13.71 14.32 -16.64
CA GLU B 380 -13.50 13.96 -15.24
C GLU B 380 -14.81 13.88 -14.51
N ARG B 381 -15.91 14.09 -15.22
CA ARG B 381 -17.23 14.05 -14.62
C ARG B 381 -17.28 14.95 -13.39
N ILE B 382 -16.93 16.21 -13.58
CA ILE B 382 -16.97 17.23 -12.53
C ILE B 382 -18.06 18.15 -13.07
N ILE B 383 -19.28 17.95 -12.55
CA ILE B 383 -20.44 18.69 -13.00
C ILE B 383 -21.08 19.80 -12.13
N ASP B 384 -20.68 19.92 -10.86
CA ASP B 384 -21.32 20.91 -9.99
C ASP B 384 -20.99 22.36 -10.33
N GLN B 385 -21.87 23.28 -9.95
CA GLN B 385 -21.64 24.68 -10.25
C GLN B 385 -20.37 25.29 -9.67
N GLN B 386 -20.10 25.04 -8.39
CA GLN B 386 -18.91 25.61 -7.76
C GLN B 386 -17.62 25.14 -8.39
N ALA B 387 -17.62 23.90 -8.89
CA ALA B 387 -16.42 23.35 -9.50
C ALA B 387 -16.04 24.17 -10.71
N TRP B 388 -17.01 24.41 -11.58
CA TRP B 388 -16.73 25.19 -12.76
C TRP B 388 -16.38 26.63 -12.42
N PHE B 389 -17.04 27.22 -11.42
CA PHE B 389 -16.74 28.61 -11.07
C PHE B 389 -15.30 28.73 -10.53
N THR B 390 -14.81 27.67 -9.90
CA THR B 390 -13.45 27.64 -9.33
C THR B 390 -12.40 27.66 -10.43
N HIS B 391 -12.65 26.91 -11.50
CA HIS B 391 -11.72 26.78 -12.61
C HIS B 391 -11.86 27.68 -13.83
N ILE B 392 -13.07 28.12 -14.14
CA ILE B 392 -13.23 28.90 -15.34
C ILE B 392 -13.51 30.38 -15.16
N THR B 393 -14.29 30.74 -14.16
CA THR B 393 -14.61 32.13 -13.98
C THR B 393 -13.41 33.05 -13.99
N PRO B 394 -12.29 32.64 -13.36
CA PRO B 394 -11.11 33.54 -13.36
C PRO B 394 -10.50 33.89 -14.73
N TYR B 395 -10.61 33.01 -15.72
CA TYR B 395 -10.09 33.30 -17.04
C TYR B 395 -11.05 34.25 -17.71
N MET B 396 -12.34 33.94 -17.60
CA MET B 396 -13.38 34.76 -18.21
C MET B 396 -13.37 36.23 -17.82
N THR B 397 -13.05 36.57 -16.57
CA THR B 397 -13.05 37.99 -16.21
C THR B 397 -11.87 38.76 -16.80
N ILE B 398 -11.05 38.08 -17.60
CA ILE B 398 -9.92 38.74 -18.25
C ILE B 398 -10.53 39.74 -19.24
N PHE B 399 -11.63 39.36 -19.87
CA PHE B 399 -12.28 40.22 -20.85
C PHE B 399 -13.78 40.40 -20.61
N LEU B 400 -14.29 40.01 -19.44
CA LEU B 400 -15.72 40.13 -19.13
C LEU B 400 -15.99 40.55 -17.69
N HIS B 401 -17.15 41.14 -17.44
CA HIS B 401 -17.44 41.52 -16.08
C HIS B 401 -17.87 40.30 -15.36
N GLU B 402 -17.60 40.25 -14.07
CA GLU B 402 -17.92 39.09 -13.28
C GLU B 402 -19.35 38.57 -13.43
N LYS B 403 -20.34 39.43 -13.27
CA LYS B 403 -21.71 38.96 -13.40
C LYS B 403 -22.03 38.32 -14.75
N LYS B 404 -21.57 38.95 -15.83
CA LYS B 404 -21.81 38.43 -17.17
C LYS B 404 -21.08 37.11 -17.26
N ALA B 405 -19.86 37.08 -16.74
CA ALA B 405 -19.08 35.87 -16.79
C ALA B 405 -19.81 34.73 -16.09
N LYS B 406 -20.29 34.99 -14.88
CA LYS B 406 -20.96 33.97 -14.08
C LYS B 406 -22.25 33.43 -14.68
N ASP B 407 -22.99 34.30 -15.35
CA ASP B 407 -24.26 33.90 -15.95
C ASP B 407 -24.01 33.02 -17.16
N ILE B 408 -23.02 33.37 -17.96
CA ILE B 408 -22.70 32.58 -19.14
C ILE B 408 -22.04 31.29 -18.70
N LEU B 409 -21.19 31.39 -17.68
CA LEU B 409 -20.50 30.21 -17.20
C LEU B 409 -21.50 29.17 -16.75
N ASP B 410 -22.52 29.62 -16.03
CA ASP B 410 -23.51 28.70 -15.52
C ASP B 410 -24.32 28.02 -16.62
N GLU B 411 -24.50 28.72 -17.74
CA GLU B 411 -25.24 28.16 -18.89
C GLU B 411 -24.32 27.20 -19.66
N PHE B 412 -23.05 27.59 -19.76
CA PHE B 412 -22.01 26.80 -20.42
C PHE B 412 -21.92 25.43 -19.75
N ARG B 413 -21.85 25.45 -18.42
CA ARG B 413 -21.76 24.25 -17.60
C ARG B 413 -22.94 23.33 -17.88
N LYS B 414 -24.13 23.90 -17.75
CA LYS B 414 -25.36 23.16 -17.98
C LYS B 414 -25.42 22.56 -19.38
N ARG B 415 -25.08 23.34 -20.40
CA ARG B 415 -25.12 22.81 -21.76
C ARG B 415 -24.04 21.78 -21.95
N ALA B 416 -22.86 22.02 -21.41
CA ALA B 416 -21.80 21.04 -21.60
C ALA B 416 -22.14 19.74 -20.93
N VAL B 417 -22.59 19.82 -19.67
CA VAL B 417 -22.94 18.64 -18.88
C VAL B 417 -24.07 17.82 -19.48
N ASP B 418 -24.95 18.48 -20.20
CA ASP B 418 -26.09 17.80 -20.79
C ASP B 418 -25.67 16.86 -21.92
N ASN B 419 -24.46 17.02 -22.42
CA ASN B 419 -23.94 16.18 -23.51
C ASN B 419 -23.37 14.87 -22.99
N ILE B 420 -23.21 14.78 -21.68
CA ILE B 420 -22.69 13.55 -21.12
C ILE B 420 -23.63 12.41 -21.43
N PRO B 421 -23.13 11.40 -22.17
CA PRO B 421 -23.95 10.23 -22.48
C PRO B 421 -24.43 9.55 -21.21
N VAL B 422 -25.74 9.30 -21.12
CA VAL B 422 -26.39 8.69 -19.92
C VAL B 422 -25.77 7.36 -19.46
N GLY B 423 -25.31 6.53 -20.43
CA GLY B 423 -24.64 5.24 -20.08
C GLY B 423 -25.50 4.03 -19.89
N PRO B 424 -25.03 2.87 -20.22
CA PRO B 424 -25.78 1.65 -19.95
C PRO B 424 -25.61 1.25 -18.54
N ASN B 425 -26.52 0.48 -17.96
CA ASN B 425 -26.46 0.09 -16.55
C ASN B 425 -25.22 -0.84 -16.38
N PHE B 426 -25.08 -1.45 -15.19
CA PHE B 426 -23.96 -2.36 -14.90
C PHE B 426 -24.43 -3.80 -15.06
N ASP B 427 -23.47 -4.72 -15.10
CA ASP B 427 -23.79 -6.15 -15.26
C ASP B 427 -23.22 -7.01 -14.14
N ASP B 428 -24.06 -7.81 -13.51
CA ASP B 428 -23.60 -8.66 -12.40
C ASP B 428 -23.21 -10.10 -12.87
N GLU B 429 -23.95 -10.64 -13.84
CA GLU B 429 -23.76 -12.02 -14.36
C GLU B 429 -22.39 -12.72 -14.30
N GLU B 430 -21.35 -12.12 -14.87
CA GLU B 430 -20.01 -12.71 -14.92
C GLU B 430 -19.24 -12.53 -13.65
N ASP B 431 -19.87 -11.91 -12.64
CA ASP B 431 -19.17 -11.76 -11.36
C ASP B 431 -19.26 -13.07 -10.61
N GLU B 432 -18.68 -13.13 -9.42
CA GLU B 432 -18.71 -14.38 -8.68
C GLU B 432 -19.83 -14.55 -7.65
N GLY B 433 -20.82 -15.33 -8.04
CA GLY B 433 -21.93 -15.60 -7.16
C GLY B 433 -23.05 -16.36 -7.82
N GLU B 434 -23.77 -17.10 -7.01
CA GLU B 434 -24.92 -17.84 -7.49
C GLU B 434 -26.01 -16.96 -7.00
N ASP B 435 -26.83 -16.47 -7.92
CA ASP B 435 -27.92 -15.60 -7.55
C ASP B 435 -28.81 -16.02 -6.38
N LEU B 436 -29.06 -15.08 -5.48
CA LEU B 436 -29.95 -15.31 -4.36
C LEU B 436 -31.31 -14.94 -4.94
N CYS B 437 -31.33 -13.94 -5.81
CA CYS B 437 -32.58 -13.49 -6.41
C CYS B 437 -32.37 -12.77 -7.73
N ASN B 438 -33.45 -12.57 -8.45
CA ASN B 438 -33.43 -11.86 -9.72
C ASN B 438 -34.87 -11.49 -10.01
N CYS B 439 -35.25 -10.26 -9.65
CA CYS B 439 -36.62 -9.80 -9.81
C CYS B 439 -36.82 -8.65 -10.77
N GLU B 440 -38.06 -8.54 -11.23
CA GLU B 440 -38.51 -7.46 -12.10
C GLU B 440 -39.66 -7.00 -11.25
N PHE B 441 -39.65 -5.75 -10.80
CA PHE B 441 -40.74 -5.34 -9.93
C PHE B 441 -40.94 -3.83 -9.79
N SER B 442 -42.07 -3.48 -9.18
CA SER B 442 -42.40 -2.09 -8.91
C SER B 442 -42.61 -2.10 -7.40
N LEU B 443 -42.51 -0.95 -6.77
CA LEU B 443 -42.69 -0.85 -5.34
C LEU B 443 -43.54 0.37 -5.02
N ALA B 444 -44.66 0.13 -4.33
CA ALA B 444 -45.57 1.21 -3.96
C ALA B 444 -45.69 1.21 -2.45
N TYR B 445 -45.80 2.41 -1.88
CA TYR B 445 -45.92 2.59 -0.43
C TYR B 445 -47.03 3.59 -0.20
N GLY B 446 -48.19 3.09 0.20
CA GLY B 446 -49.31 3.96 0.46
C GLY B 446 -49.75 4.65 -0.82
N ALA B 447 -49.69 3.90 -1.93
CA ALA B 447 -50.09 4.41 -3.24
C ALA B 447 -49.03 5.31 -3.87
N LYS B 448 -47.95 5.57 -3.14
CA LYS B 448 -46.90 6.42 -3.68
C LYS B 448 -45.93 5.52 -4.39
N ILE B 449 -45.59 5.86 -5.62
CA ILE B 449 -44.65 5.04 -6.37
C ILE B 449 -43.21 5.35 -5.99
N LEU B 450 -42.51 4.33 -5.49
CA LEU B 450 -41.12 4.46 -5.10
C LEU B 450 -40.25 3.94 -6.25
N LEU B 451 -40.66 2.81 -6.83
CA LEU B 451 -39.93 2.23 -7.94
C LEU B 451 -40.91 1.72 -8.99
N ASN B 452 -40.65 2.06 -10.25
CA ASN B 452 -41.51 1.64 -11.36
C ASN B 452 -40.83 0.72 -12.36
N LYS B 453 -41.30 -0.53 -12.43
CA LYS B 453 -40.77 -1.54 -13.35
C LYS B 453 -39.25 -1.53 -13.44
N THR B 454 -38.58 -1.96 -12.37
CA THR B 454 -37.13 -2.02 -12.35
C THR B 454 -36.71 -3.44 -12.01
N GLN B 455 -35.41 -3.67 -11.78
CA GLN B 455 -34.95 -5.02 -11.46
C GLN B 455 -33.99 -5.06 -10.30
N LEU B 456 -33.91 -6.21 -9.65
CA LEU B 456 -33.02 -6.42 -8.51
C LEU B 456 -32.40 -7.82 -8.54
N ARG B 457 -31.08 -7.88 -8.71
CA ARG B 457 -30.35 -9.16 -8.72
C ARG B 457 -29.27 -9.15 -7.64
N LEU B 458 -29.39 -10.06 -6.67
CA LEU B 458 -28.43 -10.17 -5.58
C LEU B 458 -27.64 -11.49 -5.67
N LYS B 459 -26.34 -11.41 -5.44
CA LYS B 459 -25.44 -12.56 -5.50
C LYS B 459 -25.02 -13.07 -4.11
N ARG B 460 -25.06 -14.39 -3.94
CA ARG B 460 -24.70 -15.00 -2.68
C ARG B 460 -23.32 -14.59 -2.16
N ALA B 461 -23.25 -14.30 -0.87
CA ALA B 461 -21.99 -13.92 -0.23
C ALA B 461 -21.44 -12.59 -0.72
N ARG B 462 -22.28 -11.78 -1.36
CA ARG B 462 -21.84 -10.48 -1.85
C ARG B 462 -22.37 -9.35 -0.99
N ARG B 463 -21.70 -8.20 -1.02
CA ARG B 463 -22.11 -7.08 -0.18
C ARG B 463 -22.52 -5.85 -0.96
N TYR B 464 -23.75 -5.45 -0.71
CA TYR B 464 -24.34 -4.31 -1.38
C TYR B 464 -24.63 -3.16 -0.45
N GLY B 465 -24.74 -1.98 -1.03
CA GLY B 465 -25.09 -0.80 -0.27
C GLY B 465 -26.22 -0.16 -1.05
N ILE B 466 -27.25 0.35 -0.37
CA ILE B 466 -28.36 0.99 -1.07
C ILE B 466 -28.25 2.48 -0.85
N CYS B 467 -28.23 3.23 -1.94
CA CYS B 467 -28.12 4.68 -1.89
C CYS B 467 -29.26 5.37 -2.64
N GLY B 468 -29.51 6.63 -2.32
CA GLY B 468 -30.57 7.37 -2.98
C GLY B 468 -30.80 8.68 -2.27
N PRO B 469 -31.24 9.73 -2.99
CA PRO B 469 -31.47 11.00 -2.30
C PRO B 469 -32.40 10.82 -1.09
N ASN B 470 -32.24 11.70 -0.13
CA ASN B 470 -33.05 11.61 1.08
C ASN B 470 -34.55 11.55 0.76
N GLY B 471 -35.23 10.56 1.35
CA GLY B 471 -36.66 10.42 1.15
C GLY B 471 -37.11 9.62 -0.05
N CYS B 472 -36.18 8.95 -0.72
CA CYS B 472 -36.51 8.14 -1.90
C CYS B 472 -37.16 6.79 -1.63
N GLY B 473 -37.04 6.29 -0.40
CA GLY B 473 -37.64 5.00 -0.06
C GLY B 473 -36.68 3.85 0.24
N LYS B 474 -35.41 4.17 0.44
CA LYS B 474 -34.40 3.17 0.74
C LYS B 474 -34.83 2.27 1.88
N SER B 475 -35.35 2.83 2.97
CA SER B 475 -35.79 2.02 4.10
C SER B 475 -37.02 1.16 3.79
N THR B 476 -37.94 1.70 3.00
CA THR B 476 -39.15 0.97 2.64
C THR B 476 -38.76 -0.25 1.81
N LEU B 477 -37.84 -0.06 0.87
CA LEU B 477 -37.36 -1.17 0.06
C LEU B 477 -36.77 -2.26 0.96
N MET B 478 -35.94 -1.89 1.93
CA MET B 478 -35.33 -2.88 2.80
C MET B 478 -36.37 -3.66 3.61
N ARG B 479 -37.38 -2.93 4.09
CA ARG B 479 -38.47 -3.50 4.86
C ARG B 479 -39.26 -4.41 3.91
N ALA B 480 -39.44 -3.95 2.67
CA ALA B 480 -40.14 -4.75 1.68
C ALA B 480 -39.40 -6.08 1.50
N ILE B 481 -38.08 -6.02 1.30
CA ILE B 481 -37.30 -7.23 1.11
C ILE B 481 -37.42 -8.16 2.30
N ALA B 482 -37.29 -7.59 3.49
CA ALA B 482 -37.37 -8.33 4.74
C ALA B 482 -38.68 -9.04 4.95
N ASN B 483 -39.77 -8.48 4.42
CA ASN B 483 -41.10 -9.09 4.57
C ASN B 483 -41.57 -9.73 3.25
N GLY B 484 -40.64 -9.95 2.32
CA GLY B 484 -40.95 -10.56 1.04
C GLY B 484 -42.10 -9.90 0.29
N GLN B 485 -41.97 -8.59 0.09
CA GLN B 485 -42.99 -7.85 -0.62
C GLN B 485 -42.43 -7.32 -1.94
N VAL B 486 -41.34 -7.90 -2.39
CA VAL B 486 -40.77 -7.52 -3.67
C VAL B 486 -41.12 -8.69 -4.58
N ASP B 487 -41.99 -8.43 -5.56
CA ASP B 487 -42.42 -9.47 -6.48
C ASP B 487 -41.28 -10.33 -6.99
N GLY B 488 -41.45 -11.64 -6.88
CA GLY B 488 -40.42 -12.54 -7.36
C GLY B 488 -39.28 -12.82 -6.40
N PHE B 489 -39.34 -12.23 -5.21
CA PHE B 489 -38.30 -12.46 -4.24
C PHE B 489 -38.56 -13.83 -3.61
N PRO B 490 -37.49 -14.53 -3.25
CA PRO B 490 -37.60 -15.85 -2.64
C PRO B 490 -38.29 -15.82 -1.29
N THR B 491 -38.92 -16.94 -0.92
CA THR B 491 -39.58 -17.01 0.38
C THR B 491 -38.49 -17.12 1.43
N GLN B 492 -38.89 -17.10 2.68
CA GLN B 492 -37.91 -17.20 3.75
C GLN B 492 -37.23 -18.57 3.78
N GLU B 493 -37.94 -19.61 3.35
CA GLU B 493 -37.37 -20.96 3.35
C GLU B 493 -36.25 -21.06 2.32
N GLU B 494 -36.43 -20.37 1.21
CA GLU B 494 -35.46 -20.40 0.14
C GLU B 494 -34.36 -19.40 0.37
N CYS B 495 -34.68 -18.24 0.93
CA CYS B 495 -33.65 -17.24 1.18
C CYS B 495 -34.01 -16.51 2.45
N ARG B 496 -33.43 -16.97 3.57
CA ARG B 496 -33.70 -16.39 4.87
C ARG B 496 -33.00 -15.06 5.07
N THR B 497 -33.78 -14.01 5.23
CA THR B 497 -33.24 -12.68 5.43
C THR B 497 -33.50 -12.31 6.89
N VAL B 498 -32.59 -11.53 7.46
CA VAL B 498 -32.68 -11.06 8.83
C VAL B 498 -32.51 -9.56 8.85
N TYR B 499 -33.51 -8.83 9.31
CA TYR B 499 -33.43 -7.37 9.36
C TYR B 499 -32.75 -7.13 10.71
N VAL B 500 -31.42 -7.04 10.72
CA VAL B 500 -30.64 -6.87 11.97
C VAL B 500 -31.12 -5.78 12.91
N GLU B 501 -31.43 -6.20 14.14
CA GLU B 501 -31.92 -5.31 15.19
C GLU B 501 -33.27 -4.67 14.96
N HIS B 502 -34.07 -5.23 14.07
CA HIS B 502 -35.40 -4.68 13.79
C HIS B 502 -36.50 -5.68 14.11
N ASP B 503 -36.16 -6.66 14.93
CA ASP B 503 -37.12 -7.69 15.32
C ASP B 503 -38.00 -7.24 16.49
N ILE B 504 -39.25 -7.68 16.49
CA ILE B 504 -40.15 -7.31 17.56
C ILE B 504 -40.65 -8.55 18.30
N ASP B 505 -40.64 -8.51 19.62
CA ASP B 505 -41.13 -9.64 20.40
C ASP B 505 -41.47 -9.11 21.78
N GLY B 506 -42.02 -9.95 22.63
CA GLY B 506 -42.39 -9.47 23.95
C GLY B 506 -41.55 -9.96 25.11
N THR B 507 -40.24 -9.83 24.99
CA THR B 507 -39.36 -10.27 26.06
C THR B 507 -39.32 -9.30 27.21
N HIS B 508 -39.35 -9.81 28.44
CA HIS B 508 -39.31 -9.00 29.65
C HIS B 508 -37.90 -8.41 29.76
N SER B 509 -37.75 -7.30 30.47
CA SER B 509 -36.44 -6.72 30.63
C SER B 509 -35.70 -7.56 31.67
N ASP B 510 -36.34 -8.64 32.10
CA ASP B 510 -35.76 -9.54 33.10
C ASP B 510 -35.12 -10.75 32.42
N THR B 511 -35.60 -11.10 31.24
CA THR B 511 -35.08 -12.26 30.52
C THR B 511 -33.58 -12.20 30.23
N SER B 512 -32.91 -13.31 30.50
CA SER B 512 -31.48 -13.42 30.29
C SER B 512 -31.19 -13.51 28.80
N VAL B 513 -29.99 -13.11 28.43
CA VAL B 513 -29.57 -13.16 27.05
C VAL B 513 -29.86 -14.53 26.47
N LEU B 514 -29.43 -15.57 27.17
CA LEU B 514 -29.63 -16.93 26.69
C LEU B 514 -31.11 -17.24 26.43
N ASP B 515 -31.97 -16.96 27.40
CA ASP B 515 -33.39 -17.23 27.24
C ASP B 515 -34.00 -16.42 26.10
N PHE B 516 -33.49 -15.20 25.93
CA PHE B 516 -33.94 -14.30 24.87
C PHE B 516 -33.73 -14.96 23.52
N VAL B 517 -32.52 -15.45 23.26
CA VAL B 517 -32.19 -16.12 22.00
C VAL B 517 -32.95 -17.44 21.91
N PHE B 518 -33.07 -18.15 23.03
CA PHE B 518 -33.75 -19.44 23.07
C PHE B 518 -35.23 -19.33 22.74
N GLU B 519 -35.87 -18.28 23.25
CA GLU B 519 -37.30 -18.10 23.02
C GLU B 519 -37.64 -17.89 21.55
N SER B 520 -36.63 -17.71 20.70
CA SER B 520 -36.87 -17.51 19.28
C SER B 520 -36.91 -18.83 18.53
N GLY B 521 -36.76 -19.92 19.29
CA GLY B 521 -36.75 -21.25 18.71
C GLY B 521 -35.67 -21.36 17.65
N VAL B 522 -34.41 -21.37 18.08
CA VAL B 522 -33.31 -21.43 17.13
C VAL B 522 -32.26 -22.44 17.56
N GLY B 523 -32.71 -23.51 18.21
CA GLY B 523 -31.79 -24.54 18.65
C GLY B 523 -31.83 -24.68 20.15
N THR B 524 -31.33 -25.80 20.66
CA THR B 524 -31.30 -26.05 22.08
C THR B 524 -30.43 -25.04 22.82
N LYS B 525 -30.59 -24.94 24.13
CA LYS B 525 -29.79 -23.98 24.86
C LYS B 525 -28.29 -24.27 24.80
N GLU B 526 -27.92 -25.54 24.69
CA GLU B 526 -26.50 -25.91 24.61
C GLU B 526 -25.91 -25.35 23.31
N ALA B 527 -26.62 -25.61 22.22
CA ALA B 527 -26.22 -25.14 20.90
C ALA B 527 -26.04 -23.61 20.86
N ILE B 528 -26.98 -22.87 21.47
CA ILE B 528 -26.95 -21.42 21.52
C ILE B 528 -25.76 -20.89 22.33
N LYS B 529 -25.50 -21.52 23.47
CA LYS B 529 -24.37 -21.09 24.29
C LYS B 529 -23.07 -21.24 23.51
N ASP B 530 -22.90 -22.38 22.83
CA ASP B 530 -21.70 -22.66 22.06
C ASP B 530 -21.39 -21.52 21.07
N LYS B 531 -22.41 -21.05 20.35
CA LYS B 531 -22.20 -19.96 19.38
C LYS B 531 -21.92 -18.63 20.04
N LEU B 532 -22.72 -18.27 21.04
CA LEU B 532 -22.50 -17.00 21.73
C LEU B 532 -21.08 -16.88 22.21
N ILE B 533 -20.56 -17.95 22.82
CA ILE B 533 -19.18 -17.99 23.32
C ILE B 533 -18.24 -17.85 22.13
N GLU B 534 -18.47 -18.65 21.10
CA GLU B 534 -17.64 -18.57 19.91
C GLU B 534 -17.66 -17.13 19.39
N PHE B 535 -18.78 -16.47 19.60
CA PHE B 535 -18.95 -15.10 19.14
C PHE B 535 -18.23 -14.09 20.00
N GLY B 536 -17.94 -14.43 21.24
CA GLY B 536 -17.25 -13.48 22.10
C GLY B 536 -17.93 -13.20 23.43
N PHE B 537 -19.12 -13.78 23.64
CA PHE B 537 -19.88 -13.59 24.88
C PHE B 537 -19.28 -14.40 26.03
N THR B 538 -19.30 -13.83 27.22
CA THR B 538 -18.79 -14.50 28.41
C THR B 538 -19.93 -15.27 29.04
N ASP B 539 -19.62 -16.12 30.00
CA ASP B 539 -20.64 -16.89 30.67
C ASP B 539 -21.53 -15.95 31.45
N GLU B 540 -20.90 -14.95 32.06
CA GLU B 540 -21.65 -13.98 32.84
C GLU B 540 -22.72 -13.29 32.02
N MET B 541 -22.34 -12.82 30.83
CA MET B 541 -23.25 -12.14 29.93
C MET B 541 -24.39 -13.01 29.43
N ILE B 542 -24.07 -14.25 29.09
CA ILE B 542 -25.10 -15.16 28.60
C ILE B 542 -26.19 -15.36 29.66
N ALA B 543 -25.83 -15.17 30.93
CA ALA B 543 -26.77 -15.37 32.03
C ALA B 543 -27.47 -14.11 32.49
N MET B 544 -26.86 -12.97 32.18
CA MET B 544 -27.40 -11.68 32.59
C MET B 544 -28.66 -11.26 31.81
N PRO B 545 -29.40 -10.26 32.32
CA PRO B 545 -30.62 -9.78 31.68
C PRO B 545 -30.30 -9.02 30.42
N ILE B 546 -31.07 -9.23 29.36
CA ILE B 546 -30.81 -8.53 28.11
C ILE B 546 -30.74 -7.02 28.29
N SER B 547 -31.57 -6.52 29.21
CA SER B 547 -31.60 -5.08 29.49
C SER B 547 -30.25 -4.53 29.92
N ALA B 548 -29.30 -5.42 30.18
CA ALA B 548 -28.00 -4.95 30.63
C ALA B 548 -26.93 -4.78 29.54
N LEU B 549 -27.23 -5.25 28.34
CA LEU B 549 -26.29 -5.15 27.21
C LEU B 549 -26.10 -3.73 26.70
N SER B 550 -24.87 -3.40 26.34
CA SER B 550 -24.53 -2.07 25.81
C SER B 550 -24.95 -2.06 24.36
N GLY B 551 -24.74 -0.92 23.69
CA GLY B 551 -25.10 -0.81 22.29
C GLY B 551 -24.28 -1.80 21.49
N GLY B 552 -22.99 -1.84 21.79
CA GLY B 552 -22.11 -2.74 21.07
C GLY B 552 -22.51 -4.18 21.13
N TRP B 553 -22.93 -4.65 22.30
CA TRP B 553 -23.29 -6.06 22.44
C TRP B 553 -24.67 -6.42 21.87
N LYS B 554 -25.55 -5.43 21.75
CA LYS B 554 -26.88 -5.69 21.21
C LYS B 554 -26.72 -5.98 19.73
N MET B 555 -25.77 -5.29 19.12
CA MET B 555 -25.45 -5.46 17.71
C MET B 555 -24.84 -6.84 17.54
N LYS B 556 -23.84 -7.15 18.35
CA LYS B 556 -23.20 -8.46 18.24
C LYS B 556 -24.20 -9.58 18.51
N LEU B 557 -25.08 -9.37 19.50
CA LEU B 557 -26.10 -10.36 19.83
C LEU B 557 -27.01 -10.58 18.63
N ALA B 558 -27.37 -9.48 17.98
CA ALA B 558 -28.24 -9.51 16.80
C ALA B 558 -27.59 -10.28 15.64
N LEU B 559 -26.27 -10.19 15.49
CA LEU B 559 -25.60 -10.91 14.41
C LEU B 559 -25.48 -12.39 14.75
N ALA B 560 -25.31 -12.68 16.05
CA ALA B 560 -25.19 -14.07 16.52
C ALA B 560 -26.50 -14.79 16.27
N ARG B 561 -27.62 -14.13 16.57
CA ARG B 561 -28.95 -14.71 16.35
C ARG B 561 -29.16 -15.00 14.86
N ALA B 562 -28.66 -14.10 14.01
CA ALA B 562 -28.79 -14.28 12.58
C ALA B 562 -28.01 -15.52 12.15
N VAL B 563 -26.88 -15.78 12.80
CA VAL B 563 -26.13 -16.97 12.44
C VAL B 563 -26.87 -18.25 12.82
N LEU B 564 -27.54 -18.22 13.98
CA LEU B 564 -28.29 -19.37 14.46
C LEU B 564 -29.52 -19.61 13.58
N ARG B 565 -30.00 -18.56 12.93
CA ARG B 565 -31.16 -18.69 12.05
C ARG B 565 -30.73 -19.08 10.64
N ASN B 566 -29.42 -19.24 10.45
CA ASN B 566 -28.84 -19.60 9.15
C ASN B 566 -29.32 -18.60 8.10
N ALA B 567 -29.06 -17.32 8.34
CA ALA B 567 -29.45 -16.26 7.40
C ALA B 567 -28.68 -16.35 6.09
N ASP B 568 -29.34 -15.95 5.00
CA ASP B 568 -28.71 -15.96 3.69
C ASP B 568 -28.41 -14.50 3.35
N ILE B 569 -29.16 -13.59 3.95
CA ILE B 569 -28.97 -12.16 3.73
C ILE B 569 -29.16 -11.36 5.02
N LEU B 570 -28.20 -10.50 5.30
CA LEU B 570 -28.26 -9.61 6.46
C LEU B 570 -28.70 -8.21 5.96
N LEU B 571 -29.77 -7.67 6.54
CA LEU B 571 -30.24 -6.35 6.15
C LEU B 571 -29.88 -5.38 7.28
N LEU B 572 -29.14 -4.32 6.97
CA LEU B 572 -28.73 -3.35 7.98
C LEU B 572 -29.07 -1.92 7.60
N ASP B 573 -29.78 -1.23 8.50
CA ASP B 573 -30.19 0.17 8.30
C ASP B 573 -29.54 1.08 9.36
N GLU B 574 -28.58 1.92 8.93
CA GLU B 574 -27.90 2.84 9.84
C GLU B 574 -27.35 2.04 11.01
N PRO B 575 -26.55 1.01 10.71
CA PRO B 575 -25.97 0.19 11.76
C PRO B 575 -24.88 0.85 12.58
N THR B 576 -24.32 1.95 12.11
CA THR B 576 -23.25 2.58 12.88
C THR B 576 -23.78 3.53 13.95
N ASN B 577 -25.08 3.77 13.96
CA ASN B 577 -25.67 4.66 14.97
C ASN B 577 -25.47 4.07 16.36
N HIS B 578 -25.15 4.91 17.33
CA HIS B 578 -24.94 4.42 18.69
C HIS B 578 -23.81 3.41 18.77
N LEU B 579 -22.76 3.61 17.99
CA LEU B 579 -21.64 2.68 18.02
C LEU B 579 -20.33 3.43 17.98
N ASP B 580 -19.44 3.14 18.93
CA ASP B 580 -18.15 3.81 18.98
C ASP B 580 -17.21 3.25 17.93
N THR B 581 -16.13 3.97 17.63
CA THR B 581 -15.23 3.52 16.57
C THR B 581 -14.70 2.08 16.71
N VAL B 582 -14.58 1.60 17.94
CA VAL B 582 -14.10 0.24 18.12
C VAL B 582 -15.17 -0.74 17.63
N ASN B 583 -16.40 -0.56 18.10
CA ASN B 583 -17.49 -1.43 17.70
C ASN B 583 -17.81 -1.33 16.21
N VAL B 584 -17.65 -0.13 15.63
CA VAL B 584 -17.91 0.02 14.20
C VAL B 584 -16.82 -0.73 13.45
N ALA B 585 -15.60 -0.62 13.94
CA ALA B 585 -14.48 -1.32 13.33
C ALA B 585 -14.75 -2.83 13.35
N TRP B 586 -15.28 -3.31 14.48
CA TRP B 586 -15.61 -4.71 14.64
C TRP B 586 -16.70 -5.13 13.65
N LEU B 587 -17.76 -4.32 13.53
CA LEU B 587 -18.85 -4.66 12.62
C LEU B 587 -18.32 -4.79 11.20
N VAL B 588 -17.47 -3.83 10.81
CA VAL B 588 -16.86 -3.81 9.47
C VAL B 588 -16.15 -5.15 9.22
N ASN B 589 -15.29 -5.51 10.16
CA ASN B 589 -14.54 -6.74 10.10
C ASN B 589 -15.46 -7.96 9.95
N TYR B 590 -16.52 -8.00 10.75
CA TYR B 590 -17.45 -9.12 10.71
C TYR B 590 -18.17 -9.17 9.38
N LEU B 591 -18.74 -8.06 8.92
CA LEU B 591 -19.45 -8.06 7.65
C LEU B 591 -18.55 -8.50 6.50
N ASN B 592 -17.26 -8.18 6.57
CA ASN B 592 -16.31 -8.57 5.52
C ASN B 592 -15.83 -10.02 5.60
N THR B 593 -16.12 -10.70 6.70
CA THR B 593 -15.66 -12.08 6.83
C THR B 593 -16.74 -13.07 7.18
N CYS B 594 -17.95 -12.61 7.50
CA CYS B 594 -19.01 -13.54 7.86
C CYS B 594 -19.40 -14.49 6.71
N GLY B 595 -18.99 -14.13 5.49
CA GLY B 595 -19.29 -14.94 4.31
C GLY B 595 -20.74 -14.94 3.86
N ILE B 596 -21.54 -14.03 4.42
CA ILE B 596 -22.96 -13.92 4.10
C ILE B 596 -23.25 -12.62 3.34
N THR B 597 -24.22 -12.68 2.41
CA THR B 597 -24.63 -11.50 1.63
C THR B 597 -25.19 -10.44 2.60
N SER B 598 -24.86 -9.18 2.39
CA SER B 598 -25.39 -8.15 3.26
C SER B 598 -25.75 -6.90 2.49
N ILE B 599 -26.88 -6.29 2.86
CA ILE B 599 -27.32 -5.04 2.23
C ILE B 599 -27.32 -4.01 3.35
N THR B 600 -26.67 -2.88 3.09
CA THR B 600 -26.51 -1.80 4.07
C THR B 600 -27.00 -0.41 3.63
N ILE B 601 -27.60 0.34 4.56
CA ILE B 601 -28.04 1.69 4.29
C ILE B 601 -27.30 2.47 5.37
N SER B 602 -26.43 3.40 4.96
CA SER B 602 -25.66 4.20 5.90
C SER B 602 -25.28 5.58 5.36
N HIS B 603 -25.43 6.59 6.21
CA HIS B 603 -25.11 7.95 5.84
C HIS B 603 -23.61 8.09 5.93
N ASP B 604 -22.98 7.05 6.44
CA ASP B 604 -21.54 7.03 6.59
C ASP B 604 -20.92 6.40 5.34
N SER B 605 -20.48 7.25 4.41
CA SER B 605 -19.87 6.77 3.17
C SER B 605 -18.58 6.03 3.48
N VAL B 606 -17.96 6.37 4.59
CA VAL B 606 -16.75 5.69 4.94
C VAL B 606 -17.03 4.25 5.33
N PHE B 607 -18.14 4.02 6.05
CA PHE B 607 -18.53 2.66 6.46
C PHE B 607 -18.90 1.85 5.22
N LEU B 608 -19.57 2.52 4.27
CA LEU B 608 -20.00 1.92 3.02
C LEU B 608 -18.79 1.46 2.21
N ASP B 609 -17.75 2.30 2.21
CA ASP B 609 -16.51 1.98 1.50
C ASP B 609 -15.80 0.77 2.07
N ASN B 610 -15.88 0.58 3.38
CA ASN B 610 -15.21 -0.55 4.01
C ASN B 610 -15.97 -1.87 3.92
N VAL B 611 -17.25 -1.77 3.58
CA VAL B 611 -18.09 -2.95 3.54
C VAL B 611 -18.70 -3.33 2.18
N CYS B 612 -19.11 -2.34 1.40
CA CYS B 612 -19.74 -2.58 0.11
C CYS B 612 -18.93 -2.90 -1.13
N GLU B 613 -19.38 -3.92 -1.87
CA GLU B 613 -18.74 -4.34 -3.12
C GLU B 613 -19.51 -3.80 -4.32
N TYR B 614 -20.79 -3.48 -4.12
CA TYR B 614 -21.67 -2.96 -5.16
C TYR B 614 -22.52 -1.86 -4.56
N ILE B 615 -23.04 -0.98 -5.39
CA ILE B 615 -23.91 0.08 -4.91
C ILE B 615 -25.17 0.09 -5.75
N ILE B 616 -26.32 -0.13 -5.11
CA ILE B 616 -27.61 -0.10 -5.79
C ILE B 616 -28.16 1.29 -5.49
N ASN B 617 -28.19 2.13 -6.53
CA ASN B 617 -28.61 3.53 -6.42
C ASN B 617 -29.97 3.88 -6.98
N TYR B 618 -30.76 4.62 -6.20
CA TYR B 618 -32.08 5.02 -6.66
C TYR B 618 -31.86 6.13 -7.66
N GLU B 619 -32.36 5.97 -8.87
CA GLU B 619 -32.22 6.99 -9.89
C GLU B 619 -33.58 7.13 -10.57
N GLY B 620 -34.29 8.20 -10.20
CA GLY B 620 -35.62 8.41 -10.73
C GLY B 620 -36.42 7.38 -9.97
N LEU B 621 -37.16 6.54 -10.67
CA LEU B 621 -37.94 5.50 -9.98
C LEU B 621 -37.36 4.14 -10.37
N LYS B 622 -36.06 4.12 -10.62
CA LYS B 622 -35.39 2.90 -11.03
C LYS B 622 -34.22 2.59 -10.12
N LEU B 623 -33.80 1.32 -10.10
CA LEU B 623 -32.65 0.94 -9.28
C LEU B 623 -31.51 0.65 -10.25
N ARG B 624 -30.36 1.24 -10.02
CA ARG B 624 -29.22 1.03 -10.90
C ARG B 624 -28.02 0.54 -10.10
N LYS B 625 -27.44 -0.57 -10.55
CA LYS B 625 -26.29 -1.16 -9.87
C LYS B 625 -24.96 -0.61 -10.40
N TYR B 626 -23.99 -0.52 -9.49
CA TYR B 626 -22.66 -0.04 -9.84
C TYR B 626 -21.65 -0.95 -9.16
N LYS B 627 -20.58 -1.28 -9.86
CA LYS B 627 -19.56 -2.15 -9.29
C LYS B 627 -18.69 -1.28 -8.39
N GLY B 628 -18.24 -1.86 -7.29
CA GLY B 628 -17.38 -1.11 -6.38
C GLY B 628 -18.07 -0.52 -5.17
N ASN B 629 -17.30 0.08 -4.27
CA ASN B 629 -17.88 0.68 -3.09
C ASN B 629 -18.38 2.09 -3.40
N PHE B 630 -18.58 2.89 -2.36
CA PHE B 630 -19.12 4.23 -2.57
C PHE B 630 -18.20 5.11 -3.38
N THR B 631 -16.92 5.13 -3.02
CA THR B 631 -15.93 5.94 -3.71
C THR B 631 -15.92 5.65 -5.21
N GLU B 632 -15.98 4.38 -5.56
CA GLU B 632 -16.01 4.00 -6.97
C GLU B 632 -17.33 4.42 -7.60
N PHE B 633 -18.41 4.28 -6.83
CA PHE B 633 -19.76 4.65 -7.28
C PHE B 633 -19.83 6.11 -7.71
N VAL B 634 -19.34 6.99 -6.85
CA VAL B 634 -19.32 8.42 -7.11
C VAL B 634 -18.52 8.78 -8.36
N LYS B 635 -17.67 7.88 -8.82
CA LYS B 635 -16.89 8.18 -10.01
C LYS B 635 -17.81 8.11 -11.24
N LYS B 636 -18.63 7.06 -11.28
CA LYS B 636 -19.55 6.86 -12.40
C LYS B 636 -20.79 7.72 -12.24
N CYS B 637 -21.12 8.08 -10.99
CA CYS B 637 -22.29 8.90 -10.73
C CYS B 637 -21.94 10.14 -9.91
N PRO B 638 -21.40 11.17 -10.57
CA PRO B 638 -21.00 12.42 -9.91
C PRO B 638 -22.09 13.14 -9.11
N ALA B 639 -23.35 12.96 -9.53
CA ALA B 639 -24.47 13.59 -8.86
C ALA B 639 -24.59 13.13 -7.42
N ALA B 640 -23.99 11.99 -7.12
CA ALA B 640 -24.03 11.41 -5.80
C ALA B 640 -23.26 12.19 -4.75
N LYS B 641 -22.42 13.13 -5.19
CA LYS B 641 -21.66 13.91 -4.23
C LYS B 641 -22.49 14.96 -3.51
N ALA B 642 -23.76 15.03 -3.86
CA ALA B 642 -24.65 16.04 -3.25
C ALA B 642 -25.84 15.48 -2.51
N TYR B 643 -25.66 14.31 -1.94
CA TYR B 643 -26.74 13.61 -1.23
C TYR B 643 -27.10 14.20 0.14
N GLU B 644 -26.17 14.95 0.73
CA GLU B 644 -26.42 15.58 2.02
C GLU B 644 -26.47 17.09 1.83
N GLU B 645 -27.05 17.51 0.72
CA GLU B 645 -27.13 18.92 0.35
C GLU B 645 -28.46 19.64 0.62
N LEU B 646 -29.57 18.96 0.36
CA LEU B 646 -30.93 19.52 0.51
C LEU B 646 -31.16 20.75 1.40
N SER B 647 -30.46 20.83 2.54
CA SER B 647 -30.65 22.00 3.44
C SER B 647 -29.46 22.98 3.40
N ASN B 648 -29.77 24.26 3.24
CA ASN B 648 -28.77 25.33 3.17
C ASN B 648 -27.74 25.37 4.30
N THR B 649 -28.09 24.78 5.43
CA THR B 649 -27.18 24.79 6.58
C THR B 649 -25.90 23.98 6.40
N ASP B 650 -25.95 22.89 5.64
CA ASP B 650 -24.78 22.04 5.44
C ASP B 650 -23.67 22.75 4.66
N LEU B 651 -23.97 23.94 4.14
CA LEU B 651 -23.00 24.71 3.37
C LEU B 651 -22.15 25.66 4.20
N GLU B 652 -22.59 25.92 5.43
CA GLU B 652 -21.87 26.83 6.31
C GLU B 652 -20.63 26.24 6.96
N PHE B 653 -19.73 27.13 7.34
CA PHE B 653 -18.47 26.76 8.00
C PHE B 653 -18.00 27.93 8.86
N LYS B 654 -17.06 27.65 9.77
CA LYS B 654 -16.51 28.67 10.67
C LYS B 654 -14.99 28.60 10.67
N PHE B 655 -14.32 29.75 10.66
CA PHE B 655 -12.84 29.72 10.70
C PHE B 655 -12.46 29.52 12.17
N PRO B 656 -11.25 29.01 12.43
CA PRO B 656 -10.79 28.79 13.81
C PRO B 656 -10.46 30.08 14.56
N GLU B 657 -10.34 29.98 15.87
CA GLU B 657 -10.01 31.13 16.71
C GLU B 657 -8.54 31.38 16.56
N PRO B 658 -8.13 32.62 16.26
CA PRO B 658 -6.69 32.84 16.12
C PRO B 658 -5.98 32.47 17.40
N GLY B 659 -4.75 31.98 17.27
CA GLY B 659 -3.99 31.59 18.43
C GLY B 659 -3.67 32.75 19.34
N TYR B 660 -3.50 32.42 20.62
CA TYR B 660 -3.19 33.40 21.64
C TYR B 660 -1.89 34.16 21.37
N LEU B 661 -1.88 35.44 21.72
CA LEU B 661 -0.71 36.32 21.55
C LEU B 661 -0.58 37.10 22.83
N GLU B 662 0.63 37.19 23.37
CA GLU B 662 0.79 37.93 24.62
C GLU B 662 0.96 39.41 24.38
N GLY B 663 0.33 40.23 25.21
CA GLY B 663 0.45 41.65 25.04
C GLY B 663 -0.63 42.23 24.16
N VAL B 664 -1.69 41.47 23.92
CA VAL B 664 -2.77 41.96 23.10
C VAL B 664 -4.02 41.73 23.93
N LYS B 665 -4.58 42.80 24.46
CA LYS B 665 -5.76 42.65 25.28
C LYS B 665 -7.00 43.24 24.66
N THR B 666 -6.83 43.87 23.50
CA THR B 666 -7.95 44.45 22.77
C THR B 666 -7.84 44.09 21.29
N LYS B 667 -8.98 43.94 20.63
CA LYS B 667 -8.94 43.56 19.24
C LYS B 667 -8.53 44.75 18.35
N GLN B 668 -8.29 45.90 19.00
CA GLN B 668 -7.88 47.12 18.27
C GLN B 668 -6.38 47.29 18.36
N LYS B 669 -5.77 46.50 19.20
CA LYS B 669 -4.33 46.54 19.39
C LYS B 669 -3.63 46.15 18.11
N ALA B 670 -2.77 47.04 17.61
CA ALA B 670 -2.08 46.78 16.37
C ALA B 670 -1.08 45.63 16.44
N ILE B 671 -1.26 44.59 15.63
CA ILE B 671 -0.31 43.47 15.64
C ILE B 671 0.58 43.57 14.41
N VAL B 672 0.27 44.55 13.57
CA VAL B 672 1.03 44.81 12.35
C VAL B 672 0.96 46.31 12.09
N LYS B 673 2.11 46.93 11.94
CA LYS B 673 2.15 48.36 11.72
C LYS B 673 3.26 48.70 10.74
N VAL B 674 2.85 49.35 9.66
CA VAL B 674 3.75 49.76 8.60
C VAL B 674 3.80 51.27 8.44
N THR B 675 5.00 51.84 8.49
CA THR B 675 5.16 53.29 8.40
C THR B 675 6.17 53.76 7.34
N ASN B 676 5.80 54.81 6.61
CA ASN B 676 6.65 55.39 5.56
C ASN B 676 7.15 54.28 4.65
N MET B 677 6.29 53.34 4.33
CA MET B 677 6.69 52.24 3.47
C MET B 677 6.70 52.55 1.99
N GLU B 678 7.72 52.06 1.28
CA GLU B 678 7.83 52.28 -0.15
C GLU B 678 8.48 51.10 -0.83
N PHE B 679 8.00 50.79 -2.03
CA PHE B 679 8.57 49.70 -2.81
C PHE B 679 8.79 50.18 -4.24
N GLN B 680 9.97 49.88 -4.77
CA GLN B 680 10.37 50.24 -6.13
C GLN B 680 11.24 49.16 -6.72
N TYR B 681 10.79 48.58 -7.84
CA TYR B 681 11.56 47.52 -8.51
C TYR B 681 12.86 48.03 -9.07
N PRO B 682 13.97 47.33 -8.78
CA PRO B 682 15.21 47.84 -9.34
C PRO B 682 15.06 47.89 -10.87
N GLY B 683 15.21 49.08 -11.43
CA GLY B 683 15.09 49.19 -12.87
C GLY B 683 13.91 50.01 -13.33
N THR B 684 13.03 50.40 -12.42
CA THR B 684 11.87 51.20 -12.81
C THR B 684 12.15 52.66 -12.51
N SER B 685 11.60 53.55 -13.33
CA SER B 685 11.84 54.96 -13.14
C SER B 685 11.27 55.60 -11.88
N LYS B 686 10.48 54.86 -11.11
CA LYS B 686 9.91 55.40 -9.88
C LYS B 686 9.23 54.32 -9.04
N PRO B 687 9.20 54.50 -7.72
CA PRO B 687 8.56 53.49 -6.85
C PRO B 687 7.10 53.21 -7.25
N GLN B 688 6.65 51.99 -6.99
CA GLN B 688 5.29 51.61 -7.33
C GLN B 688 4.32 52.11 -6.26
N ILE B 689 4.78 52.12 -5.02
CA ILE B 689 3.97 52.63 -3.92
C ILE B 689 4.92 53.41 -3.03
N THR B 690 4.41 54.43 -2.35
CA THR B 690 5.25 55.25 -1.51
C THR B 690 4.48 55.94 -0.36
N ASP B 691 5.19 56.18 0.74
CA ASP B 691 4.59 56.84 1.88
C ASP B 691 3.37 56.06 2.43
N ILE B 692 3.50 54.74 2.49
CA ILE B 692 2.46 53.85 2.99
C ILE B 692 2.41 53.64 4.51
N ASN B 693 1.26 53.94 5.10
CA ASN B 693 1.07 53.77 6.54
C ASN B 693 -0.23 52.99 6.79
N PHE B 694 -0.19 51.99 7.67
CA PHE B 694 -1.39 51.23 8.03
C PHE B 694 -1.12 50.28 9.18
N GLN B 695 -2.18 49.79 9.81
CA GLN B 695 -2.05 48.88 10.92
C GLN B 695 -3.10 47.81 10.79
N CYS B 696 -2.83 46.67 11.41
CA CYS B 696 -3.76 45.59 11.39
C CYS B 696 -3.87 45.05 12.81
N SER B 697 -5.11 44.72 13.20
CA SER B 697 -5.42 44.22 14.52
C SER B 697 -6.42 43.08 14.36
N LEU B 698 -6.75 42.41 15.46
CA LEU B 698 -7.68 41.29 15.43
C LEU B 698 -9.08 41.72 15.06
N SER B 699 -9.30 43.03 14.93
CA SER B 699 -10.61 43.55 14.59
C SER B 699 -10.63 44.17 13.21
N SER B 700 -9.52 44.09 12.48
CA SER B 700 -9.51 44.67 11.15
C SER B 700 -10.62 44.13 10.27
N ARG B 701 -11.19 45.02 9.48
CA ARG B 701 -12.23 44.69 8.53
C ARG B 701 -11.97 45.63 7.34
N ILE B 702 -10.98 45.26 6.55
CA ILE B 702 -10.54 46.06 5.43
C ILE B 702 -10.90 45.59 4.01
N ALA B 703 -11.17 46.56 3.15
CA ALA B 703 -11.49 46.29 1.75
C ALA B 703 -10.47 47.05 0.89
N VAL B 704 -9.62 46.34 0.17
CA VAL B 704 -8.65 46.95 -0.73
C VAL B 704 -9.36 47.10 -2.07
N ILE B 705 -10.07 48.21 -2.20
CA ILE B 705 -10.87 48.56 -3.36
C ILE B 705 -10.09 49.12 -4.55
N GLY B 706 -10.78 49.27 -5.69
CA GLY B 706 -10.16 49.84 -6.89
C GLY B 706 -9.80 48.88 -8.01
N PRO B 707 -9.61 49.42 -9.22
CA PRO B 707 -9.24 48.56 -10.37
C PRO B 707 -7.86 47.97 -10.13
N ASN B 708 -7.48 47.00 -10.94
CA ASN B 708 -6.16 46.44 -10.77
C ASN B 708 -5.15 47.51 -11.15
N GLY B 709 -3.90 47.36 -10.72
CA GLY B 709 -2.88 48.34 -11.04
C GLY B 709 -1.53 48.03 -10.41
N ALA B 710 -0.52 48.77 -10.82
CA ALA B 710 0.83 48.58 -10.31
C ALA B 710 0.91 48.88 -8.80
N GLY B 711 0.24 49.94 -8.37
CA GLY B 711 0.27 50.28 -6.96
C GLY B 711 -0.52 49.36 -6.07
N LYS B 712 -1.73 49.02 -6.51
CA LYS B 712 -2.61 48.17 -5.74
C LYS B 712 -1.95 46.81 -5.53
N SER B 713 -1.49 46.23 -6.63
CA SER B 713 -0.87 44.93 -6.55
C SER B 713 0.38 44.90 -5.68
N THR B 714 1.24 45.90 -5.84
CA THR B 714 2.48 45.91 -5.07
C THR B 714 2.19 46.07 -3.59
N LEU B 715 1.20 46.89 -3.28
CA LEU B 715 0.83 47.09 -1.89
C LEU B 715 0.42 45.77 -1.31
N ILE B 716 -0.37 45.01 -2.06
CA ILE B 716 -0.83 43.71 -1.59
C ILE B 716 0.36 42.80 -1.43
N ASN B 717 1.26 42.86 -2.41
CA ASN B 717 2.45 42.02 -2.42
C ASN B 717 3.38 42.25 -1.23
N VAL B 718 3.34 43.46 -0.66
CA VAL B 718 4.16 43.75 0.51
C VAL B 718 3.37 43.29 1.74
N LEU B 719 2.07 43.56 1.72
CA LEU B 719 1.17 43.16 2.80
C LEU B 719 1.27 41.67 3.12
N THR B 720 1.19 40.83 2.09
CA THR B 720 1.24 39.37 2.26
C THR B 720 2.62 38.72 2.41
N GLY B 721 3.67 39.51 2.36
CA GLY B 721 5.00 38.96 2.55
C GLY B 721 5.86 38.69 1.33
N GLU B 722 5.27 38.69 0.15
CA GLU B 722 6.00 38.40 -1.09
C GLU B 722 7.16 39.34 -1.40
N LEU B 723 6.90 40.64 -1.44
CA LEU B 723 7.95 41.63 -1.71
C LEU B 723 8.46 42.32 -0.44
N LEU B 724 9.78 42.44 -0.31
CA LEU B 724 10.38 43.08 0.84
C LEU B 724 10.38 44.56 0.53
N PRO B 725 9.90 45.38 1.46
CA PRO B 725 9.86 46.82 1.20
C PRO B 725 11.24 47.43 0.95
N THR B 726 11.27 48.41 0.08
CA THR B 726 12.47 49.16 -0.31
C THR B 726 12.85 50.23 0.71
N SER B 727 11.88 50.63 1.53
CA SER B 727 12.13 51.66 2.53
C SER B 727 10.93 51.72 3.45
N GLY B 728 11.18 52.06 4.71
CA GLY B 728 10.08 52.15 5.64
C GLY B 728 10.26 51.17 6.78
N GLU B 729 9.39 51.27 7.79
CA GLU B 729 9.48 50.36 8.93
C GLU B 729 8.31 49.38 8.91
N VAL B 730 8.54 48.20 9.47
CA VAL B 730 7.49 47.19 9.57
C VAL B 730 7.54 46.49 10.92
N TYR B 731 6.47 46.66 11.71
CA TYR B 731 6.36 46.00 13.01
C TYR B 731 5.41 44.80 12.83
N THR B 732 5.74 43.63 13.35
CA THR B 732 5.01 42.49 13.30
C THR B 732 5.21 41.81 14.58
N HIS B 733 4.61 41.02 15.03
CA HIS B 733 4.73 40.21 16.23
C HIS B 733 5.53 38.90 15.89
N GLU B 734 6.19 38.43 16.92
CA GLU B 734 7.08 37.27 16.83
C GLU B 734 6.21 36.11 16.39
N ASN B 735 4.95 36.18 16.80
CA ASN B 735 3.92 35.12 16.59
C ASN B 735 2.70 35.43 15.69
N CYS B 736 2.65 36.63 15.13
CA CYS B 736 1.54 36.99 14.25
C CYS B 736 1.56 36.17 12.97
N ARG B 737 0.45 35.49 12.66
CA ARG B 737 0.35 34.68 11.43
C ARG B 737 -0.70 35.25 10.49
N ILE B 738 -0.42 35.20 9.19
CA ILE B 738 -1.33 35.69 8.19
C ILE B 738 -1.65 34.56 7.25
N ALA B 739 -2.88 34.47 6.78
CA ALA B 739 -3.28 33.44 5.83
C ALA B 739 -3.68 34.19 4.54
N TYR B 740 -3.11 33.77 3.42
CA TYR B 740 -3.43 34.43 2.18
C TYR B 740 -4.23 33.49 1.31
N ILE B 741 -5.53 33.73 1.21
CA ILE B 741 -6.39 32.88 0.40
C ILE B 741 -6.46 33.36 -1.04
N LYS B 742 -5.87 32.60 -1.94
CA LYS B 742 -5.84 32.94 -3.35
C LYS B 742 -6.58 31.82 -4.11
N GLN B 743 -7.07 32.10 -5.31
CA GLN B 743 -7.80 31.05 -6.04
C GLN B 743 -6.90 29.88 -6.48
N HIS B 744 -5.63 30.16 -6.67
CA HIS B 744 -4.68 29.12 -7.08
C HIS B 744 -4.85 27.79 -6.33
N ALA B 745 -4.85 27.82 -5.00
CA ALA B 745 -4.99 26.62 -4.18
C ALA B 745 -6.25 25.82 -4.49
N PHE B 746 -7.33 26.53 -4.79
CA PHE B 746 -8.61 25.90 -5.11
C PHE B 746 -8.59 25.11 -6.39
N ALA B 747 -7.89 25.61 -7.40
CA ALA B 747 -7.80 24.91 -8.68
C ALA B 747 -6.75 23.81 -8.64
N HIS B 748 -5.61 24.10 -8.03
CA HIS B 748 -4.53 23.12 -7.98
C HIS B 748 -4.75 21.91 -7.07
N ILE B 749 -5.88 21.83 -6.38
CA ILE B 749 -6.12 20.68 -5.55
C ILE B 749 -6.52 19.49 -6.41
N GLU B 750 -6.77 19.75 -7.70
CA GLU B 750 -7.17 18.71 -8.63
C GLU B 750 -5.98 17.85 -8.98
N SER B 751 -4.82 18.17 -8.39
CA SER B 751 -3.60 17.40 -8.60
C SER B 751 -3.40 16.43 -7.44
N HIS B 752 -4.32 16.44 -6.47
CA HIS B 752 -4.22 15.58 -5.31
C HIS B 752 -5.44 14.74 -5.03
N LEU B 753 -6.23 14.49 -6.07
CA LEU B 753 -7.46 13.72 -5.92
C LEU B 753 -7.28 12.38 -5.25
N ASP B 754 -6.07 11.87 -5.28
CA ASP B 754 -5.73 10.58 -4.71
C ASP B 754 -5.51 10.63 -3.21
N LYS B 755 -5.22 11.82 -2.69
CA LYS B 755 -4.98 11.97 -1.27
C LYS B 755 -6.29 12.12 -0.51
N THR B 756 -6.23 11.92 0.80
CA THR B 756 -7.40 12.09 1.62
C THR B 756 -7.25 13.54 2.07
N PRO B 757 -8.33 14.18 2.54
CA PRO B 757 -8.19 15.58 2.98
C PRO B 757 -7.06 15.72 4.01
N SER B 758 -7.03 14.80 4.96
CA SER B 758 -6.01 14.81 5.98
C SER B 758 -4.61 14.80 5.38
N GLU B 759 -4.38 13.94 4.40
CA GLU B 759 -3.06 13.85 3.75
C GLU B 759 -2.71 15.11 2.99
N TYR B 760 -3.71 15.70 2.34
CA TYR B 760 -3.53 16.92 1.55
C TYR B 760 -3.01 18.01 2.45
N ILE B 761 -3.60 18.14 3.65
CA ILE B 761 -3.20 19.19 4.57
C ILE B 761 -1.81 18.91 5.07
N GLN B 762 -1.49 17.62 5.25
CA GLN B 762 -0.16 17.21 5.72
C GLN B 762 0.87 17.59 4.65
N TRP B 763 0.47 17.45 3.40
CA TRP B 763 1.34 17.79 2.28
C TRP B 763 1.68 19.26 2.18
N ARG B 764 0.68 20.11 2.38
CA ARG B 764 0.84 21.56 2.30
C ARG B 764 1.70 22.16 3.40
N PHE B 765 1.73 21.52 4.56
CA PHE B 765 2.51 22.01 5.69
C PHE B 765 3.64 21.05 6.03
N GLN B 766 4.06 20.28 5.05
CA GLN B 766 5.12 19.30 5.24
C GLN B 766 6.32 19.88 5.97
N THR B 767 6.71 21.08 5.57
CA THR B 767 7.85 21.75 6.16
C THR B 767 7.49 22.72 7.25
N GLY B 768 6.32 22.55 7.86
CA GLY B 768 5.94 23.45 8.94
C GLY B 768 5.34 24.77 8.50
N GLU B 769 5.49 25.10 7.23
CA GLU B 769 4.93 26.32 6.67
C GLU B 769 4.09 26.00 5.42
N ASP B 770 3.19 26.89 5.05
CA ASP B 770 2.31 26.66 3.90
C ASP B 770 3.03 26.80 2.56
N ARG B 771 3.28 25.68 1.89
CA ARG B 771 3.99 25.75 0.64
C ARG B 771 3.22 26.43 -0.47
N GLU B 772 1.92 26.60 -0.28
CA GLU B 772 1.10 27.27 -1.30
C GLU B 772 1.28 28.75 -1.36
N THR B 773 1.48 29.36 -0.19
CA THR B 773 1.63 30.81 -0.11
C THR B 773 3.00 31.34 0.34
N MET B 774 3.84 30.49 0.90
CA MET B 774 5.15 30.98 1.30
C MET B 774 6.06 31.00 0.08
N ASP B 775 7.02 31.91 0.09
CA ASP B 775 8.00 32.02 -1.00
C ASP B 775 7.44 32.05 -2.40
N ARG B 776 6.45 32.91 -2.63
CA ARG B 776 5.87 33.04 -3.96
C ARG B 776 6.78 33.80 -4.94
N ALA B 777 7.85 34.39 -4.41
CA ALA B 777 8.77 35.15 -5.24
C ALA B 777 9.99 34.35 -5.61
N ASN B 778 9.99 33.07 -5.23
CA ASN B 778 11.13 32.19 -5.49
C ASN B 778 10.71 30.95 -6.29
N ARG B 779 11.64 30.42 -7.10
CA ARG B 779 11.37 29.23 -7.90
C ARG B 779 11.00 28.06 -7.00
N GLN B 780 11.77 27.90 -5.93
CA GLN B 780 11.52 26.85 -4.93
C GLN B 780 11.36 25.41 -5.48
N ILE B 781 11.32 25.25 -6.80
CA ILE B 781 11.16 23.93 -7.40
C ILE B 781 12.45 23.10 -7.24
N ASN B 782 13.32 23.52 -6.33
CA ASN B 782 14.59 22.83 -6.10
C ASN B 782 14.54 21.81 -4.98
N GLU B 783 14.24 20.56 -5.34
CA GLU B 783 14.18 19.46 -4.37
C GLU B 783 15.40 18.57 -4.62
N ASN B 784 15.68 18.38 -5.92
CA ASN B 784 16.82 17.59 -6.37
C ASN B 784 17.95 18.61 -6.50
N ASP B 785 18.06 19.45 -5.47
CA ASP B 785 19.05 20.50 -5.42
C ASP B 785 20.21 20.02 -4.54
N ALA B 786 21.14 19.29 -5.14
CA ALA B 786 22.30 18.77 -4.41
C ALA B 786 23.56 19.58 -4.67
N GLU B 787 23.75 20.03 -5.91
CA GLU B 787 24.93 20.82 -6.24
C GLU B 787 24.57 22.29 -6.33
N ALA B 788 23.37 22.63 -5.91
CA ALA B 788 22.93 24.02 -5.91
C ALA B 788 22.92 24.50 -4.47
N MET B 789 23.22 23.58 -3.55
CA MET B 789 23.31 23.90 -2.15
C MET B 789 24.74 24.38 -1.96
N ASN B 790 25.53 24.17 -3.01
CA ASN B 790 26.92 24.58 -3.01
C ASN B 790 26.90 25.99 -3.52
N LYS B 791 25.79 26.66 -3.28
CA LYS B 791 25.62 28.04 -3.68
C LYS B 791 26.62 28.85 -2.89
N ILE B 792 27.37 29.69 -3.58
CA ILE B 792 28.38 30.52 -2.93
C ILE B 792 27.79 31.87 -2.53
N PHE B 793 27.74 32.13 -1.23
CA PHE B 793 27.22 33.40 -0.72
C PHE B 793 28.39 34.35 -0.50
N LYS B 794 28.31 35.55 -1.07
CA LYS B 794 29.37 36.52 -0.88
C LYS B 794 29.09 37.37 0.36
N ILE B 795 29.77 37.06 1.45
CA ILE B 795 29.60 37.83 2.68
C ILE B 795 30.87 38.58 3.10
N GLU B 796 30.70 39.88 3.33
CA GLU B 796 31.80 40.75 3.68
C GLU B 796 32.90 40.64 2.63
N GLY B 797 32.50 40.47 1.37
CA GLY B 797 33.45 40.36 0.28
C GLY B 797 34.16 39.02 0.17
N THR B 798 33.76 38.06 1.01
CA THR B 798 34.38 36.75 1.01
C THR B 798 33.43 35.66 0.56
N PRO B 799 33.88 34.79 -0.36
CA PRO B 799 33.07 33.68 -0.88
C PRO B 799 32.87 32.62 0.20
N ARG B 800 31.61 32.26 0.46
CA ARG B 800 31.30 31.26 1.49
C ARG B 800 30.15 30.35 1.12
N ARG B 801 30.15 29.17 1.75
CA ARG B 801 29.10 28.20 1.55
C ARG B 801 28.48 28.04 2.93
N ILE B 802 27.19 27.82 2.98
CA ILE B 802 26.51 27.66 4.25
C ILE B 802 26.78 26.31 4.86
N ALA B 803 27.22 26.33 6.11
CA ALA B 803 27.51 25.11 6.85
C ALA B 803 26.30 24.67 7.66
N GLY B 804 25.52 25.65 8.13
CA GLY B 804 24.35 25.32 8.92
C GLY B 804 23.54 26.55 9.29
N ILE B 805 22.23 26.37 9.42
CA ILE B 805 21.33 27.46 9.80
C ILE B 805 20.92 27.17 11.23
N HIS B 806 21.05 28.16 12.10
CA HIS B 806 20.77 27.91 13.50
C HIS B 806 19.58 28.59 14.16
N SER B 807 19.28 29.81 13.75
CA SER B 807 18.17 30.53 14.36
C SER B 807 17.38 31.41 13.38
N ARG B 808 16.26 31.94 13.86
CA ARG B 808 15.41 32.80 13.05
C ARG B 808 14.99 34.07 13.81
N ARG B 809 14.84 35.18 13.09
CA ARG B 809 14.40 36.43 13.71
C ARG B 809 13.65 37.25 12.67
N LYS B 810 12.63 37.97 13.11
CA LYS B 810 11.82 38.79 12.23
C LYS B 810 12.60 39.92 11.54
N PHE B 811 12.38 40.09 10.24
CA PHE B 811 13.06 41.16 9.47
C PHE B 811 12.02 41.75 8.52
N LYS B 812 11.58 42.97 8.82
CA LYS B 812 10.56 43.61 8.01
C LYS B 812 9.29 42.73 7.93
N ASN B 813 8.87 42.40 6.72
CA ASN B 813 7.67 41.58 6.56
C ASN B 813 8.01 40.10 6.31
N THR B 814 9.21 39.70 6.72
CA THR B 814 9.62 38.31 6.51
C THR B 814 10.59 37.85 7.61
N TYR B 815 11.51 36.96 7.26
CA TYR B 815 12.50 36.43 8.21
C TYR B 815 13.94 36.40 7.75
N GLU B 816 14.84 36.51 8.72
CA GLU B 816 16.26 36.43 8.44
C GLU B 816 16.70 35.19 9.19
N TYR B 817 17.75 34.54 8.70
CA TYR B 817 18.22 33.32 9.34
C TYR B 817 19.62 33.45 9.85
N GLU B 818 19.81 32.88 11.03
CA GLU B 818 21.10 32.88 11.69
C GLU B 818 21.85 31.70 11.09
N CYS B 819 22.84 31.98 10.23
CA CYS B 819 23.58 30.93 9.56
C CYS B 819 25.06 30.87 9.93
N SER B 820 25.61 29.65 9.95
CA SER B 820 27.03 29.42 10.21
C SER B 820 27.65 29.21 8.84
N PHE B 821 28.88 29.65 8.67
CA PHE B 821 29.50 29.51 7.35
C PHE B 821 30.73 28.60 7.21
N LEU B 822 31.15 28.44 5.96
CA LEU B 822 32.27 27.68 5.57
C LEU B 822 32.88 28.63 4.61
N LEU B 823 34.08 29.03 4.94
CA LEU B 823 34.88 29.94 4.10
C LEU B 823 35.76 29.17 3.17
N GLY B 824 35.78 29.59 1.89
CA GLY B 824 36.56 28.77 0.99
C GLY B 824 37.86 29.54 0.68
N GLU B 825 38.92 28.80 0.41
CA GLU B 825 40.21 29.34 0.06
C GLU B 825 40.63 28.62 -1.20
N ASN B 826 41.32 29.33 -2.07
CA ASN B 826 41.76 28.72 -3.33
C ASN B 826 40.57 28.17 -4.10
N ILE B 827 39.54 28.99 -4.22
CA ILE B 827 38.32 28.58 -4.88
C ILE B 827 38.48 28.68 -6.42
N GLY B 828 38.75 27.53 -7.02
CA GLY B 828 38.93 27.37 -8.46
C GLY B 828 40.17 26.50 -8.65
N MET B 829 41.11 26.60 -7.71
CA MET B 829 42.32 25.84 -7.76
C MET B 829 42.04 24.40 -7.31
N LYS B 830 43.02 23.53 -7.45
CA LYS B 830 42.87 22.11 -7.05
C LYS B 830 42.85 21.98 -5.54
N SER B 831 43.34 23.01 -4.86
CA SER B 831 43.38 23.00 -3.42
C SER B 831 42.10 23.60 -2.81
N GLU B 832 41.20 24.09 -3.66
CA GLU B 832 39.95 24.67 -3.16
C GLU B 832 39.43 23.83 -1.99
N ARG B 833 39.33 24.44 -0.83
CA ARG B 833 38.83 23.72 0.30
C ARG B 833 37.96 24.70 1.09
N TRP B 834 36.73 24.29 1.32
CA TRP B 834 35.73 25.07 2.09
C TRP B 834 35.93 24.74 3.57
N VAL B 835 36.66 25.62 4.22
CA VAL B 835 37.01 25.47 5.61
C VAL B 835 35.99 26.12 6.50
N PRO B 836 35.44 25.36 7.44
CA PRO B 836 34.43 25.83 8.39
C PRO B 836 34.93 27.01 9.20
N MET B 837 34.09 28.02 9.34
CA MET B 837 34.43 29.21 10.12
C MET B 837 33.85 29.19 11.54
N MET B 838 34.35 30.06 12.39
CA MET B 838 33.89 30.12 13.78
C MET B 838 32.60 30.90 13.94
N SER B 839 31.86 30.61 15.00
CA SER B 839 30.58 31.26 15.31
C SER B 839 30.59 32.78 15.14
N VAL B 840 31.72 33.38 15.49
CA VAL B 840 31.91 34.83 15.39
C VAL B 840 31.64 35.38 13.99
N ASP B 841 31.84 34.57 12.95
CA ASP B 841 31.60 35.01 11.59
C ASP B 841 30.19 34.73 11.06
N ASN B 842 29.34 34.16 11.91
CA ASN B 842 27.96 33.86 11.54
C ASN B 842 27.31 35.17 11.12
N ALA B 843 26.31 35.08 10.27
CA ALA B 843 25.63 36.28 9.78
C ALA B 843 24.16 35.97 9.53
N TRP B 844 23.36 37.03 9.47
CA TRP B 844 21.92 36.94 9.21
C TRP B 844 21.56 37.16 7.73
N ILE B 845 20.99 36.13 7.12
CA ILE B 845 20.61 36.22 5.72
C ILE B 845 19.09 36.16 5.58
N PRO B 846 18.50 37.05 4.76
CA PRO B 846 17.04 37.10 4.51
C PRO B 846 16.54 35.75 3.94
N ARG B 847 15.28 35.42 4.22
CA ARG B 847 14.72 34.16 3.75
C ARG B 847 14.70 34.01 2.23
N GLY B 848 14.49 35.10 1.53
CA GLY B 848 14.43 35.01 0.10
C GLY B 848 15.72 34.50 -0.51
N GLU B 849 16.83 34.78 0.13
CA GLU B 849 18.12 34.36 -0.39
C GLU B 849 18.56 32.94 0.00
N LEU B 850 17.76 32.24 0.80
CA LEU B 850 18.10 30.88 1.23
C LEU B 850 17.20 29.74 0.72
N VAL B 851 15.90 30.02 0.61
CA VAL B 851 14.90 29.05 0.19
C VAL B 851 15.14 28.23 -1.07
N GLU B 852 15.68 28.86 -2.11
CA GLU B 852 15.93 28.15 -3.35
C GLU B 852 17.07 27.15 -3.30
N SER B 853 18.00 27.35 -2.37
CA SER B 853 19.14 26.45 -2.26
C SER B 853 19.23 25.70 -0.94
N HIS B 854 18.61 26.26 0.10
CA HIS B 854 18.67 25.62 1.40
C HIS B 854 17.32 25.48 2.05
N SER B 855 16.33 25.06 1.28
CA SER B 855 14.98 24.93 1.81
C SER B 855 14.88 23.98 3.01
N LYS B 856 15.45 22.78 2.89
CA LYS B 856 15.41 21.81 4.00
C LYS B 856 15.93 22.36 5.33
N MET B 857 17.09 22.99 5.30
CA MET B 857 17.66 23.54 6.51
C MET B 857 16.79 24.62 7.08
N VAL B 858 16.24 25.45 6.20
CA VAL B 858 15.38 26.56 6.63
C VAL B 858 14.14 26.04 7.28
N ALA B 859 13.58 24.98 6.72
CA ALA B 859 12.38 24.38 7.28
C ALA B 859 12.68 23.85 8.67
N GLU B 860 13.88 23.32 8.87
CA GLU B 860 14.23 22.79 10.16
C GLU B 860 14.30 23.88 11.24
N VAL B 861 14.72 25.08 10.85
CA VAL B 861 14.82 26.17 11.81
C VAL B 861 13.41 26.69 12.11
N ASP B 862 12.62 26.83 11.05
CA ASP B 862 11.26 27.34 11.19
C ASP B 862 10.51 26.42 12.12
N MET B 863 10.85 25.14 12.04
CA MET B 863 10.21 24.14 12.87
C MET B 863 10.61 24.25 14.34
N LYS B 864 11.88 24.58 14.60
CA LYS B 864 12.36 24.71 15.96
C LYS B 864 11.75 25.94 16.59
N GLU B 865 11.70 27.03 15.83
CA GLU B 865 11.14 28.27 16.31
C GLU B 865 9.66 28.11 16.68
N ALA B 866 8.92 27.37 15.86
CA ALA B 866 7.50 27.11 16.13
C ALA B 866 7.34 26.32 17.44
N LEU B 867 8.19 25.33 17.63
CA LEU B 867 8.17 24.53 18.84
C LEU B 867 8.53 25.39 20.04
N ALA B 868 9.59 26.18 19.89
CA ALA B 868 10.08 27.04 20.97
C ALA B 868 9.12 28.12 21.36
N SER B 869 8.41 28.65 20.38
CA SER B 869 7.44 29.71 20.62
C SER B 869 6.11 29.07 20.98
N GLY B 870 6.10 27.75 21.08
CA GLY B 870 4.91 27.00 21.44
C GLY B 870 3.74 27.17 20.50
N GLN B 871 4.02 27.50 19.24
CA GLN B 871 3.01 27.71 18.21
C GLN B 871 2.78 26.51 17.29
N PHE B 872 3.74 25.60 17.27
CA PHE B 872 3.61 24.44 16.41
C PHE B 872 2.31 23.67 16.62
N ARG B 873 1.70 23.25 15.51
CA ARG B 873 0.46 22.49 15.55
C ARG B 873 0.76 21.14 14.91
N PRO B 874 0.99 20.10 15.73
CA PRO B 874 1.27 18.76 15.17
C PRO B 874 0.16 18.34 14.20
N LEU B 875 0.52 17.56 13.19
CA LEU B 875 -0.47 17.09 12.22
C LEU B 875 -1.05 15.74 12.62
N THR B 876 -1.68 15.67 13.78
CA THR B 876 -2.28 14.44 14.25
C THR B 876 -3.65 14.29 13.58
N ARG B 877 -4.08 13.06 13.35
CA ARG B 877 -5.38 12.85 12.73
C ARG B 877 -6.51 13.58 13.50
N LYS B 878 -6.52 13.45 14.82
CA LYS B 878 -7.56 14.08 15.62
C LYS B 878 -7.64 15.60 15.46
N GLU B 879 -6.50 16.29 15.41
CA GLU B 879 -6.51 17.76 15.27
C GLU B 879 -7.00 18.16 13.88
N ILE B 880 -6.52 17.46 12.86
CA ILE B 880 -6.91 17.74 11.50
C ILE B 880 -8.40 17.50 11.32
N GLU B 881 -8.91 16.43 11.91
CA GLU B 881 -10.32 16.15 11.81
C GLU B 881 -11.06 17.29 12.47
N GLU B 882 -10.78 17.49 13.76
CA GLU B 882 -11.42 18.53 14.55
C GLU B 882 -11.41 19.85 13.80
N HIS B 883 -10.30 20.18 13.14
CA HIS B 883 -10.20 21.43 12.39
C HIS B 883 -11.08 21.46 11.15
N CYS B 884 -11.05 20.40 10.36
CA CYS B 884 -11.86 20.35 9.17
C CYS B 884 -13.36 20.36 9.50
N SER B 885 -13.72 19.77 10.63
CA SER B 885 -15.13 19.74 10.99
C SER B 885 -15.61 21.18 11.17
N MET B 886 -14.77 22.05 11.68
CA MET B 886 -15.18 23.42 11.86
C MET B 886 -15.50 24.03 10.51
N LEU B 887 -14.76 23.58 9.50
CA LEU B 887 -14.98 24.10 8.17
C LEU B 887 -16.07 23.40 7.42
N GLY B 888 -16.83 22.59 8.14
CA GLY B 888 -17.95 21.90 7.54
C GLY B 888 -17.68 20.58 6.85
N LEU B 889 -16.63 19.88 7.26
CA LEU B 889 -16.31 18.58 6.66
C LEU B 889 -16.40 17.49 7.71
N ASP B 890 -16.99 16.34 7.35
CA ASP B 890 -17.11 15.23 8.28
C ASP B 890 -15.76 14.56 8.61
N PRO B 891 -15.52 14.28 9.89
CA PRO B 891 -14.26 13.66 10.32
C PRO B 891 -13.95 12.35 9.62
N GLU B 892 -14.94 11.46 9.51
CA GLU B 892 -14.70 10.18 8.86
C GLU B 892 -14.10 10.37 7.47
N ILE B 893 -14.80 11.15 6.65
CA ILE B 893 -14.37 11.48 5.30
C ILE B 893 -12.94 12.02 5.26
N VAL B 894 -12.64 12.96 6.16
CA VAL B 894 -11.33 13.61 6.23
C VAL B 894 -10.10 12.72 6.41
N SER B 895 -10.27 11.56 7.02
CA SER B 895 -9.09 10.74 7.22
C SER B 895 -9.13 9.48 6.39
N HIS B 896 -10.27 9.18 5.79
CA HIS B 896 -10.38 7.94 5.05
C HIS B 896 -10.85 8.00 3.60
N SER B 897 -11.58 9.04 3.24
CA SER B 897 -12.04 9.14 1.87
C SER B 897 -11.06 9.95 1.04
N ARG B 898 -10.96 9.62 -0.26
CA ARG B 898 -10.06 10.35 -1.15
C ARG B 898 -10.72 11.64 -1.58
N ILE B 899 -9.90 12.66 -1.86
CA ILE B 899 -10.43 13.97 -2.25
C ILE B 899 -11.18 13.92 -3.57
N ARG B 900 -10.81 12.97 -4.42
CA ARG B 900 -11.45 12.81 -5.71
C ARG B 900 -12.98 12.70 -5.55
N GLY B 901 -13.42 12.16 -4.42
CA GLY B 901 -14.84 11.99 -4.20
C GLY B 901 -15.59 13.20 -3.69
N LEU B 902 -14.89 14.30 -3.47
CA LEU B 902 -15.58 15.48 -2.98
C LEU B 902 -16.13 16.29 -4.13
N SER B 903 -17.11 17.14 -3.83
CA SER B 903 -17.74 18.00 -4.81
C SER B 903 -16.96 19.31 -4.86
N GLY B 904 -17.29 20.16 -5.82
CA GLY B 904 -16.60 21.44 -5.94
C GLY B 904 -16.75 22.26 -4.68
N GLY B 905 -17.95 22.18 -4.10
CA GLY B 905 -18.21 22.91 -2.87
C GLY B 905 -17.43 22.35 -1.69
N GLN B 906 -17.25 21.03 -1.67
CA GLN B 906 -16.50 20.41 -0.58
C GLN B 906 -15.00 20.69 -0.72
N LYS B 907 -14.51 20.84 -1.95
CA LYS B 907 -13.10 21.11 -2.13
C LYS B 907 -12.80 22.52 -1.63
N VAL B 908 -13.79 23.39 -1.73
CA VAL B 908 -13.65 24.75 -1.27
C VAL B 908 -13.50 24.76 0.24
N LYS B 909 -14.34 23.99 0.94
CA LYS B 909 -14.24 23.93 2.40
C LYS B 909 -12.85 23.45 2.75
N LEU B 910 -12.43 22.35 2.10
CA LEU B 910 -11.11 21.78 2.34
C LEU B 910 -9.99 22.78 2.13
N VAL B 911 -9.97 23.46 0.99
CA VAL B 911 -8.88 24.41 0.74
C VAL B 911 -8.83 25.49 1.82
N LEU B 912 -10.00 25.97 2.23
CA LEU B 912 -10.07 26.99 3.28
C LEU B 912 -9.55 26.40 4.58
N ALA B 913 -9.85 25.13 4.82
CA ALA B 913 -9.39 24.47 6.03
C ALA B 913 -7.89 24.44 5.99
N ALA B 914 -7.32 24.10 4.82
CA ALA B 914 -5.88 24.03 4.68
C ALA B 914 -5.22 25.38 4.95
N GLY B 915 -5.82 26.44 4.39
CA GLY B 915 -5.25 27.77 4.56
C GLY B 915 -5.29 28.38 5.95
N THR B 916 -6.23 27.94 6.77
CA THR B 916 -6.37 28.46 8.12
C THR B 916 -5.93 27.44 9.19
N TRP B 917 -5.22 26.40 8.74
CA TRP B 917 -4.73 25.33 9.63
C TRP B 917 -3.89 25.80 10.81
N GLN B 918 -3.07 26.82 10.58
CA GLN B 918 -2.24 27.35 11.65
C GLN B 918 -2.94 28.44 12.46
N ARG B 919 -4.26 28.53 12.33
CA ARG B 919 -5.03 29.52 13.08
C ARG B 919 -4.43 30.94 12.96
N PRO B 920 -4.44 31.50 11.74
CA PRO B 920 -3.90 32.85 11.56
C PRO B 920 -4.65 33.88 12.36
N HIS B 921 -4.04 35.07 12.50
CA HIS B 921 -4.62 36.20 13.24
C HIS B 921 -5.19 37.19 12.23
N LEU B 922 -4.83 37.00 10.96
CA LEU B 922 -5.32 37.84 9.87
C LEU B 922 -5.56 36.98 8.65
N ILE B 923 -6.69 37.16 8.00
CA ILE B 923 -6.99 36.40 6.80
C ILE B 923 -7.09 37.41 5.65
N VAL B 924 -6.24 37.23 4.65
CA VAL B 924 -6.21 38.10 3.48
C VAL B 924 -6.75 37.28 2.34
N LEU B 925 -7.89 37.71 1.79
CA LEU B 925 -8.55 37.02 0.68
C LEU B 925 -8.39 37.79 -0.62
N ASP B 926 -7.82 37.14 -1.62
CA ASP B 926 -7.61 37.79 -2.91
C ASP B 926 -8.79 37.56 -3.86
N GLU B 927 -9.59 38.60 -4.07
CA GLU B 927 -10.73 38.55 -4.97
C GLU B 927 -11.59 37.30 -4.85
N PRO B 928 -12.09 36.99 -3.65
CA PRO B 928 -12.92 35.80 -3.44
C PRO B 928 -14.13 35.63 -4.36
N THR B 929 -14.73 36.73 -4.81
CA THR B 929 -15.90 36.64 -5.66
C THR B 929 -15.60 36.23 -7.10
N ASN B 930 -14.33 36.27 -7.50
CA ASN B 930 -13.91 35.92 -8.85
C ASN B 930 -14.08 34.42 -9.15
N TYR B 931 -14.06 33.58 -8.11
CA TYR B 931 -14.15 32.12 -8.29
C TYR B 931 -15.09 31.37 -7.33
N LEU B 932 -16.02 32.10 -6.73
CA LEU B 932 -16.96 31.44 -5.83
C LEU B 932 -18.40 31.78 -6.22
N ASP B 933 -19.25 30.76 -6.29
CA ASP B 933 -20.64 31.00 -6.64
C ASP B 933 -21.43 31.56 -5.46
N ARG B 934 -22.62 32.02 -5.77
CA ARG B 934 -23.50 32.62 -4.77
C ARG B 934 -23.56 31.84 -3.48
N ASP B 935 -23.75 30.52 -3.54
CA ASP B 935 -23.83 29.73 -2.32
C ASP B 935 -22.55 29.85 -1.51
N SER B 936 -21.40 29.68 -2.18
CA SER B 936 -20.12 29.76 -1.51
C SER B 936 -19.88 31.13 -0.89
N LEU B 937 -20.22 32.19 -1.61
CA LEU B 937 -20.02 33.53 -1.07
C LEU B 937 -20.88 33.75 0.14
N GLY B 938 -22.09 33.21 0.10
CA GLY B 938 -22.96 33.36 1.23
C GLY B 938 -22.27 32.82 2.47
N ALA B 939 -21.92 31.54 2.44
CA ALA B 939 -21.28 30.88 3.56
C ALA B 939 -20.01 31.59 3.97
N LEU B 940 -19.19 32.01 3.01
CA LEU B 940 -17.94 32.69 3.36
C LEU B 940 -18.17 34.03 4.08
N SER B 941 -19.18 34.77 3.64
CA SER B 941 -19.45 36.06 4.24
C SER B 941 -19.81 35.90 5.71
N LYS B 942 -20.67 34.93 6.02
CA LYS B 942 -21.05 34.71 7.40
C LYS B 942 -19.83 34.32 8.23
N ALA B 943 -19.00 33.45 7.67
CA ALA B 943 -17.78 33.00 8.35
C ALA B 943 -16.85 34.15 8.65
N LEU B 944 -16.66 35.04 7.67
CA LEU B 944 -15.79 36.20 7.85
C LEU B 944 -16.37 37.17 8.88
N LYS B 945 -17.69 37.35 8.88
CA LYS B 945 -18.33 38.26 9.83
C LYS B 945 -18.09 37.79 11.27
N GLU B 946 -18.04 36.49 11.48
CA GLU B 946 -17.84 35.94 12.82
C GLU B 946 -16.39 35.70 13.24
N PHE B 947 -15.48 35.76 12.29
CA PHE B 947 -14.06 35.51 12.53
C PHE B 947 -13.52 36.38 13.65
N GLU B 948 -12.87 35.75 14.64
CA GLU B 948 -12.32 36.49 15.79
C GLU B 948 -10.95 37.09 15.51
N GLY B 949 -10.55 37.10 14.25
CA GLY B 949 -9.29 37.70 13.88
C GLY B 949 -9.59 38.78 12.84
N GLY B 950 -8.55 39.42 12.32
CA GLY B 950 -8.75 40.48 11.33
C GLY B 950 -8.94 39.96 9.91
N VAL B 951 -9.70 40.72 9.11
CA VAL B 951 -9.97 40.33 7.71
C VAL B 951 -9.64 41.43 6.70
N ILE B 952 -8.89 41.09 5.66
CA ILE B 952 -8.55 42.05 4.63
C ILE B 952 -9.05 41.45 3.33
N ILE B 953 -10.01 42.09 2.68
CA ILE B 953 -10.61 41.60 1.42
C ILE B 953 -10.21 42.42 0.21
N ILE B 954 -9.46 41.83 -0.70
CA ILE B 954 -9.08 42.54 -1.91
C ILE B 954 -10.20 42.21 -2.89
N THR B 955 -11.04 43.18 -3.21
CA THR B 955 -12.16 42.92 -4.11
C THR B 955 -12.59 44.11 -4.96
N HIS B 956 -13.50 43.87 -5.89
CA HIS B 956 -14.03 44.92 -6.75
C HIS B 956 -15.52 45.05 -6.39
N SER B 957 -16.05 44.01 -5.77
CA SER B 957 -17.46 44.00 -5.42
C SER B 957 -17.85 44.77 -4.17
N ALA B 958 -18.46 45.94 -4.34
CA ALA B 958 -18.88 46.71 -3.17
C ALA B 958 -20.00 45.94 -2.51
N GLU B 959 -20.74 45.22 -3.33
CA GLU B 959 -21.85 44.43 -2.83
C GLU B 959 -21.38 43.43 -1.76
N PHE B 960 -20.33 42.65 -2.05
CA PHE B 960 -19.82 41.64 -1.10
C PHE B 960 -19.30 42.22 0.21
N THR B 961 -18.73 43.42 0.15
CA THR B 961 -18.19 44.07 1.35
C THR B 961 -19.19 44.83 2.19
N LYS B 962 -20.35 45.17 1.62
CA LYS B 962 -21.35 45.90 2.39
C LYS B 962 -21.75 45.10 3.62
N ASN B 963 -21.52 45.70 4.78
CA ASN B 963 -21.84 45.08 6.06
C ASN B 963 -20.84 44.02 6.47
N LEU B 964 -19.65 44.09 5.88
CA LEU B 964 -18.55 43.19 6.18
C LEU B 964 -17.35 44.03 6.59
N THR B 965 -16.94 44.93 5.71
CA THR B 965 -15.79 45.80 5.93
C THR B 965 -16.23 47.23 6.18
N GLU B 966 -15.37 47.98 6.86
CA GLU B 966 -15.65 49.38 7.13
C GLU B 966 -14.39 50.22 6.91
N GLU B 967 -13.25 49.56 6.83
CA GLU B 967 -12.00 50.26 6.57
C GLU B 967 -11.77 50.13 5.08
N VAL B 968 -11.27 51.17 4.45
CA VAL B 968 -11.03 51.12 3.01
C VAL B 968 -9.59 51.48 2.65
N TRP B 969 -9.03 50.77 1.67
CA TRP B 969 -7.67 51.03 1.21
C TRP B 969 -7.80 51.25 -0.29
N ALA B 970 -7.56 52.45 -0.78
CA ALA B 970 -7.63 52.74 -2.20
C ALA B 970 -6.37 53.39 -2.70
N VAL B 971 -5.62 52.71 -3.56
CA VAL B 971 -4.37 53.26 -4.05
C VAL B 971 -4.62 54.33 -5.12
N LYS B 972 -3.88 55.42 -5.05
CA LYS B 972 -4.03 56.47 -6.05
C LYS B 972 -2.66 57.05 -6.28
N ASP B 973 -2.15 56.92 -7.50
CA ASP B 973 -0.84 57.44 -7.87
C ASP B 973 0.28 56.94 -6.98
N GLY B 974 0.27 55.66 -6.67
CA GLY B 974 1.32 55.12 -5.84
C GLY B 974 1.19 55.46 -4.37
N ARG B 975 0.07 56.07 -3.98
CA ARG B 975 -0.14 56.43 -2.58
C ARG B 975 -1.44 55.88 -2.06
N MET B 976 -1.50 55.67 -0.75
CA MET B 976 -2.70 55.16 -0.13
C MET B 976 -2.82 55.49 1.36
N THR B 977 -3.95 56.06 1.72
CA THR B 977 -4.19 56.43 3.10
C THR B 977 -5.48 55.75 3.50
N PRO B 978 -5.43 54.93 4.56
CA PRO B 978 -6.67 54.27 4.97
C PRO B 978 -7.82 55.26 5.26
N SER B 979 -9.01 54.94 4.74
CA SER B 979 -10.21 55.75 4.92
C SER B 979 -11.22 54.84 5.61
N GLY B 980 -12.26 55.41 6.24
CA GLY B 980 -13.26 54.57 6.87
C GLY B 980 -13.27 54.58 8.35
N HIS B 981 -13.68 53.44 8.91
CA HIS B 981 -13.70 53.29 10.38
C HIS B 981 -13.64 51.88 11.00
N ASN B 982 -13.79 51.81 12.36
CA ASN B 982 -13.78 50.50 13.00
C ASN B 982 -14.76 50.63 14.22
N TRP B 983 -14.41 51.38 15.20
PG ANP C . 11.15 -48.16 18.02
O1G ANP C . 9.86 -49.06 17.61
O2G ANP C . 12.03 -47.92 16.70
O3G ANP C . 11.93 -48.80 19.10
PB ANP C . 11.46 -45.69 19.21
O1B ANP C . 12.92 -46.37 19.32
O2B ANP C . 10.89 -45.38 20.54
N3B ANP C . 10.49 -46.74 18.45
PA ANP C . 12.72 -44.23 17.17
O1A ANP C . 12.43 -45.42 16.12
O2A ANP C . 14.09 -44.30 17.72
O3A ANP C . 11.58 -44.36 18.29
O5' ANP C . 12.39 -42.85 16.41
C5' ANP C . 11.13 -42.69 15.73
C4' ANP C . 11.14 -41.38 14.94
O4' ANP C . 11.69 -41.62 13.62
C3' ANP C . 9.68 -41.01 14.70
O3' ANP C . 9.59 -39.58 14.61
C2' ANP C . 9.36 -41.66 13.36
O2' ANP C . 8.30 -40.92 12.76
C1' ANP C . 10.67 -41.31 12.66
N9 ANP C . 10.80 -42.14 11.44
C8 ANP C . 10.68 -43.47 11.40
N7 ANP C . 10.90 -43.90 10.15
C5 ANP C . 11.14 -42.84 9.39
C6 ANP C . 11.41 -42.67 8.03
N6 ANP C . 11.48 -43.70 7.20
N1 ANP C . 11.64 -41.42 7.57
C2 ANP C . 11.58 -40.38 8.38
N3 ANP C . 11.31 -40.52 9.66
C4 ANP C . 11.08 -41.72 10.21
S SO4 D . -12.01 9.20 27.33
O1 SO4 D . -10.78 9.37 26.47
O2 SO4 D . -13.03 8.39 26.59
O3 SO4 D . -11.69 8.67 28.70
O4 SO4 D . -12.60 10.56 27.53
S SO4 E . 33.01 1.44 25.84
O1 SO4 E . 31.83 2.35 25.60
O2 SO4 E . 34.14 1.85 24.94
O3 SO4 E . 33.40 1.35 27.28
O4 SO4 E . 32.59 0.07 25.41
S SO4 F . 1.05 7.22 12.95
O1 SO4 F . 0.93 7.09 11.46
O2 SO4 F . -0.25 6.88 13.59
O3 SO4 F . 2.20 6.43 13.51
O4 SO4 F . 1.34 8.66 13.24
S SO4 G . 13.97 -1.57 35.74
O1 SO4 G . 15.20 -1.07 36.44
O2 SO4 G . 13.56 -2.88 36.35
O3 SO4 G . 12.87 -0.55 35.71
O4 SO4 G . 14.36 -1.85 34.32
S SO4 H . -29.46 -32.06 21.93
O1 SO4 H . -28.49 -33.18 21.69
O2 SO4 H . -28.76 -30.95 22.68
O3 SO4 H . -30.12 -31.59 20.68
O4 SO4 H . -30.55 -32.58 22.81
PG ANP I . -16.80 47.25 -10.91
O1G ANP I . -15.92 48.45 -10.30
O2G ANP I . -16.01 46.75 -12.23
O3G ANP I . -18.19 47.64 -11.20
PB ANP I . -17.73 44.84 -9.92
O1B ANP I . -18.84 45.25 -11.01
O2B ANP I . -18.35 44.56 -8.60
N3B ANP I . -16.71 46.10 -9.77
PA ANP I . -16.42 43.52 -12.03
O1A ANP I . -15.38 44.73 -12.29
O2A ANP I . -17.55 43.58 -12.97
O3A ANP I . -16.89 43.59 -10.49
O5' ANP I . -15.51 42.20 -12.13
C5' ANP I . -14.33 42.10 -11.33
C4' ANP I . -13.74 40.70 -11.45
O4' ANP I . -12.85 40.68 -12.59
C3' ANP I . -12.85 40.47 -10.24
O3' ANP I . -12.86 39.08 -9.92
C2' ANP I . -11.48 40.93 -10.72
O2' ANP I . -10.48 40.28 -9.95
C1' ANP I . -11.54 40.33 -12.13
N9 ANP I . -10.52 40.91 -13.02
C8 ANP I . -10.34 42.22 -13.21
N7 ANP I . -9.32 42.41 -14.06
C5 ANP I . -8.86 41.22 -14.40
C6 ANP I . -7.84 40.79 -15.26
N6 ANP I . -7.09 41.67 -15.91
N1 ANP I . -7.64 39.48 -15.41
C2 ANP I . -8.37 38.59 -14.77
N3 ANP I . -9.34 38.97 -13.95
C4 ANP I . -9.61 40.26 -13.75
S SO4 J . -5.87 -25.09 -36.52
O1 SO4 J . -5.91 -26.52 -36.93
O2 SO4 J . -5.65 -24.23 -37.73
O3 SO4 J . -4.75 -24.87 -35.55
O4 SO4 J . -7.17 -24.72 -35.88
S SO4 K . -18.58 -2.30 24.98
O1 SO4 K . -18.15 -2.10 23.56
O2 SO4 K . -17.97 -1.24 25.84
O3 SO4 K . -18.14 -3.65 25.46
O4 SO4 K . -20.07 -2.20 25.05
S SO4 L . -35.18 7.10 2.48
O1 SO4 L . -34.27 6.93 1.30
O2 SO4 L . -35.10 5.89 3.36
O3 SO4 L . -34.92 8.38 3.23
O4 SO4 L . -36.57 7.18 1.95
S SO4 M . -27.26 8.18 -24.30
O1 SO4 M . -27.89 9.47 -24.75
O2 SO4 M . -26.79 8.32 -22.88
O3 SO4 M . -26.08 7.87 -25.18
O4 SO4 M . -28.26 7.07 -24.38
S SO4 N . -0.71 38.39 28.22
O1 SO4 N . -0.77 39.11 26.90
O2 SO4 N . -1.55 37.14 28.14
O3 SO4 N . 0.69 38.11 28.69
O4 SO4 N . -1.35 39.28 29.23
S SO4 O . -7.85 39.22 23.16
O1 SO4 O . -8.85 40.33 23.36
O2 SO4 O . -6.47 39.79 23.14
O3 SO4 O . -8.02 38.10 24.15
O4 SO4 O . -8.12 38.64 21.80
S SO4 P . -11.11 3.98 -0.79
O1 SO4 P . -9.71 3.46 -0.93
O2 SO4 P . -11.76 4.00 -2.15
O3 SO4 P . -11.90 3.25 0.25
O4 SO4 P . -11.01 5.41 -0.34
#